data_7DRV
#
_entry.id   7DRV
#
_cell.length_a   81.276
_cell.length_b   122.875
_cell.length_c   110.742
_cell.angle_alpha   90.000
_cell.angle_beta   95.067
_cell.angle_gamma   90.000
#
_symmetry.space_group_name_H-M   'P 1 21 1'
#
loop_
_entity.id
_entity.type
_entity.pdbx_description
1 polymer 'Angiotensin-converting enzyme 2'
2 polymer 'Spike glycoprotein'
3 branched 2-acetamido-2-deoxy-beta-D-glucopyranose-(1-4)-2-acetamido-2-deoxy-beta-D-glucopyranose
4 non-polymer 2-acetamido-2-deoxy-beta-D-glucopyranose
5 non-polymer 'ZINC ION'
#
loop_
_entity_poly.entity_id
_entity_poly.type
_entity_poly.pdbx_seq_one_letter_code
_entity_poly.pdbx_strand_id
1 'polypeptide(L)'
;STIEEQAKTFLDKFNHEAEDLFYQSSLASWNYNTNITEENVQNMNNAGDKWSAFLKEQSTLAQMYPLQEIQNLTVKLQLQ
ALQQNGSSVLSEDKSKRLNTILNTMSTIYSTGKVCNPDNPQECLLLEPGLNEIMANSLDYNERLWAWESWRSEVGKQLRP
LYEEYVVLKNEMARANHYEDYGDYWRGDYEVNGVDGYDYSRGQLIEDVEHTFEEIKPLYEHLHAYVRAKLMNAYPSYISP
IGCLPAHLLGDMWGRFWTNLYSLTVPFGQKPNIDVTDAMVDQAWDAQRIFKEAEKFFVSVGLPNMTQGFWENSMLTDPGN
VQKAVCHPTAWDLGKGDFRILMCTKVTMDDFLTAHHEMGHIQYDMAYAAQPFLLRNGANEGFHEAVGEIMSLSAATPKHL
KSIGLLSPDFQEDNETEINFLLKQALTIVGTLPFTYMLEKWRWMVFKGEIPKDQWMKKWWEMKREIVGVVEPVPHDETYC
DPASLFHVSNDYSFIRYYTRTLYQFQFQEALCQAAKHEGPLHKCDISNSTEAGQKLFNMLRLGKSEPWTLALENVVGAKN
MNVRPLLNYFEPLFTWLKDQNKNSFVGWSTDWSPYA
;
A,B
2 'polypeptide(L)'
;RVQPTDSIVRFPNITNLCPFGEVFNATTFASVYAWNRKRISNCVADYSVLYNSTSFSTFKCYGVSPTKLNDLCFTNVYAD
SFVITGDEVRQIAPGQTGKIADYNYKLPDDFTGCVIAWNSKHIDAKEGGNFNYLYRLFRKANLKPFERDISTEIYQAGSK
PCNGQTGLNCYYPLYRYGFYPTDGVGHQPYRVVVLSFELLNAPATVCGPKKSTNLVKNKCVNF
;
C,D
#
loop_
_chem_comp.id
_chem_comp.type
_chem_comp.name
_chem_comp.formula
NAG D-saccharide, beta linking 2-acetamido-2-deoxy-beta-D-glucopyranose 'C8 H15 N O6'
ZN non-polymer 'ZINC ION' 'Zn 2'
#
# COMPACT_ATOMS: atom_id res chain seq x y z
N SER A 1 19.58 -44.16 23.87
CA SER A 1 18.64 -45.02 24.58
C SER A 1 17.60 -44.19 25.34
N THR A 2 17.25 -43.04 24.78
CA THR A 2 16.26 -42.17 25.41
C THR A 2 14.85 -42.64 25.08
N ILE A 3 13.89 -42.12 25.85
CA ILE A 3 12.48 -42.30 25.49
C ILE A 3 12.20 -41.63 24.16
N GLU A 4 12.93 -40.55 23.85
CA GLU A 4 12.74 -39.85 22.58
C GLU A 4 13.25 -40.69 21.41
N GLU A 5 14.45 -41.25 21.53
CA GLU A 5 14.98 -42.08 20.46
C GLU A 5 14.23 -43.40 20.34
N GLN A 6 13.75 -43.94 21.45
CA GLN A 6 12.91 -45.13 21.39
C GLN A 6 11.57 -44.82 20.73
N ALA A 7 11.08 -43.59 20.86
CA ALA A 7 9.85 -43.19 20.19
C ALA A 7 10.08 -42.95 18.71
N LYS A 8 11.24 -42.38 18.35
CA LYS A 8 11.57 -42.19 16.95
C LYS A 8 11.62 -43.53 16.21
N THR A 9 12.15 -44.57 16.87
CA THR A 9 12.14 -45.90 16.27
C THR A 9 10.74 -46.49 16.27
N PHE A 10 9.96 -46.24 17.32
CA PHE A 10 8.57 -46.68 17.35
C PHE A 10 7.75 -46.00 16.27
N LEU A 11 7.98 -44.69 16.07
CA LEU A 11 7.28 -43.99 14.99
C LEU A 11 7.75 -44.45 13.62
N ASP A 12 8.99 -44.91 13.51
CA ASP A 12 9.48 -45.43 12.23
C ASP A 12 8.74 -46.70 11.85
N LYS A 13 8.55 -47.62 12.80
CA LYS A 13 7.77 -48.82 12.52
C LYS A 13 6.32 -48.47 12.23
N PHE A 14 5.78 -47.45 12.90
CA PHE A 14 4.40 -47.06 12.66
C PHE A 14 4.23 -46.47 11.26
N ASN A 15 5.09 -45.52 10.89
CA ASN A 15 4.95 -44.84 9.61
C ASN A 15 5.08 -45.81 8.44
N HIS A 16 5.79 -46.93 8.63
CA HIS A 16 5.98 -47.90 7.56
C HIS A 16 4.93 -48.99 7.54
N GLU A 17 4.39 -49.36 8.70
CA GLU A 17 3.31 -50.34 8.74
C GLU A 17 1.95 -49.70 8.46
N ALA A 18 1.77 -48.44 8.83
CA ALA A 18 0.50 -47.75 8.58
C ALA A 18 0.33 -47.37 7.12
N GLU A 19 1.41 -47.20 6.37
CA GLU A 19 1.30 -46.75 4.98
C GLU A 19 0.52 -47.75 4.14
N ASP A 20 0.84 -49.04 4.27
CA ASP A 20 0.14 -50.05 3.48
C ASP A 20 -1.25 -50.34 4.02
N LEU A 21 -1.41 -50.31 5.35
CA LEU A 21 -2.72 -50.58 5.93
C LEU A 21 -3.69 -49.43 5.66
N PHE A 22 -3.19 -48.19 5.67
CA PHE A 22 -4.04 -47.07 5.28
C PHE A 22 -4.30 -47.05 3.78
N TYR A 23 -3.33 -47.52 2.99
CA TYR A 23 -3.55 -47.59 1.54
C TYR A 23 -4.63 -48.61 1.21
N GLN A 24 -4.56 -49.80 1.83
CA GLN A 24 -5.62 -50.78 1.65
C GLN A 24 -6.96 -50.30 2.18
N SER A 25 -6.95 -49.35 3.12
CA SER A 25 -8.20 -48.82 3.65
C SER A 25 -8.92 -47.98 2.61
N SER A 26 -8.22 -47.01 2.02
CA SER A 26 -8.87 -46.10 1.07
C SER A 26 -8.93 -46.68 -0.33
N LEU A 27 -7.97 -47.53 -0.72
CA LEU A 27 -8.05 -48.17 -2.03
C LEU A 27 -9.27 -49.08 -2.13
N ALA A 28 -9.68 -49.67 -1.01
CA ALA A 28 -10.94 -50.39 -0.98
C ALA A 28 -12.13 -49.46 -0.79
N SER A 29 -11.92 -48.34 -0.09
CA SER A 29 -12.97 -47.34 0.05
C SER A 29 -13.22 -46.59 -1.26
N TRP A 30 -12.24 -46.56 -2.16
CA TRP A 30 -12.45 -45.92 -3.45
C TRP A 30 -13.34 -46.77 -4.35
N ASN A 31 -13.13 -48.09 -4.36
CA ASN A 31 -13.92 -48.97 -5.22
C ASN A 31 -15.36 -49.10 -4.76
N TYR A 32 -15.70 -48.63 -3.56
CA TYR A 32 -17.10 -48.55 -3.18
C TYR A 32 -17.74 -47.25 -3.64
N ASN A 33 -17.12 -46.11 -3.33
CA ASN A 33 -17.68 -44.81 -3.66
C ASN A 33 -17.76 -44.57 -5.16
N THR A 34 -17.24 -45.51 -5.96
CA THR A 34 -17.34 -45.44 -7.41
C THR A 34 -18.08 -46.62 -8.02
N ASN A 35 -18.11 -47.77 -7.36
CA ASN A 35 -18.72 -49.00 -7.85
C ASN A 35 -19.58 -49.61 -6.76
N ILE A 36 -20.51 -48.81 -6.21
CA ILE A 36 -21.29 -49.14 -5.03
C ILE A 36 -21.88 -50.54 -5.13
N THR A 37 -21.54 -51.39 -4.16
CA THR A 37 -22.03 -52.75 -4.10
C THR A 37 -21.88 -53.23 -2.66
N GLU A 38 -22.84 -54.03 -2.19
CA GLU A 38 -22.74 -54.61 -0.85
C GLU A 38 -21.47 -55.46 -0.72
N GLU A 39 -21.01 -56.05 -1.83
CA GLU A 39 -19.73 -56.74 -1.81
C GLU A 39 -18.59 -55.76 -1.58
N ASN A 40 -18.58 -54.65 -2.31
CA ASN A 40 -17.58 -53.62 -2.10
C ASN A 40 -17.81 -52.85 -0.80
N VAL A 41 -19.01 -52.93 -0.24
CA VAL A 41 -19.27 -52.33 1.06
C VAL A 41 -18.49 -53.07 2.15
N GLN A 42 -18.60 -54.40 2.15
CA GLN A 42 -17.88 -55.20 3.13
C GLN A 42 -16.38 -55.15 2.89
N ASN A 43 -15.95 -55.07 1.63
CA ASN A 43 -14.54 -54.87 1.34
C ASN A 43 -14.05 -53.53 1.89
N MET A 44 -14.91 -52.50 1.82
CA MET A 44 -14.58 -51.23 2.43
C MET A 44 -14.63 -51.30 3.94
N ASN A 45 -15.52 -52.12 4.49
CA ASN A 45 -15.63 -52.25 5.94
C ASN A 45 -14.51 -53.12 6.52
N ASN A 46 -14.18 -54.23 5.85
CA ASN A 46 -13.11 -55.10 6.34
C ASN A 46 -11.77 -54.38 6.30
N ALA A 47 -11.46 -53.71 5.19
CA ALA A 47 -10.21 -52.96 5.09
C ALA A 47 -10.19 -51.77 6.04
N GLY A 48 -11.35 -51.14 6.25
CA GLY A 48 -11.42 -50.03 7.19
C GLY A 48 -11.38 -50.46 8.64
N ASP A 49 -11.87 -51.66 8.94
CA ASP A 49 -11.84 -52.14 10.32
C ASP A 49 -10.43 -52.54 10.73
N LYS A 50 -9.72 -53.25 9.85
CA LYS A 50 -8.34 -53.63 10.16
C LYS A 50 -7.44 -52.41 10.30
N TRP A 51 -7.70 -51.36 9.52
CA TRP A 51 -6.93 -50.14 9.67
C TRP A 51 -7.22 -49.46 11.01
N SER A 52 -8.49 -49.37 11.38
CA SER A 52 -8.84 -48.77 12.67
C SER A 52 -8.41 -49.65 13.83
N ALA A 53 -8.46 -50.97 13.65
CA ALA A 53 -7.94 -51.87 14.67
C ALA A 53 -6.42 -51.73 14.79
N PHE A 54 -5.74 -51.39 13.70
CA PHE A 54 -4.31 -51.13 13.77
C PHE A 54 -4.02 -49.84 14.51
N LEU A 55 -4.85 -48.81 14.30
CA LEU A 55 -4.67 -47.56 15.03
C LEU A 55 -4.88 -47.75 16.52
N LYS A 56 -5.77 -48.66 16.91
CA LYS A 56 -5.93 -48.97 18.34
C LYS A 56 -4.75 -49.77 18.86
N GLU A 57 -4.22 -50.68 18.04
CA GLU A 57 -3.05 -51.44 18.44
C GLU A 57 -1.89 -50.51 18.79
N GLN A 58 -1.55 -49.60 17.88
CA GLN A 58 -0.37 -48.77 18.07
C GLN A 58 -0.59 -47.71 19.15
N SER A 59 -1.84 -47.30 19.37
CA SER A 59 -2.11 -46.24 20.34
C SER A 59 -1.82 -46.69 21.76
N THR A 60 -2.31 -47.88 22.13
CA THR A 60 -2.02 -48.41 23.46
C THR A 60 -0.52 -48.64 23.66
N LEU A 61 0.18 -49.04 22.61
CA LEU A 61 1.64 -49.13 22.69
C LEU A 61 2.28 -47.74 22.70
N ALA A 62 1.67 -46.78 22.01
CA ALA A 62 2.16 -45.40 22.06
C ALA A 62 1.92 -44.77 23.42
N GLN A 63 0.95 -45.26 24.19
CA GLN A 63 0.72 -44.75 25.53
C GLN A 63 1.90 -45.02 26.45
N MET A 64 2.71 -46.05 26.15
CA MET A 64 3.86 -46.41 26.97
C MET A 64 5.09 -45.57 26.64
N TYR A 65 4.92 -44.47 25.91
CA TYR A 65 5.98 -43.51 25.65
C TYR A 65 5.52 -42.16 26.19
N PRO A 66 5.70 -41.93 27.50
CA PRO A 66 5.18 -40.69 28.10
C PRO A 66 5.85 -39.45 27.51
N LEU A 67 5.01 -38.48 27.14
CA LEU A 67 5.52 -37.24 26.55
C LEU A 67 6.19 -36.33 27.57
N GLN A 68 6.12 -36.66 28.85
CA GLN A 68 6.75 -35.82 29.87
C GLN A 68 8.27 -35.83 29.74
N GLU A 69 8.85 -36.93 29.27
CA GLU A 69 10.29 -37.02 29.10
C GLU A 69 10.75 -36.66 27.70
N ILE A 70 9.82 -36.41 26.78
CA ILE A 70 10.13 -36.11 25.39
C ILE A 70 10.12 -34.60 25.19
N GLN A 71 11.03 -34.10 24.37
CA GLN A 71 11.15 -32.66 24.13
C GLN A 71 11.12 -32.26 22.66
N ASN A 72 11.35 -33.17 21.72
CA ASN A 72 11.19 -32.85 20.31
C ASN A 72 9.70 -32.67 20.01
N LEU A 73 9.35 -31.55 19.39
CA LEU A 73 7.95 -31.20 19.22
C LEU A 73 7.28 -32.04 18.14
N THR A 74 7.96 -32.29 17.02
CA THR A 74 7.36 -33.12 15.98
C THR A 74 7.18 -34.56 16.46
N VAL A 75 8.07 -35.05 17.32
CA VAL A 75 7.87 -36.34 17.95
C VAL A 75 6.71 -36.26 18.94
N LYS A 76 6.56 -35.12 19.61
CA LYS A 76 5.42 -34.93 20.51
C LYS A 76 4.11 -34.95 19.75
N LEU A 77 4.06 -34.28 18.60
CA LEU A 77 2.80 -34.16 17.87
C LEU A 77 2.34 -35.51 17.33
N GLN A 78 3.26 -36.28 16.73
CA GLN A 78 2.88 -37.58 16.18
C GLN A 78 2.40 -38.52 17.28
N LEU A 79 3.01 -38.45 18.46
CA LEU A 79 2.57 -39.29 19.55
C LEU A 79 1.23 -38.81 20.12
N GLN A 80 1.04 -37.50 20.22
CA GLN A 80 -0.22 -36.97 20.71
C GLN A 80 -1.39 -37.44 19.86
N ALA A 81 -1.31 -37.27 18.54
CA ALA A 81 -2.36 -37.74 17.66
C ALA A 81 -2.50 -39.25 17.71
N LEU A 82 -1.41 -39.96 18.04
CA LEU A 82 -1.47 -41.41 18.15
C LEU A 82 -1.94 -41.84 19.53
N GLN A 83 -1.44 -41.19 20.59
CA GLN A 83 -1.86 -41.51 21.95
C GLN A 83 -3.32 -41.17 22.22
N GLN A 84 -4.01 -40.54 21.28
CA GLN A 84 -5.40 -40.17 21.47
C GLN A 84 -6.24 -41.41 21.75
N ASN A 85 -6.81 -41.46 22.96
CA ASN A 85 -7.68 -42.57 23.32
C ASN A 85 -8.99 -42.51 22.52
N GLY A 86 -9.71 -41.41 22.64
CA GLY A 86 -10.94 -41.24 21.87
C GLY A 86 -12.05 -42.12 22.39
N SER A 87 -12.75 -42.78 21.48
CA SER A 87 -13.94 -43.59 21.77
C SER A 87 -13.63 -44.87 22.53
N SER A 88 -12.39 -45.08 22.97
CA SER A 88 -12.00 -46.34 23.59
C SER A 88 -11.91 -46.28 25.11
N VAL A 89 -11.76 -45.09 25.70
CA VAL A 89 -11.80 -44.98 27.15
C VAL A 89 -13.20 -45.24 27.70
N LEU A 90 -14.21 -45.21 26.85
CA LEU A 90 -15.56 -45.57 27.25
C LEU A 90 -15.64 -47.07 27.56
N SER A 91 -16.79 -47.49 28.07
CA SER A 91 -17.01 -48.91 28.28
C SER A 91 -17.16 -49.62 26.93
N GLU A 92 -17.15 -50.95 26.97
CA GLU A 92 -17.30 -51.71 25.74
C GLU A 92 -18.76 -51.89 25.31
N ASP A 93 -19.71 -51.50 26.16
CA ASP A 93 -21.13 -51.60 25.82
C ASP A 93 -21.75 -50.27 25.43
N LYS A 94 -21.43 -49.19 26.15
CA LYS A 94 -21.92 -47.88 25.75
C LYS A 94 -21.10 -47.27 24.62
N SER A 95 -19.99 -47.88 24.25
CA SER A 95 -19.34 -47.52 22.99
C SER A 95 -20.11 -48.06 21.80
N LYS A 96 -20.75 -49.23 21.97
CA LYS A 96 -21.57 -49.78 20.90
C LYS A 96 -22.87 -48.99 20.74
N ARG A 97 -23.50 -48.62 21.86
CA ARG A 97 -24.74 -47.84 21.78
C ARG A 97 -24.47 -46.43 21.27
N LEU A 98 -23.31 -45.85 21.63
CA LEU A 98 -22.96 -44.54 21.09
C LEU A 98 -22.84 -44.59 19.57
N ASN A 99 -22.15 -45.60 19.05
CA ASN A 99 -22.09 -45.78 17.60
C ASN A 99 -23.45 -46.15 17.02
N THR A 100 -24.24 -46.93 17.77
CA THR A 100 -25.59 -47.25 17.32
C THR A 100 -26.44 -45.97 17.20
N ILE A 101 -26.23 -45.01 18.11
CA ILE A 101 -26.90 -43.73 18.00
C ILE A 101 -26.41 -42.97 16.77
N LEU A 102 -25.10 -42.93 16.57
CA LEU A 102 -24.53 -42.20 15.43
C LEU A 102 -24.99 -42.81 14.11
N ASN A 103 -25.08 -44.14 14.04
CA ASN A 103 -25.52 -44.77 12.80
C ASN A 103 -27.01 -44.57 12.57
N THR A 104 -27.80 -44.58 13.65
CA THR A 104 -29.24 -44.39 13.50
C THR A 104 -29.58 -42.92 13.22
N MET A 105 -28.91 -42.00 13.90
CA MET A 105 -29.14 -40.58 13.63
C MET A 105 -28.79 -40.23 12.18
N SER A 106 -27.73 -40.82 11.66
CA SER A 106 -27.38 -40.59 10.25
C SER A 106 -28.37 -41.27 9.31
N THR A 107 -28.94 -42.40 9.73
CA THR A 107 -29.88 -43.12 8.87
C THR A 107 -31.21 -42.36 8.77
N ILE A 108 -31.72 -41.85 9.89
CA ILE A 108 -32.97 -41.10 9.86
C ILE A 108 -32.81 -39.82 9.04
N TYR A 109 -31.63 -39.23 9.06
CA TYR A 109 -31.40 -38.00 8.29
C TYR A 109 -31.40 -38.29 6.80
N SER A 110 -30.68 -39.32 6.36
CA SER A 110 -30.54 -39.60 4.94
C SER A 110 -31.74 -40.33 4.35
N THR A 111 -32.60 -40.91 5.19
CA THR A 111 -33.77 -41.64 4.71
C THR A 111 -35.08 -40.92 5.02
N GLY A 112 -35.04 -39.76 5.67
CA GLY A 112 -36.24 -39.05 6.03
C GLY A 112 -37.05 -38.57 4.84
N LYS A 113 -38.35 -38.86 4.84
CA LYS A 113 -39.25 -38.49 3.75
C LYS A 113 -40.54 -37.94 4.33
N VAL A 114 -41.06 -36.88 3.72
CA VAL A 114 -42.32 -36.27 4.11
C VAL A 114 -43.16 -36.05 2.86
N CYS A 115 -44.48 -35.96 3.06
CA CYS A 115 -45.42 -35.87 1.95
C CYS A 115 -46.43 -34.76 2.26
N ASN A 116 -47.01 -34.19 1.20
CA ASN A 116 -47.96 -33.12 1.46
C ASN A 116 -49.37 -33.69 1.64
N PRO A 117 -50.16 -33.08 2.53
CA PRO A 117 -51.53 -33.56 2.76
C PRO A 117 -52.50 -33.24 1.63
N ASP A 118 -52.05 -32.61 0.54
CA ASP A 118 -52.92 -32.32 -0.60
C ASP A 118 -52.81 -33.37 -1.70
N ASN A 119 -51.70 -34.10 -1.77
CA ASN A 119 -51.51 -35.20 -2.70
C ASN A 119 -50.46 -36.13 -2.14
N PRO A 120 -50.86 -37.07 -1.27
CA PRO A 120 -49.86 -37.93 -0.61
C PRO A 120 -49.24 -38.98 -1.53
N GLN A 121 -49.53 -38.96 -2.83
CA GLN A 121 -48.96 -39.96 -3.74
C GLN A 121 -47.45 -39.84 -3.82
N GLU A 122 -46.95 -38.63 -4.06
CA GLU A 122 -45.52 -38.40 -4.10
C GLU A 122 -45.01 -37.95 -2.74
N CYS A 123 -43.85 -38.47 -2.35
CA CYS A 123 -43.22 -38.12 -1.08
C CYS A 123 -41.78 -37.71 -1.36
N LEU A 124 -41.34 -36.63 -0.72
CA LEU A 124 -40.08 -35.98 -1.01
C LEU A 124 -39.09 -36.19 0.14
N LEU A 125 -37.85 -36.48 -0.21
CA LEU A 125 -36.76 -36.50 0.77
C LEU A 125 -36.14 -35.11 0.84
N LEU A 126 -35.09 -34.98 1.66
CA LEU A 126 -34.38 -33.71 1.72
C LEU A 126 -33.75 -33.39 0.36
N GLU A 127 -32.93 -34.30 -0.15
CA GLU A 127 -32.32 -34.17 -1.46
C GLU A 127 -32.88 -35.25 -2.39
N PRO A 128 -33.40 -34.88 -3.58
CA PRO A 128 -33.50 -33.50 -4.07
C PRO A 128 -34.90 -32.89 -3.88
N GLY A 129 -35.77 -33.58 -3.14
CA GLY A 129 -37.14 -33.16 -3.01
C GLY A 129 -37.36 -31.86 -2.27
N LEU A 130 -37.06 -31.86 -0.97
CA LEU A 130 -37.34 -30.68 -0.14
C LEU A 130 -36.36 -29.55 -0.39
N ASN A 131 -35.10 -29.87 -0.73
CA ASN A 131 -34.11 -28.83 -0.96
C ASN A 131 -34.49 -27.95 -2.15
N GLU A 132 -35.12 -28.53 -3.17
CA GLU A 132 -35.52 -27.74 -4.33
C GLU A 132 -36.67 -26.79 -3.99
N ILE A 133 -37.58 -27.21 -3.12
CA ILE A 133 -38.66 -26.34 -2.71
C ILE A 133 -38.13 -25.13 -1.93
N MET A 134 -37.19 -25.39 -1.02
CA MET A 134 -36.62 -24.31 -0.21
C MET A 134 -35.70 -23.39 -1.01
N ALA A 135 -35.31 -23.77 -2.22
CA ALA A 135 -34.37 -23.00 -3.01
C ALA A 135 -34.95 -22.41 -4.29
N ASN A 136 -36.22 -22.70 -4.61
CA ASN A 136 -36.83 -22.22 -5.84
C ASN A 136 -38.22 -21.65 -5.69
N SER A 137 -38.98 -22.03 -4.67
CA SER A 137 -40.38 -21.66 -4.56
C SER A 137 -40.53 -20.31 -3.84
N LEU A 138 -41.47 -19.50 -4.33
CA LEU A 138 -41.81 -18.23 -3.71
C LEU A 138 -43.14 -18.30 -2.97
N ASP A 139 -43.70 -19.49 -2.80
CA ASP A 139 -44.95 -19.66 -2.07
C ASP A 139 -44.66 -19.72 -0.58
N TYR A 140 -45.27 -18.82 0.19
CA TYR A 140 -45.01 -18.76 1.63
C TYR A 140 -45.39 -20.06 2.32
N ASN A 141 -46.56 -20.61 1.96
CA ASN A 141 -47.03 -21.82 2.63
C ASN A 141 -46.29 -23.06 2.17
N GLU A 142 -45.88 -23.11 0.89
CA GLU A 142 -45.11 -24.26 0.43
C GLU A 142 -43.75 -24.31 1.11
N ARG A 143 -43.12 -23.16 1.31
CA ARG A 143 -41.87 -23.13 2.08
C ARG A 143 -42.14 -23.41 3.55
N LEU A 144 -43.25 -22.89 4.09
CA LEU A 144 -43.60 -23.15 5.47
C LEU A 144 -43.85 -24.63 5.71
N TRP A 145 -44.50 -25.30 4.76
CA TRP A 145 -44.77 -26.73 4.92
C TRP A 145 -43.49 -27.55 4.92
N ALA A 146 -42.65 -27.36 3.90
CA ALA A 146 -41.42 -28.13 3.81
C ALA A 146 -40.48 -27.84 4.98
N TRP A 147 -40.49 -26.60 5.48
CA TRP A 147 -39.67 -26.25 6.63
C TRP A 147 -40.14 -26.98 7.89
N GLU A 148 -41.42 -26.81 8.23
CA GLU A 148 -41.94 -27.39 9.47
C GLU A 148 -41.98 -28.92 9.41
N SER A 149 -42.49 -29.47 8.30
CA SER A 149 -42.69 -30.91 8.23
C SER A 149 -41.39 -31.69 8.30
N TRP A 150 -40.27 -31.07 7.90
CA TRP A 150 -38.98 -31.76 8.00
C TRP A 150 -38.58 -31.95 9.46
N ARG A 151 -38.58 -30.87 10.24
CA ARG A 151 -38.20 -30.98 11.66
C ARG A 151 -39.30 -31.63 12.49
N SER A 152 -40.56 -31.57 12.05
CA SER A 152 -41.65 -32.16 12.82
C SER A 152 -41.78 -33.66 12.63
N GLU A 153 -41.15 -34.23 11.59
CA GLU A 153 -41.30 -35.64 11.31
C GLU A 153 -39.99 -36.44 11.32
N VAL A 154 -38.85 -35.79 11.10
CA VAL A 154 -37.56 -36.45 11.30
C VAL A 154 -36.79 -35.84 12.46
N GLY A 155 -36.95 -34.55 12.73
CA GLY A 155 -36.26 -33.93 13.84
C GLY A 155 -36.75 -34.44 15.18
N LYS A 156 -38.05 -34.70 15.30
CA LYS A 156 -38.59 -35.22 16.55
C LYS A 156 -38.07 -36.63 16.82
N GLN A 157 -37.70 -37.37 15.78
CA GLN A 157 -37.11 -38.69 15.98
C GLN A 157 -35.70 -38.59 16.56
N LEU A 158 -35.00 -37.49 16.30
CA LEU A 158 -33.62 -37.33 16.73
C LEU A 158 -33.49 -36.73 18.12
N ARG A 159 -34.56 -36.15 18.67
CA ARG A 159 -34.48 -35.56 20.00
C ARG A 159 -34.09 -36.58 21.07
N PRO A 160 -34.71 -37.76 21.16
CA PRO A 160 -34.26 -38.71 22.19
C PRO A 160 -32.88 -39.26 21.90
N LEU A 161 -32.54 -39.49 20.63
CA LEU A 161 -31.21 -40.00 20.31
C LEU A 161 -30.14 -38.94 20.59
N TYR A 162 -30.44 -37.67 20.32
CA TYR A 162 -29.46 -36.61 20.58
C TYR A 162 -29.26 -36.42 22.08
N GLU A 163 -30.35 -36.53 22.86
CA GLU A 163 -30.22 -36.41 24.32
C GLU A 163 -29.29 -37.48 24.87
N GLU A 164 -29.38 -38.70 24.33
CA GLU A 164 -28.44 -39.75 24.69
C GLU A 164 -27.09 -39.58 24.01
N TYR A 165 -27.04 -38.82 22.91
CA TYR A 165 -25.78 -38.56 22.23
C TYR A 165 -24.93 -37.55 23.00
N VAL A 166 -25.56 -36.64 23.74
CA VAL A 166 -24.81 -35.61 24.45
C VAL A 166 -24.10 -36.21 25.66
N VAL A 167 -24.75 -37.13 26.37
CA VAL A 167 -24.17 -37.66 27.61
C VAL A 167 -23.02 -38.61 27.30
N LEU A 168 -23.17 -39.46 26.27
CA LEU A 168 -22.11 -40.40 25.93
C LEU A 168 -20.89 -39.68 25.36
N LYS A 169 -21.12 -38.63 24.56
CA LYS A 169 -20.01 -37.85 24.04
C LYS A 169 -19.31 -37.06 25.14
N ASN A 170 -20.06 -36.62 26.15
CA ASN A 170 -19.46 -35.91 27.27
C ASN A 170 -18.71 -36.84 28.20
N GLU A 171 -19.20 -38.07 28.38
CA GLU A 171 -18.48 -39.04 29.20
C GLU A 171 -17.14 -39.40 28.56
N MET A 172 -17.12 -39.56 27.24
CA MET A 172 -15.87 -39.84 26.54
C MET A 172 -14.94 -38.63 26.58
N ALA A 173 -15.50 -37.43 26.54
CA ALA A 173 -14.68 -36.22 26.51
C ALA A 173 -13.95 -36.01 27.83
N ARG A 174 -14.68 -36.04 28.94
CA ARG A 174 -14.06 -35.81 30.24
C ARG A 174 -13.17 -36.98 30.66
N ALA A 175 -13.47 -38.19 30.18
CA ALA A 175 -12.56 -39.32 30.40
C ALA A 175 -11.25 -39.13 29.66
N ASN A 176 -11.22 -38.25 28.66
CA ASN A 176 -10.01 -37.89 27.94
C ASN A 176 -9.42 -36.57 28.43
N HIS A 177 -9.73 -36.18 29.66
CA HIS A 177 -9.16 -34.99 30.31
C HIS A 177 -9.60 -33.72 29.59
N TYR A 178 -10.90 -33.61 29.31
CA TYR A 178 -11.50 -32.42 28.74
C TYR A 178 -12.66 -31.96 29.60
N GLU A 179 -13.09 -30.72 29.38
CA GLU A 179 -14.21 -30.17 30.14
C GLU A 179 -15.54 -30.71 29.63
N ASP A 180 -15.74 -30.70 28.31
CA ASP A 180 -16.95 -31.23 27.70
C ASP A 180 -16.62 -31.66 26.27
N TYR A 181 -17.62 -32.19 25.58
CA TYR A 181 -17.41 -32.60 24.20
C TYR A 181 -17.15 -31.40 23.29
N GLY A 182 -17.71 -30.24 23.64
CA GLY A 182 -17.35 -29.02 22.92
C GLY A 182 -15.90 -28.66 23.12
N ASP A 183 -15.42 -28.76 24.36
CA ASP A 183 -14.00 -28.53 24.64
C ASP A 183 -13.12 -29.58 23.96
N TYR A 184 -13.68 -30.75 23.65
CA TYR A 184 -12.96 -31.75 22.88
C TYR A 184 -12.77 -31.31 21.43
N TRP A 185 -13.78 -30.65 20.86
CA TRP A 185 -13.68 -30.18 19.49
C TRP A 185 -12.75 -28.98 19.38
N ARG A 186 -12.75 -28.11 20.38
CA ARG A 186 -11.89 -26.93 20.38
C ARG A 186 -10.41 -27.29 20.50
N GLY A 187 -10.08 -28.53 20.84
CA GLY A 187 -8.69 -28.95 20.94
C GLY A 187 -7.96 -28.97 19.61
N ASP A 188 -8.68 -28.90 18.49
CA ASP A 188 -8.02 -28.87 17.19
C ASP A 188 -7.18 -27.61 17.01
N TYR A 189 -7.52 -26.54 17.73
CA TYR A 189 -6.80 -25.29 17.65
C TYR A 189 -5.77 -25.11 18.75
N GLU A 190 -5.69 -26.03 19.70
CA GLU A 190 -4.80 -25.87 20.85
C GLU A 190 -3.36 -26.12 20.47
N VAL A 191 -2.46 -25.26 20.96
CA VAL A 191 -1.02 -25.39 20.76
C VAL A 191 -0.33 -25.18 22.10
N ASN A 192 0.51 -26.14 22.48
CA ASN A 192 1.25 -26.10 23.74
C ASN A 192 2.74 -26.26 23.48
N GLY A 193 3.55 -25.58 24.28
CA GLY A 193 4.99 -25.73 24.24
C GLY A 193 5.73 -24.82 23.29
N VAL A 194 5.03 -23.97 22.54
CA VAL A 194 5.65 -23.06 21.60
C VAL A 194 5.36 -21.65 22.10
N ASP A 195 6.30 -21.09 22.86
CA ASP A 195 6.11 -19.76 23.42
C ASP A 195 6.26 -18.71 22.34
N GLY A 196 5.27 -17.83 22.23
CA GLY A 196 5.14 -16.90 21.13
C GLY A 196 4.12 -17.30 20.09
N TYR A 197 3.71 -18.57 20.10
CA TYR A 197 2.67 -19.06 19.21
C TYR A 197 1.69 -19.99 19.93
N ASP A 198 1.68 -19.97 21.26
CA ASP A 198 0.75 -20.79 22.02
C ASP A 198 -0.67 -20.29 21.87
N TYR A 199 -1.62 -21.22 21.93
CA TYR A 199 -3.03 -20.91 21.72
C TYR A 199 -3.84 -22.01 22.37
N SER A 200 -4.63 -21.67 23.39
CA SER A 200 -5.38 -22.65 24.15
C SER A 200 -6.81 -22.75 23.63
N ARG A 201 -7.56 -23.71 24.19
CA ARG A 201 -8.90 -23.99 23.70
C ARG A 201 -9.88 -22.88 24.04
N GLY A 202 -9.80 -22.34 25.26
CA GLY A 202 -10.69 -21.26 25.64
C GLY A 202 -10.47 -19.99 24.85
N GLN A 203 -9.26 -19.79 24.32
CA GLN A 203 -8.96 -18.60 23.54
C GLN A 203 -9.71 -18.57 22.21
N LEU A 204 -10.18 -19.73 21.72
CA LEU A 204 -10.93 -19.75 20.48
C LEU A 204 -12.28 -19.05 20.63
N ILE A 205 -12.99 -19.33 21.73
CA ILE A 205 -14.32 -18.75 21.92
C ILE A 205 -14.22 -17.24 22.07
N GLU A 206 -13.19 -16.75 22.76
CA GLU A 206 -13.02 -15.31 22.90
C GLU A 206 -12.74 -14.66 21.55
N ASP A 207 -11.94 -15.32 20.71
CA ASP A 207 -11.60 -14.77 19.40
C ASP A 207 -12.76 -14.88 18.42
N VAL A 208 -13.57 -15.95 18.52
CA VAL A 208 -14.73 -16.08 17.64
C VAL A 208 -15.75 -14.99 17.93
N GLU A 209 -16.00 -14.72 19.21
CA GLU A 209 -16.94 -13.66 19.57
C GLU A 209 -16.37 -12.28 19.29
N HIS A 210 -15.05 -12.12 19.38
CA HIS A 210 -14.44 -10.82 19.15
C HIS A 210 -14.55 -10.43 17.68
N THR A 211 -14.14 -11.32 16.77
CA THR A 211 -14.21 -11.01 15.35
C THR A 211 -15.65 -10.93 14.87
N PHE A 212 -16.58 -11.66 15.50
CA PHE A 212 -17.97 -11.61 15.09
C PHE A 212 -18.60 -10.27 15.42
N GLU A 213 -18.12 -9.59 16.46
CA GLU A 213 -18.65 -8.27 16.80
C GLU A 213 -18.33 -7.24 15.74
N GLU A 214 -17.22 -7.42 15.02
CA GLU A 214 -16.82 -6.50 13.95
C GLU A 214 -17.45 -6.84 12.61
N ILE A 215 -18.29 -7.88 12.55
CA ILE A 215 -18.96 -8.25 11.31
C ILE A 215 -20.41 -7.79 11.38
N LYS A 216 -20.94 -7.67 12.59
CA LYS A 216 -22.34 -7.28 12.76
C LYS A 216 -22.73 -6.00 12.02
N PRO A 217 -21.92 -4.94 11.97
CA PRO A 217 -22.31 -3.80 11.12
C PRO A 217 -22.49 -4.18 9.66
N LEU A 218 -21.63 -5.06 9.12
CA LEU A 218 -21.81 -5.50 7.74
C LEU A 218 -23.01 -6.44 7.61
N TYR A 219 -23.20 -7.33 8.60
CA TYR A 219 -24.30 -8.28 8.52
C TYR A 219 -25.64 -7.59 8.71
N GLU A 220 -25.72 -6.61 9.61
CA GLU A 220 -26.98 -5.91 9.84
C GLU A 220 -27.44 -5.18 8.58
N HIS A 221 -26.52 -4.49 7.90
CA HIS A 221 -26.90 -3.80 6.67
C HIS A 221 -27.21 -4.80 5.55
N LEU A 222 -26.56 -5.97 5.58
CA LEU A 222 -26.96 -7.02 4.64
C LEU A 222 -28.29 -7.64 5.04
N HIS A 223 -28.51 -7.80 6.36
CA HIS A 223 -29.78 -8.33 6.84
C HIS A 223 -30.93 -7.38 6.53
N ALA A 224 -30.73 -6.08 6.78
CA ALA A 224 -31.79 -5.11 6.54
C ALA A 224 -32.04 -4.89 5.05
N TYR A 225 -31.00 -5.07 4.22
CA TYR A 225 -31.18 -4.88 2.78
C TYR A 225 -32.08 -5.97 2.20
N VAL A 226 -31.79 -7.23 2.50
CA VAL A 226 -32.61 -8.32 1.98
C VAL A 226 -33.98 -8.35 2.64
N ARG A 227 -34.08 -7.83 3.86
CA ARG A 227 -35.38 -7.78 4.52
C ARG A 227 -36.35 -6.87 3.78
N ALA A 228 -35.87 -5.72 3.32
CA ALA A 228 -36.71 -4.86 2.49
C ALA A 228 -36.97 -5.51 1.13
N LYS A 229 -36.00 -6.23 0.60
CA LYS A 229 -36.20 -6.95 -0.66
C LYS A 229 -37.17 -8.11 -0.48
N LEU A 230 -37.09 -8.80 0.66
CA LEU A 230 -38.04 -9.88 0.93
C LEU A 230 -39.44 -9.35 1.20
N MET A 231 -39.55 -8.11 1.70
CA MET A 231 -40.87 -7.53 1.92
C MET A 231 -41.63 -7.34 0.61
N ASN A 232 -40.91 -7.15 -0.50
CA ASN A 232 -41.57 -7.00 -1.78
C ASN A 232 -42.08 -8.34 -2.31
N ALA A 233 -41.39 -9.44 -1.96
CA ALA A 233 -41.81 -10.76 -2.40
C ALA A 233 -42.76 -11.44 -1.42
N TYR A 234 -42.78 -11.00 -0.16
CA TYR A 234 -43.69 -11.53 0.85
C TYR A 234 -44.25 -10.36 1.64
N PRO A 235 -45.21 -9.63 1.07
CA PRO A 235 -45.65 -8.38 1.72
C PRO A 235 -46.43 -8.61 3.00
N SER A 236 -47.34 -9.58 3.03
CA SER A 236 -48.21 -9.79 4.18
C SER A 236 -47.55 -10.59 5.29
N TYR A 237 -46.29 -10.96 5.16
CA TYR A 237 -45.63 -11.83 6.12
C TYR A 237 -44.43 -11.20 6.81
N ILE A 238 -43.65 -10.40 6.10
CA ILE A 238 -42.46 -9.78 6.67
C ILE A 238 -42.84 -8.45 7.31
N SER A 239 -42.14 -8.10 8.38
CA SER A 239 -42.29 -6.81 9.03
C SER A 239 -40.94 -6.09 9.04
N PRO A 240 -40.93 -4.78 8.73
CA PRO A 240 -39.65 -4.08 8.53
C PRO A 240 -38.81 -3.91 9.78
N ILE A 241 -39.28 -4.34 10.96
CA ILE A 241 -38.49 -4.22 12.18
C ILE A 241 -38.25 -5.56 12.85
N GLY A 242 -38.85 -6.65 12.37
CA GLY A 242 -38.68 -7.95 12.97
C GLY A 242 -37.61 -8.79 12.28
N CYS A 243 -37.44 -10.00 12.80
CA CYS A 243 -36.47 -10.93 12.26
C CYS A 243 -37.01 -11.59 10.99
N LEU A 244 -36.10 -12.16 10.22
CA LEU A 244 -36.48 -12.85 8.99
C LEU A 244 -37.02 -14.23 9.31
N PRO A 245 -38.20 -14.60 8.80
CA PRO A 245 -38.68 -15.98 8.98
C PRO A 245 -37.69 -16.98 8.41
N ALA A 246 -37.58 -18.12 9.10
CA ALA A 246 -36.51 -19.08 8.80
C ALA A 246 -36.71 -19.77 7.45
N HIS A 247 -37.96 -19.90 7.00
CA HIS A 247 -38.25 -20.67 5.79
C HIS A 247 -38.20 -19.83 4.53
N LEU A 248 -37.65 -18.61 4.61
CA LEU A 248 -37.55 -17.71 3.46
C LEU A 248 -36.11 -17.25 3.26
N LEU A 249 -35.16 -18.15 3.44
CA LEU A 249 -33.75 -17.77 3.48
C LEU A 249 -32.89 -18.42 2.41
N GLY A 250 -33.48 -19.19 1.49
CA GLY A 250 -32.71 -19.75 0.40
C GLY A 250 -32.56 -21.26 0.46
N ASP A 251 -32.42 -21.81 1.66
CA ASP A 251 -32.38 -23.26 1.85
C ASP A 251 -33.25 -23.61 3.05
N MET A 252 -33.15 -24.85 3.50
CA MET A 252 -34.05 -25.33 4.57
C MET A 252 -33.71 -24.69 5.90
N TRP A 253 -32.43 -24.44 6.18
CA TRP A 253 -32.02 -23.89 7.46
C TRP A 253 -31.56 -22.44 7.39
N GLY A 254 -31.38 -21.90 6.19
CA GLY A 254 -30.82 -20.58 6.06
C GLY A 254 -29.33 -20.52 6.27
N ARG A 255 -28.63 -21.64 6.07
CA ARG A 255 -27.18 -21.63 6.21
C ARG A 255 -26.52 -20.70 5.20
N PHE A 256 -27.09 -20.61 4.00
CA PHE A 256 -26.63 -19.67 2.99
C PHE A 256 -27.82 -18.95 2.39
N TRP A 257 -27.66 -17.62 2.23
CA TRP A 257 -28.67 -16.80 1.56
C TRP A 257 -28.44 -16.71 0.06
N THR A 258 -27.77 -17.71 -0.53
CA THR A 258 -27.36 -17.62 -1.93
C THR A 258 -28.56 -17.57 -2.87
N ASN A 259 -29.53 -18.46 -2.66
CA ASN A 259 -30.68 -18.54 -3.56
C ASN A 259 -31.61 -17.34 -3.45
N LEU A 260 -31.35 -16.40 -2.54
CA LEU A 260 -32.10 -15.16 -2.48
C LEU A 260 -31.57 -14.10 -3.45
N TYR A 261 -30.66 -14.47 -4.34
CA TYR A 261 -30.07 -13.48 -5.25
C TYR A 261 -31.10 -12.96 -6.24
N SER A 262 -31.94 -13.84 -6.77
CA SER A 262 -32.96 -13.41 -7.72
C SER A 262 -33.94 -12.43 -7.08
N LEU A 263 -34.15 -12.54 -5.77
CA LEU A 263 -35.03 -11.62 -5.05
C LEU A 263 -34.31 -10.37 -4.56
N THR A 264 -32.98 -10.41 -4.44
CA THR A 264 -32.23 -9.31 -3.83
C THR A 264 -31.12 -8.79 -4.74
N VAL A 265 -31.19 -9.06 -6.03
CA VAL A 265 -30.14 -8.57 -6.94
C VAL A 265 -30.22 -7.06 -7.06
N PRO A 266 -29.12 -6.33 -6.88
CA PRO A 266 -29.21 -4.86 -6.92
C PRO A 266 -29.52 -4.30 -8.29
N PHE A 267 -28.97 -4.89 -9.35
CA PHE A 267 -29.05 -4.35 -10.71
C PHE A 267 -29.46 -5.44 -11.68
N GLY A 268 -30.55 -6.15 -11.37
CA GLY A 268 -31.00 -7.30 -12.13
C GLY A 268 -31.15 -7.12 -13.63
N GLN A 269 -31.11 -5.88 -14.12
CA GLN A 269 -31.12 -5.63 -15.55
C GLN A 269 -29.73 -5.54 -16.15
N LYS A 270 -28.69 -5.80 -15.36
CA LYS A 270 -27.29 -5.89 -15.77
C LYS A 270 -26.93 -7.35 -16.06
N PRO A 271 -26.06 -7.61 -17.04
CA PRO A 271 -25.82 -9.00 -17.44
C PRO A 271 -25.12 -9.80 -16.35
N ASN A 272 -25.63 -11.00 -16.10
CA ASN A 272 -24.97 -11.95 -15.22
C ASN A 272 -23.80 -12.61 -15.95
N ILE A 273 -22.93 -13.25 -15.19
CA ILE A 273 -21.75 -13.87 -15.78
C ILE A 273 -22.08 -15.29 -16.23
N ASP A 274 -22.34 -16.18 -15.28
CA ASP A 274 -22.90 -17.51 -15.51
C ASP A 274 -22.36 -18.16 -16.78
N VAL A 275 -21.05 -18.43 -16.76
CA VAL A 275 -20.32 -18.92 -17.93
C VAL A 275 -20.80 -20.32 -18.34
N THR A 276 -21.75 -20.86 -17.57
CA THR A 276 -22.27 -22.20 -17.82
C THR A 276 -22.64 -22.41 -19.29
N ASP A 277 -23.52 -21.56 -19.83
CA ASP A 277 -23.97 -21.75 -21.20
C ASP A 277 -22.82 -21.63 -22.19
N ALA A 278 -21.92 -20.68 -21.97
CA ALA A 278 -20.76 -20.53 -22.85
C ALA A 278 -19.88 -21.77 -22.87
N MET A 279 -19.91 -22.58 -21.80
CA MET A 279 -19.18 -23.84 -21.79
C MET A 279 -19.88 -24.91 -22.62
N VAL A 280 -21.21 -24.86 -22.69
CA VAL A 280 -21.93 -25.85 -23.48
C VAL A 280 -21.78 -25.57 -24.97
N ASP A 281 -21.72 -24.28 -25.36
CA ASP A 281 -21.55 -23.96 -26.78
C ASP A 281 -20.16 -24.30 -27.27
N GLN A 282 -19.16 -24.27 -26.39
CA GLN A 282 -17.77 -24.51 -26.78
C GLN A 282 -17.39 -25.98 -26.67
N ALA A 283 -18.36 -26.88 -26.52
CA ALA A 283 -18.12 -28.32 -26.46
C ALA A 283 -17.15 -28.69 -25.33
N TRP A 284 -17.41 -28.12 -24.14
CA TRP A 284 -16.61 -28.45 -22.97
C TRP A 284 -17.07 -29.76 -22.36
N ASP A 285 -16.17 -30.38 -21.59
CA ASP A 285 -16.44 -31.66 -20.95
C ASP A 285 -15.76 -31.67 -19.59
N ALA A 286 -15.76 -32.83 -18.94
CA ALA A 286 -15.19 -32.95 -17.60
C ALA A 286 -13.69 -32.77 -17.62
N GLN A 287 -13.01 -33.35 -18.62
CA GLN A 287 -11.55 -33.30 -18.64
C GLN A 287 -11.04 -31.88 -18.85
N ARG A 288 -11.69 -31.12 -19.75
CA ARG A 288 -11.24 -29.75 -20.00
C ARG A 288 -11.43 -28.86 -18.78
N ILE A 289 -12.45 -29.14 -17.96
CA ILE A 289 -12.64 -28.35 -16.75
C ILE A 289 -11.48 -28.56 -15.79
N PHE A 290 -11.03 -29.81 -15.63
CA PHE A 290 -9.90 -30.09 -14.75
C PHE A 290 -8.57 -29.77 -15.40
N LYS A 291 -8.46 -29.94 -16.72
CA LYS A 291 -7.22 -29.58 -17.41
C LYS A 291 -6.98 -28.07 -17.35
N GLU A 292 -8.05 -27.28 -17.43
CA GLU A 292 -7.91 -25.83 -17.25
C GLU A 292 -7.57 -25.49 -15.80
N ALA A 293 -8.07 -26.28 -14.85
CA ALA A 293 -7.73 -26.05 -13.45
C ALA A 293 -6.27 -26.39 -13.17
N GLU A 294 -5.73 -27.40 -13.86
CA GLU A 294 -4.32 -27.74 -13.66
C GLU A 294 -3.41 -26.62 -14.13
N LYS A 295 -3.74 -25.98 -15.25
CA LYS A 295 -2.93 -24.87 -15.75
C LYS A 295 -2.97 -23.67 -14.83
N PHE A 296 -4.01 -23.53 -14.00
CA PHE A 296 -4.06 -22.44 -13.03
C PHE A 296 -2.98 -22.61 -11.97
N PHE A 297 -2.75 -23.83 -11.51
CA PHE A 297 -1.78 -24.06 -10.44
C PHE A 297 -0.35 -24.06 -10.97
N VAL A 298 -0.13 -24.58 -12.19
CA VAL A 298 1.22 -24.56 -12.74
C VAL A 298 1.64 -23.15 -13.13
N SER A 299 0.69 -22.21 -13.21
CA SER A 299 1.01 -20.82 -13.50
C SER A 299 1.62 -20.10 -12.31
N VAL A 300 1.33 -20.55 -11.09
CA VAL A 300 1.89 -19.94 -9.89
C VAL A 300 3.07 -20.75 -9.34
N GLY A 301 3.64 -21.63 -10.15
CA GLY A 301 4.80 -22.40 -9.73
C GLY A 301 4.51 -23.68 -9.00
N LEU A 302 3.28 -24.20 -9.09
CA LEU A 302 2.96 -25.46 -8.43
C LEU A 302 3.10 -26.62 -9.41
N PRO A 303 3.42 -27.81 -8.94
CA PRO A 303 3.61 -28.95 -9.85
C PRO A 303 2.29 -29.36 -10.49
N ASN A 304 2.42 -30.10 -11.59
CA ASN A 304 1.22 -30.61 -12.25
C ASN A 304 0.76 -31.90 -11.59
N MET A 305 -0.52 -32.23 -11.81
CA MET A 305 -1.12 -33.39 -11.19
C MET A 305 -0.41 -34.67 -11.62
N THR A 306 -0.33 -35.62 -10.69
CA THR A 306 0.35 -36.88 -10.97
C THR A 306 -0.32 -37.63 -12.12
N GLN A 307 0.46 -38.47 -12.79
CA GLN A 307 -0.09 -39.25 -13.89
C GLN A 307 -1.19 -40.20 -13.41
N GLY A 308 -1.09 -40.68 -12.17
CA GLY A 308 -2.14 -41.51 -11.62
C GLY A 308 -3.42 -40.77 -11.30
N PHE A 309 -3.35 -39.44 -11.17
CA PHE A 309 -4.55 -38.66 -10.92
C PHE A 309 -5.50 -38.73 -12.11
N TRP A 310 -4.98 -38.51 -13.32
CA TRP A 310 -5.82 -38.60 -14.51
C TRP A 310 -6.22 -40.03 -14.82
N GLU A 311 -5.41 -41.01 -14.41
CA GLU A 311 -5.69 -42.40 -14.72
C GLU A 311 -6.78 -42.98 -13.82
N ASN A 312 -6.80 -42.60 -12.54
CA ASN A 312 -7.61 -43.27 -11.54
C ASN A 312 -8.83 -42.49 -11.09
N SER A 313 -8.74 -41.17 -11.01
CA SER A 313 -9.85 -40.38 -10.46
C SER A 313 -11.05 -40.38 -11.40
N MET A 314 -12.24 -40.43 -10.82
CA MET A 314 -13.48 -40.41 -11.58
C MET A 314 -13.98 -38.97 -11.66
N LEU A 315 -14.01 -38.42 -12.87
CA LEU A 315 -14.33 -37.01 -13.07
C LEU A 315 -15.75 -36.76 -13.58
N THR A 316 -16.46 -37.80 -13.99
CA THR A 316 -17.85 -37.67 -14.43
C THR A 316 -18.65 -38.87 -13.93
N ASP A 317 -19.96 -38.76 -14.07
CA ASP A 317 -20.85 -39.82 -13.62
C ASP A 317 -20.49 -41.14 -14.30
N PRO A 318 -20.55 -42.26 -13.59
CA PRO A 318 -20.05 -43.53 -14.15
C PRO A 318 -20.57 -43.89 -15.53
N GLY A 319 -21.80 -43.49 -15.87
CA GLY A 319 -22.33 -43.76 -17.19
C GLY A 319 -23.14 -45.03 -17.28
N ASN A 320 -23.95 -45.27 -16.26
CA ASN A 320 -24.89 -46.40 -16.22
C ASN A 320 -24.17 -47.75 -16.27
N VAL A 321 -22.99 -47.82 -15.66
CA VAL A 321 -22.31 -49.09 -15.45
C VAL A 321 -22.14 -49.27 -13.95
N GLN A 322 -22.03 -48.15 -13.24
CA GLN A 322 -21.89 -48.12 -11.79
C GLN A 322 -22.74 -46.98 -11.24
N LYS A 323 -22.84 -46.92 -9.91
CA LYS A 323 -23.39 -45.77 -9.23
C LYS A 323 -22.38 -45.33 -8.18
N ALA A 324 -22.27 -44.02 -7.98
CA ALA A 324 -21.19 -43.45 -7.17
C ALA A 324 -21.76 -42.42 -6.21
N VAL A 325 -20.88 -41.91 -5.34
CA VAL A 325 -21.22 -40.81 -4.44
C VAL A 325 -20.67 -39.56 -5.11
N CYS A 326 -21.52 -38.91 -5.90
CA CYS A 326 -21.10 -37.79 -6.74
C CYS A 326 -20.77 -36.53 -5.95
N HIS A 327 -20.82 -36.56 -4.63
CA HIS A 327 -20.38 -35.44 -3.83
C HIS A 327 -18.90 -35.19 -4.06
N PRO A 328 -18.50 -33.98 -4.45
CA PRO A 328 -17.08 -33.73 -4.76
C PRO A 328 -16.18 -34.02 -3.57
N THR A 329 -15.17 -34.86 -3.80
CA THR A 329 -14.20 -35.24 -2.79
C THR A 329 -12.79 -35.17 -3.36
N ALA A 330 -11.82 -34.99 -2.46
CA ALA A 330 -10.40 -35.02 -2.80
C ALA A 330 -9.73 -36.07 -1.93
N TRP A 331 -9.05 -37.02 -2.57
CA TRP A 331 -8.56 -38.22 -1.90
C TRP A 331 -7.05 -38.17 -1.76
N ASP A 332 -6.56 -38.42 -0.54
CA ASP A 332 -5.15 -38.62 -0.25
C ASP A 332 -5.01 -40.02 0.32
N LEU A 333 -4.76 -40.99 -0.55
CA LEU A 333 -4.71 -42.40 -0.18
C LEU A 333 -3.34 -42.83 0.33
N GLY A 334 -2.36 -41.95 0.32
CA GLY A 334 -1.00 -42.34 0.64
C GLY A 334 -0.34 -43.00 -0.54
N LYS A 335 0.92 -43.42 -0.32
CA LYS A 335 1.74 -44.05 -1.36
C LYS A 335 1.88 -43.15 -2.59
N GLY A 336 1.77 -41.84 -2.39
CA GLY A 336 1.82 -40.91 -3.51
C GLY A 336 0.60 -40.95 -4.40
N ASP A 337 -0.52 -41.46 -3.91
CA ASP A 337 -1.74 -41.58 -4.69
C ASP A 337 -2.69 -40.43 -4.35
N PHE A 338 -3.18 -39.75 -5.39
CA PHE A 338 -4.09 -38.62 -5.21
C PHE A 338 -5.20 -38.72 -6.25
N ARG A 339 -6.45 -38.55 -5.81
CA ARG A 339 -7.61 -38.71 -6.67
C ARG A 339 -8.64 -37.65 -6.34
N ILE A 340 -9.63 -37.51 -7.22
CA ILE A 340 -10.75 -36.62 -7.03
C ILE A 340 -12.00 -37.32 -7.55
N LEU A 341 -12.98 -37.51 -6.68
CA LEU A 341 -14.25 -38.16 -7.04
C LEU A 341 -15.33 -37.08 -7.09
N MET A 342 -15.77 -36.73 -8.30
CA MET A 342 -16.77 -35.70 -8.48
C MET A 342 -17.39 -35.86 -9.85
N CYS A 343 -18.69 -36.14 -9.91
CA CYS A 343 -19.41 -36.26 -11.17
C CYS A 343 -19.67 -34.86 -11.70
N THR A 344 -18.78 -34.37 -12.54
CA THR A 344 -18.87 -33.01 -13.05
C THR A 344 -19.83 -32.93 -14.23
N LYS A 345 -20.50 -31.79 -14.33
CA LYS A 345 -21.28 -31.41 -15.50
C LYS A 345 -20.76 -30.07 -16.01
N VAL A 346 -21.26 -29.65 -17.16
CA VAL A 346 -20.83 -28.38 -17.73
C VAL A 346 -21.59 -27.27 -17.01
N THR A 347 -21.02 -26.77 -15.93
CA THR A 347 -21.65 -25.78 -15.09
C THR A 347 -20.58 -24.89 -14.48
N MET A 348 -20.89 -23.60 -14.32
CA MET A 348 -19.96 -22.70 -13.67
C MET A 348 -19.73 -23.07 -12.21
N ASP A 349 -20.75 -23.62 -11.54
CA ASP A 349 -20.60 -24.05 -10.17
C ASP A 349 -19.62 -25.21 -10.06
N ASP A 350 -19.63 -26.11 -11.04
CA ASP A 350 -18.68 -27.22 -11.04
C ASP A 350 -17.31 -26.79 -11.53
N PHE A 351 -17.24 -25.78 -12.40
CA PHE A 351 -15.94 -25.28 -12.84
C PHE A 351 -15.19 -24.60 -11.71
N LEU A 352 -15.90 -23.99 -10.76
CA LEU A 352 -15.24 -23.34 -9.64
C LEU A 352 -14.88 -24.34 -8.55
N THR A 353 -15.76 -25.30 -8.25
CA THR A 353 -15.46 -26.31 -7.27
C THR A 353 -14.36 -27.26 -7.74
N ALA A 354 -14.14 -27.37 -9.05
CA ALA A 354 -12.98 -28.12 -9.54
C ALA A 354 -11.69 -27.46 -9.10
N HIS A 355 -11.60 -26.14 -9.22
CA HIS A 355 -10.46 -25.43 -8.66
C HIS A 355 -10.42 -25.55 -7.14
N HIS A 356 -11.60 -25.64 -6.51
CA HIS A 356 -11.66 -25.82 -5.06
C HIS A 356 -11.15 -27.20 -4.66
N GLU A 357 -11.58 -28.24 -5.39
CA GLU A 357 -11.17 -29.59 -5.03
C GLU A 357 -9.72 -29.86 -5.41
N MET A 358 -9.28 -29.33 -6.55
CA MET A 358 -7.88 -29.49 -6.93
C MET A 358 -6.96 -28.72 -5.98
N GLY A 359 -7.45 -27.65 -5.37
CA GLY A 359 -6.68 -26.97 -4.36
C GLY A 359 -6.40 -27.83 -3.14
N HIS A 360 -7.28 -28.79 -2.85
CA HIS A 360 -7.02 -29.75 -1.78
C HIS A 360 -5.85 -30.65 -2.15
N ILE A 361 -5.80 -31.13 -3.40
CA ILE A 361 -4.73 -32.03 -3.81
C ILE A 361 -3.38 -31.32 -3.74
N GLN A 362 -3.33 -30.06 -4.19
CA GLN A 362 -2.09 -29.30 -4.09
C GLN A 362 -1.65 -29.15 -2.64
N TYR A 363 -2.61 -29.00 -1.73
CA TYR A 363 -2.30 -29.06 -0.30
C TYR A 363 -1.88 -30.47 0.10
N ASP A 364 -2.61 -31.48 -0.39
CA ASP A 364 -2.29 -32.86 -0.05
C ASP A 364 -0.92 -33.28 -0.57
N MET A 365 -0.60 -32.90 -1.81
CA MET A 365 0.69 -33.26 -2.38
C MET A 365 1.85 -32.50 -1.75
N ALA A 366 1.57 -31.35 -1.12
CA ALA A 366 2.66 -30.53 -0.60
C ALA A 366 3.24 -31.13 0.68
N TYR A 367 2.39 -31.61 1.59
CA TYR A 367 2.87 -32.21 2.82
C TYR A 367 3.04 -33.72 2.72
N ALA A 368 3.22 -34.25 1.49
CA ALA A 368 3.43 -35.68 1.33
C ALA A 368 4.76 -36.12 1.94
N ALA A 369 5.78 -35.27 1.89
CA ALA A 369 7.07 -35.60 2.49
C ALA A 369 7.01 -35.64 4.01
N GLN A 370 6.02 -34.99 4.61
CA GLN A 370 5.85 -35.03 6.06
C GLN A 370 5.51 -36.43 6.52
N PRO A 371 5.77 -36.75 7.79
CA PRO A 371 5.36 -38.06 8.32
C PRO A 371 3.86 -38.26 8.20
N PHE A 372 3.45 -39.52 8.40
CA PHE A 372 2.05 -39.89 8.18
C PHE A 372 1.11 -39.09 9.07
N LEU A 373 1.41 -39.01 10.36
CA LEU A 373 0.53 -38.35 11.30
C LEU A 373 0.54 -36.84 11.16
N LEU A 374 1.41 -36.28 10.34
CA LEU A 374 1.45 -34.84 10.08
C LEU A 374 0.95 -34.48 8.69
N ARG A 375 0.33 -35.41 7.98
CA ARG A 375 -0.18 -35.16 6.64
C ARG A 375 -1.62 -34.69 6.74
N ASN A 376 -1.78 -33.43 7.12
CA ASN A 376 -3.08 -32.79 7.23
C ASN A 376 -2.86 -31.29 7.32
N GLY A 377 -3.96 -30.54 7.24
CA GLY A 377 -3.88 -29.09 7.33
C GLY A 377 -3.40 -28.62 8.69
N ALA A 378 -3.09 -27.33 8.76
CA ALA A 378 -2.64 -26.74 10.02
C ALA A 378 -3.70 -26.91 11.11
N ASN A 379 -4.94 -26.55 10.80
CA ASN A 379 -6.08 -26.86 11.65
C ASN A 379 -7.22 -27.32 10.75
N GLU A 380 -8.41 -27.46 11.34
CA GLU A 380 -9.55 -27.97 10.57
C GLU A 380 -9.99 -26.99 9.49
N GLY A 381 -9.78 -25.70 9.68
CA GLY A 381 -10.21 -24.70 8.73
C GLY A 381 -9.22 -24.35 7.64
N PHE A 382 -8.03 -24.95 7.64
CA PHE A 382 -7.02 -24.61 6.65
C PHE A 382 -7.30 -25.24 5.29
N HIS A 383 -7.67 -26.52 5.28
CA HIS A 383 -7.87 -27.22 4.01
C HIS A 383 -8.97 -26.59 3.18
N GLU A 384 -10.10 -26.26 3.81
CA GLU A 384 -11.21 -25.66 3.08
C GLU A 384 -10.97 -24.19 2.78
N ALA A 385 -10.05 -23.53 3.48
CA ALA A 385 -9.77 -22.13 3.20
C ALA A 385 -8.94 -21.98 1.93
N VAL A 386 -7.93 -22.84 1.74
CA VAL A 386 -7.11 -22.77 0.53
C VAL A 386 -7.88 -23.22 -0.70
N GLY A 387 -9.01 -23.90 -0.51
CA GLY A 387 -9.84 -24.30 -1.63
C GLY A 387 -10.71 -23.16 -2.14
N GLU A 388 -11.18 -22.33 -1.22
CA GLU A 388 -12.04 -21.21 -1.60
C GLU A 388 -11.25 -20.15 -2.37
N ILE A 389 -9.99 -19.91 -1.99
CA ILE A 389 -9.20 -18.88 -2.64
C ILE A 389 -8.87 -19.25 -4.09
N MET A 390 -8.92 -20.54 -4.42
CA MET A 390 -8.71 -20.93 -5.82
C MET A 390 -9.93 -20.62 -6.68
N SER A 391 -11.13 -20.77 -6.12
CA SER A 391 -12.35 -20.39 -6.84
C SER A 391 -12.53 -18.88 -6.86
N LEU A 392 -12.03 -18.17 -5.84
CA LEU A 392 -12.11 -16.72 -5.83
C LEU A 392 -11.32 -16.12 -6.99
N SER A 393 -10.07 -16.56 -7.16
CA SER A 393 -9.24 -16.06 -8.25
C SER A 393 -9.74 -16.52 -9.61
N ALA A 394 -10.47 -17.64 -9.67
CA ALA A 394 -10.94 -18.17 -10.94
C ALA A 394 -12.30 -17.62 -11.37
N ALA A 395 -13.06 -17.06 -10.44
CA ALA A 395 -14.40 -16.57 -10.75
C ALA A 395 -14.43 -15.13 -11.24
N THR A 396 -13.36 -14.38 -11.02
CA THR A 396 -13.35 -12.98 -11.43
C THR A 396 -13.25 -12.88 -12.96
N PRO A 397 -13.88 -11.85 -13.54
CA PRO A 397 -13.73 -11.63 -15.00
C PRO A 397 -12.29 -11.41 -15.43
N LYS A 398 -11.41 -11.02 -14.49
CA LYS A 398 -9.98 -10.92 -14.80
C LYS A 398 -9.41 -12.27 -15.23
N HIS A 399 -10.01 -13.36 -14.77
CA HIS A 399 -9.57 -14.70 -15.12
C HIS A 399 -10.46 -15.38 -16.15
N LEU A 400 -11.74 -15.02 -16.22
CA LEU A 400 -12.64 -15.66 -17.17
C LEU A 400 -12.34 -15.23 -18.60
N LYS A 401 -12.11 -13.93 -18.81
CA LYS A 401 -11.69 -13.48 -20.13
C LYS A 401 -10.28 -13.95 -20.47
N SER A 402 -9.49 -14.32 -19.47
CA SER A 402 -8.12 -14.77 -19.73
C SER A 402 -8.10 -16.15 -20.38
N ILE A 403 -9.03 -17.02 -20.01
CA ILE A 403 -9.03 -18.39 -20.52
C ILE A 403 -9.98 -18.48 -21.71
N GLY A 404 -10.47 -17.32 -22.17
CA GLY A 404 -11.34 -17.27 -23.33
C GLY A 404 -12.70 -17.91 -23.12
N LEU A 405 -13.32 -17.65 -21.97
CA LEU A 405 -14.67 -18.15 -21.70
C LEU A 405 -15.71 -17.04 -21.63
N LEU A 406 -15.29 -15.80 -21.38
CA LEU A 406 -16.18 -14.66 -21.35
C LEU A 406 -15.85 -13.75 -22.54
N SER A 407 -16.87 -13.25 -23.21
CA SER A 407 -16.66 -12.32 -24.30
C SER A 407 -15.90 -11.10 -23.81
N PRO A 408 -14.79 -10.71 -24.47
CA PRO A 408 -13.98 -9.60 -23.94
C PRO A 408 -14.74 -8.29 -23.81
N ASP A 409 -15.79 -8.08 -24.59
CA ASP A 409 -16.59 -6.86 -24.51
C ASP A 409 -17.70 -7.05 -23.48
N PHE A 410 -17.29 -7.19 -22.23
CA PHE A 410 -18.20 -7.30 -21.11
C PHE A 410 -18.25 -5.97 -20.38
N GLN A 411 -19.46 -5.47 -20.11
CA GLN A 411 -19.65 -4.17 -19.48
C GLN A 411 -19.30 -4.28 -18.01
N GLU A 412 -18.00 -4.24 -17.72
CA GLU A 412 -17.49 -4.33 -16.36
C GLU A 412 -17.49 -2.95 -15.75
N ASP A 413 -18.51 -2.66 -14.93
CA ASP A 413 -18.61 -1.35 -14.28
C ASP A 413 -18.91 -1.51 -12.80
N ASN A 414 -19.19 -0.40 -12.12
CA ASN A 414 -19.40 -0.43 -10.68
C ASN A 414 -20.72 -1.08 -10.30
N GLU A 415 -21.65 -1.24 -11.23
CA GLU A 415 -22.92 -1.89 -10.92
C GLU A 415 -22.78 -3.41 -10.97
N THR A 416 -22.02 -3.93 -11.93
CA THR A 416 -21.78 -5.37 -11.97
C THR A 416 -20.94 -5.83 -10.78
N GLU A 417 -20.08 -4.96 -10.26
CA GLU A 417 -19.28 -5.33 -9.10
C GLU A 417 -20.13 -5.45 -7.84
N ILE A 418 -21.15 -4.60 -7.72
CA ILE A 418 -22.06 -4.70 -6.59
C ILE A 418 -22.88 -5.98 -6.67
N ASN A 419 -23.31 -6.36 -7.89
CA ASN A 419 -24.05 -7.60 -8.07
C ASN A 419 -23.20 -8.81 -7.69
N PHE A 420 -21.92 -8.80 -8.08
CA PHE A 420 -21.03 -9.90 -7.74
C PHE A 420 -20.77 -9.97 -6.23
N LEU A 421 -20.54 -8.81 -5.60
CA LEU A 421 -20.25 -8.81 -4.17
C LEU A 421 -21.50 -9.09 -3.35
N LEU A 422 -22.67 -8.69 -3.83
CA LEU A 422 -23.91 -9.04 -3.14
C LEU A 422 -24.14 -10.55 -3.20
N LYS A 423 -23.88 -11.17 -4.36
CA LYS A 423 -23.95 -12.61 -4.47
C LYS A 423 -22.95 -13.28 -3.55
N GLN A 424 -21.75 -12.69 -3.41
CA GLN A 424 -20.75 -13.26 -2.52
C GLN A 424 -21.13 -13.10 -1.06
N ALA A 425 -21.74 -11.96 -0.71
CA ALA A 425 -22.09 -11.72 0.69
C ALA A 425 -23.22 -12.64 1.15
N LEU A 426 -24.16 -12.95 0.26
CA LEU A 426 -25.25 -13.85 0.62
C LEU A 426 -24.74 -15.23 1.00
N THR A 427 -23.65 -15.68 0.38
CA THR A 427 -23.09 -17.00 0.65
C THR A 427 -22.03 -16.95 1.74
N ILE A 428 -21.17 -15.95 1.74
CA ILE A 428 -20.02 -15.89 2.63
C ILE A 428 -20.40 -15.20 3.94
N VAL A 429 -20.91 -13.98 3.86
CA VAL A 429 -21.24 -13.23 5.07
C VAL A 429 -22.49 -13.79 5.72
N GLY A 430 -23.45 -14.30 4.93
CA GLY A 430 -24.70 -14.78 5.48
C GLY A 430 -24.56 -16.04 6.34
N THR A 431 -23.50 -16.80 6.15
CA THR A 431 -23.31 -18.04 6.91
C THR A 431 -22.57 -17.84 8.22
N LEU A 432 -21.96 -16.68 8.44
CA LEU A 432 -21.17 -16.48 9.66
C LEU A 432 -22.05 -16.41 10.92
N PRO A 433 -23.13 -15.61 10.96
CA PRO A 433 -23.98 -15.67 12.15
C PRO A 433 -24.68 -17.00 12.33
N PHE A 434 -25.02 -17.68 11.23
CA PHE A 434 -25.61 -19.01 11.33
C PHE A 434 -24.62 -20.01 11.90
N THR A 435 -23.35 -19.92 11.49
CA THR A 435 -22.34 -20.88 11.92
C THR A 435 -21.99 -20.68 13.39
N TYR A 436 -21.72 -19.43 13.79
CA TYR A 436 -21.30 -19.16 15.16
C TYR A 436 -22.41 -19.46 16.16
N MET A 437 -23.63 -19.03 15.85
CA MET A 437 -24.74 -19.27 16.77
C MET A 437 -25.05 -20.76 16.90
N LEU A 438 -24.94 -21.50 15.80
CA LEU A 438 -25.20 -22.94 15.86
C LEU A 438 -24.14 -23.65 16.69
N GLU A 439 -22.87 -23.31 16.50
CA GLU A 439 -21.80 -24.00 17.23
C GLU A 439 -21.80 -23.61 18.70
N LYS A 440 -22.09 -22.34 19.02
CA LYS A 440 -22.14 -21.94 20.41
C LYS A 440 -23.29 -22.59 21.15
N TRP A 441 -24.41 -22.84 20.45
CA TRP A 441 -25.50 -23.60 21.06
C TRP A 441 -25.03 -24.98 21.47
N ARG A 442 -24.32 -25.67 20.57
CA ARG A 442 -23.75 -26.95 20.93
C ARG A 442 -22.64 -26.80 21.96
N TRP A 443 -21.92 -25.67 21.95
CA TRP A 443 -20.89 -25.44 22.94
C TRP A 443 -21.49 -25.35 24.35
N MET A 444 -22.58 -24.59 24.49
CA MET A 444 -23.21 -24.44 25.80
C MET A 444 -24.03 -25.65 26.18
N VAL A 445 -24.54 -26.41 25.20
CA VAL A 445 -25.26 -27.64 25.51
C VAL A 445 -24.31 -28.70 26.07
N PHE A 446 -23.12 -28.80 25.50
CA PHE A 446 -22.16 -29.80 25.95
C PHE A 446 -21.64 -29.47 27.35
N LYS A 447 -21.42 -28.19 27.64
CA LYS A 447 -20.95 -27.81 28.97
C LYS A 447 -22.05 -27.98 30.01
N GLY A 448 -23.30 -27.69 29.64
CA GLY A 448 -24.42 -27.80 30.56
C GLY A 448 -25.12 -26.49 30.85
N GLU A 449 -24.73 -25.38 30.22
CA GLU A 449 -25.39 -24.10 30.47
C GLU A 449 -26.80 -24.03 29.88
N ILE A 450 -27.20 -25.02 29.10
CA ILE A 450 -28.56 -25.09 28.57
C ILE A 450 -29.20 -26.40 29.05
N PRO A 451 -30.18 -26.33 29.94
CA PRO A 451 -30.83 -27.56 30.42
C PRO A 451 -31.56 -28.28 29.30
N LYS A 452 -31.92 -29.54 29.58
CA LYS A 452 -32.58 -30.36 28.56
C LYS A 452 -33.99 -29.86 28.27
N ASP A 453 -34.70 -29.39 29.29
CA ASP A 453 -36.08 -28.94 29.13
C ASP A 453 -36.18 -27.54 28.55
N GLN A 454 -35.06 -26.94 28.13
CA GLN A 454 -35.09 -25.64 27.46
C GLN A 454 -34.13 -25.60 26.28
N TRP A 455 -33.95 -26.75 25.62
CA TRP A 455 -33.06 -26.79 24.45
C TRP A 455 -33.59 -25.92 23.32
N MET A 456 -34.87 -26.08 22.97
CA MET A 456 -35.43 -25.37 21.83
C MET A 456 -35.78 -23.91 22.13
N LYS A 457 -36.01 -23.57 23.40
CA LYS A 457 -36.27 -22.18 23.74
C LYS A 457 -35.02 -21.32 23.59
N LYS A 458 -33.89 -21.80 24.13
CA LYS A 458 -32.64 -21.07 23.97
C LYS A 458 -32.08 -21.18 22.56
N TRP A 459 -32.47 -22.21 21.81
CA TRP A 459 -32.05 -22.31 20.42
C TRP A 459 -32.63 -21.17 19.59
N TRP A 460 -33.92 -20.89 19.75
CA TRP A 460 -34.55 -19.80 19.03
C TRP A 460 -34.36 -18.46 19.72
N GLU A 461 -33.92 -18.44 20.99
CA GLU A 461 -33.54 -17.19 21.61
C GLU A 461 -32.30 -16.60 20.96
N MET A 462 -31.32 -17.46 20.64
CA MET A 462 -30.13 -17.01 19.94
C MET A 462 -30.33 -16.86 18.45
N LYS A 463 -31.32 -17.56 17.87
CA LYS A 463 -31.67 -17.34 16.47
C LYS A 463 -32.23 -15.95 16.25
N ARG A 464 -33.10 -15.50 17.16
CA ARG A 464 -33.70 -14.17 17.03
C ARG A 464 -32.67 -13.07 17.29
N GLU A 465 -31.79 -13.28 18.27
CA GLU A 465 -30.85 -12.24 18.68
C GLU A 465 -29.58 -12.24 17.83
N ILE A 466 -28.88 -13.37 17.78
CA ILE A 466 -27.59 -13.41 17.09
C ILE A 466 -27.77 -13.44 15.59
N VAL A 467 -28.66 -14.31 15.10
CA VAL A 467 -28.83 -14.48 13.66
C VAL A 467 -29.82 -13.47 13.08
N GLY A 468 -30.80 -13.05 13.87
CA GLY A 468 -31.87 -12.23 13.32
C GLY A 468 -32.88 -13.02 12.53
N VAL A 469 -33.13 -14.26 12.92
CA VAL A 469 -34.03 -15.16 12.20
C VAL A 469 -34.99 -15.78 13.21
N VAL A 470 -36.29 -15.68 12.92
CA VAL A 470 -37.34 -16.15 13.82
C VAL A 470 -38.04 -17.33 13.18
N GLU A 471 -38.41 -18.31 14.00
CA GLU A 471 -39.11 -19.48 13.50
C GLU A 471 -40.55 -19.11 13.11
N PRO A 472 -41.10 -19.76 12.07
CA PRO A 472 -42.49 -19.48 11.70
C PRO A 472 -43.52 -20.24 12.53
N VAL A 473 -43.14 -21.38 13.11
CA VAL A 473 -44.03 -22.17 13.96
C VAL A 473 -43.37 -22.35 15.32
N PRO A 474 -44.07 -22.10 16.43
CA PRO A 474 -43.47 -22.32 17.75
C PRO A 474 -43.17 -23.80 17.98
N HIS A 475 -41.96 -24.07 18.44
CA HIS A 475 -41.48 -25.44 18.65
C HIS A 475 -41.22 -25.67 20.13
N ASP A 476 -41.83 -26.72 20.67
CA ASP A 476 -41.60 -27.12 22.05
C ASP A 476 -40.36 -28.01 22.12
N GLU A 477 -40.15 -28.65 23.27
CA GLU A 477 -38.95 -29.47 23.47
C GLU A 477 -39.00 -30.80 22.75
N THR A 478 -40.15 -31.19 22.19
CA THR A 478 -40.20 -32.41 21.39
C THR A 478 -39.47 -32.26 20.06
N TYR A 479 -39.25 -31.02 19.62
CA TYR A 479 -38.52 -30.77 18.39
C TYR A 479 -37.02 -30.86 18.63
N CYS A 480 -36.29 -31.23 17.57
CA CYS A 480 -34.83 -31.14 17.55
C CYS A 480 -34.47 -30.55 16.19
N ASP A 481 -34.44 -29.23 16.12
CA ASP A 481 -34.20 -28.50 14.88
C ASP A 481 -32.73 -28.46 14.49
N PRO A 482 -31.78 -28.26 15.42
CA PRO A 482 -30.37 -28.35 15.02
C PRO A 482 -30.01 -29.69 14.38
N ALA A 483 -30.53 -30.80 14.92
CA ALA A 483 -30.26 -32.10 14.35
C ALA A 483 -30.87 -32.29 12.96
N SER A 484 -31.76 -31.38 12.53
CA SER A 484 -32.25 -31.43 11.16
C SER A 484 -31.21 -31.00 10.15
N LEU A 485 -30.05 -30.52 10.60
CA LEU A 485 -28.93 -30.23 9.72
C LEU A 485 -27.98 -31.43 9.70
N PHE A 486 -27.24 -31.56 8.60
CA PHE A 486 -26.35 -32.71 8.43
C PHE A 486 -25.27 -32.73 9.50
N HIS A 487 -24.51 -31.65 9.63
CA HIS A 487 -23.33 -31.65 10.50
C HIS A 487 -23.67 -31.86 11.96
N VAL A 488 -24.90 -31.54 12.38
CA VAL A 488 -25.26 -31.72 13.78
C VAL A 488 -25.61 -33.18 14.06
N SER A 489 -26.40 -33.80 13.19
CA SER A 489 -26.82 -35.18 13.40
C SER A 489 -25.81 -36.20 12.91
N ASN A 490 -24.73 -35.77 12.25
CA ASN A 490 -23.71 -36.67 11.75
C ASN A 490 -22.38 -36.51 12.47
N ASP A 491 -22.39 -35.89 13.66
CA ASP A 491 -21.21 -35.79 14.53
C ASP A 491 -20.06 -35.09 13.81
N TYR A 492 -20.29 -33.83 13.47
CA TYR A 492 -19.29 -33.02 12.79
C TYR A 492 -19.22 -31.65 13.44
N SER A 493 -18.01 -31.16 13.69
CA SER A 493 -17.82 -29.81 14.17
C SER A 493 -18.22 -28.82 13.07
N PHE A 494 -18.76 -27.68 13.50
CA PHE A 494 -19.27 -26.69 12.56
C PHE A 494 -18.54 -25.35 12.61
N ILE A 495 -17.80 -25.05 13.69
CA ILE A 495 -17.07 -23.80 13.76
C ILE A 495 -15.96 -23.73 12.74
N ARG A 496 -15.60 -24.87 12.14
CA ARG A 496 -14.57 -24.88 11.09
C ARG A 496 -14.94 -23.99 9.91
N TYR A 497 -16.24 -23.90 9.60
CA TYR A 497 -16.68 -23.08 8.47
C TYR A 497 -16.61 -21.59 8.79
N TYR A 498 -16.53 -21.23 10.07
CA TYR A 498 -16.35 -19.82 10.44
C TYR A 498 -14.90 -19.39 10.26
N THR A 499 -13.98 -20.13 10.86
CA THR A 499 -12.56 -19.79 10.73
C THR A 499 -12.07 -19.96 9.29
N ARG A 500 -12.65 -20.92 8.55
CA ARG A 500 -12.31 -21.07 7.14
C ARG A 500 -12.62 -19.80 6.36
N THR A 501 -13.74 -19.15 6.67
CA THR A 501 -14.11 -17.93 5.96
C THR A 501 -13.10 -16.82 6.23
N LEU A 502 -12.69 -16.65 7.48
CA LEU A 502 -11.72 -15.59 7.80
C LEU A 502 -10.32 -15.94 7.32
N TYR A 503 -9.96 -17.22 7.32
CA TYR A 503 -8.64 -17.62 6.83
C TYR A 503 -8.51 -17.36 5.33
N GLN A 504 -9.60 -17.60 4.57
CA GLN A 504 -9.50 -17.52 3.11
C GLN A 504 -9.29 -16.09 2.62
N PHE A 505 -9.71 -15.10 3.39
CA PHE A 505 -9.49 -13.71 2.99
C PHE A 505 -8.21 -13.13 3.55
N GLN A 506 -7.66 -13.71 4.63
CA GLN A 506 -6.31 -13.38 5.02
C GLN A 506 -5.30 -13.98 4.04
N PHE A 507 -5.59 -15.17 3.52
CA PHE A 507 -4.75 -15.77 2.50
C PHE A 507 -4.79 -14.98 1.20
N GLN A 508 -6.01 -14.69 0.72
CA GLN A 508 -6.15 -14.01 -0.57
C GLN A 508 -5.53 -12.62 -0.54
N GLU A 509 -5.68 -11.90 0.58
CA GLU A 509 -5.06 -10.58 0.68
C GLU A 509 -3.54 -10.67 0.62
N ALA A 510 -2.96 -11.64 1.32
CA ALA A 510 -1.50 -11.77 1.34
C ALA A 510 -0.97 -12.28 0.00
N LEU A 511 -1.69 -13.19 -0.64
CA LEU A 511 -1.22 -13.71 -1.93
C LEU A 511 -1.30 -12.63 -3.01
N CYS A 512 -2.44 -11.95 -3.11
CA CYS A 512 -2.57 -10.86 -4.08
C CYS A 512 -1.64 -9.71 -3.75
N GLN A 513 -1.29 -9.53 -2.47
CA GLN A 513 -0.31 -8.51 -2.10
C GLN A 513 1.04 -8.78 -2.75
N ALA A 514 1.45 -10.04 -2.77
CA ALA A 514 2.69 -10.46 -3.43
C ALA A 514 2.47 -10.81 -4.89
N ALA A 515 1.23 -10.71 -5.39
CA ALA A 515 0.92 -11.03 -6.78
C ALA A 515 0.77 -9.80 -7.65
N LYS A 516 1.27 -8.65 -7.18
CA LYS A 516 1.30 -7.42 -7.98
C LYS A 516 -0.10 -6.99 -8.41
N HIS A 517 -1.02 -6.96 -7.45
CA HIS A 517 -2.42 -6.67 -7.70
C HIS A 517 -2.71 -5.20 -7.44
N GLU A 518 -3.35 -4.54 -8.40
CA GLU A 518 -3.80 -3.16 -8.27
C GLU A 518 -5.31 -3.11 -8.37
N GLY A 519 -5.94 -2.36 -7.48
CA GLY A 519 -7.38 -2.24 -7.48
C GLY A 519 -8.02 -2.92 -6.28
N PRO A 520 -9.34 -3.10 -6.33
CA PRO A 520 -10.03 -3.76 -5.21
C PRO A 520 -9.58 -5.21 -5.05
N LEU A 521 -9.70 -5.71 -3.82
CA LEU A 521 -9.24 -7.06 -3.53
C LEU A 521 -10.12 -8.12 -4.19
N HIS A 522 -11.40 -7.81 -4.41
CA HIS A 522 -12.32 -8.81 -4.93
C HIS A 522 -12.12 -9.10 -6.42
N LYS A 523 -11.34 -8.28 -7.13
CA LYS A 523 -11.07 -8.49 -8.54
C LYS A 523 -9.72 -9.17 -8.78
N CYS A 524 -9.17 -9.81 -7.76
CA CYS A 524 -7.83 -10.37 -7.87
C CYS A 524 -7.85 -11.75 -8.51
N ASP A 525 -6.73 -12.10 -9.15
CA ASP A 525 -6.55 -13.42 -9.75
C ASP A 525 -5.06 -13.73 -9.68
N ILE A 526 -4.69 -14.62 -8.75
CA ILE A 526 -3.28 -14.84 -8.42
C ILE A 526 -2.52 -15.63 -9.48
N SER A 527 -3.19 -16.13 -10.51
CA SER A 527 -2.51 -16.96 -11.49
C SER A 527 -1.49 -16.13 -12.27
N ASN A 528 -0.48 -16.83 -12.81
CA ASN A 528 0.68 -16.30 -13.52
C ASN A 528 1.68 -15.61 -12.60
N SER A 529 1.41 -15.53 -11.29
CA SER A 529 2.31 -14.92 -10.33
C SER A 529 2.92 -16.02 -9.48
N THR A 530 4.10 -16.51 -9.89
CA THR A 530 4.77 -17.56 -9.15
C THR A 530 5.24 -17.10 -7.78
N GLU A 531 5.37 -15.79 -7.57
CA GLU A 531 5.77 -15.27 -6.26
C GLU A 531 4.69 -15.52 -5.22
N ALA A 532 3.42 -15.51 -5.64
CA ALA A 532 2.33 -15.77 -4.70
C ALA A 532 2.18 -17.25 -4.42
N GLY A 533 2.35 -18.09 -5.44
CA GLY A 533 2.28 -19.52 -5.24
C GLY A 533 3.39 -20.05 -4.35
N GLN A 534 4.56 -19.41 -4.39
CA GLN A 534 5.67 -19.84 -3.53
C GLN A 534 5.41 -19.48 -2.08
N LYS A 535 4.85 -18.30 -1.83
CA LYS A 535 4.51 -17.92 -0.46
C LYS A 535 3.41 -18.80 0.11
N LEU A 536 2.53 -19.31 -0.75
CA LEU A 536 1.51 -20.25 -0.30
C LEU A 536 2.10 -21.65 -0.10
N PHE A 537 3.01 -22.06 -0.98
CA PHE A 537 3.62 -23.38 -0.87
C PHE A 537 4.43 -23.52 0.41
N ASN A 538 5.01 -22.42 0.91
CA ASN A 538 5.81 -22.47 2.12
C ASN A 538 4.99 -22.89 3.33
N MET A 539 3.67 -22.73 3.28
CA MET A 539 2.79 -23.17 4.35
C MET A 539 2.17 -24.53 4.08
N LEU A 540 1.88 -24.86 2.82
CA LEU A 540 1.26 -26.13 2.49
C LEU A 540 2.20 -27.30 2.78
N ARG A 541 3.49 -27.13 2.51
CA ARG A 541 4.44 -28.22 2.75
C ARG A 541 4.65 -28.50 4.23
N LEU A 542 4.31 -27.55 5.11
CA LEU A 542 4.45 -27.78 6.54
C LEU A 542 3.42 -28.78 7.04
N GLY A 543 2.16 -28.60 6.64
CA GLY A 543 1.12 -29.51 7.10
C GLY A 543 0.81 -29.30 8.57
N LYS A 544 0.88 -30.39 9.33
CA LYS A 544 0.63 -30.36 10.77
C LYS A 544 1.92 -30.29 11.58
N SER A 545 3.06 -30.11 10.92
CA SER A 545 4.34 -30.15 11.62
C SER A 545 4.51 -28.94 12.54
N GLU A 546 4.14 -27.77 12.08
CA GLU A 546 4.29 -26.57 12.89
C GLU A 546 2.92 -25.99 13.24
N PRO A 547 2.80 -25.29 14.37
CA PRO A 547 1.48 -24.81 14.82
C PRO A 547 0.83 -23.90 13.79
N TRP A 548 -0.52 -23.91 13.79
CA TRP A 548 -1.26 -23.09 12.85
C TRP A 548 -1.05 -21.61 13.09
N THR A 549 -0.75 -21.22 14.34
CA THR A 549 -0.46 -19.82 14.63
C THR A 549 0.79 -19.37 13.89
N LEU A 550 1.82 -20.22 13.84
CA LEU A 550 3.02 -19.90 13.08
C LEU A 550 2.82 -20.12 11.60
N ALA A 551 2.11 -21.20 11.22
CA ALA A 551 1.86 -21.47 9.81
C ALA A 551 1.00 -20.39 9.16
N LEU A 552 0.13 -19.75 9.95
CA LEU A 552 -0.65 -18.64 9.40
C LEU A 552 0.21 -17.43 9.11
N GLU A 553 1.20 -17.16 9.97
CA GLU A 553 2.07 -16.01 9.78
C GLU A 553 3.04 -16.20 8.62
N ASN A 554 3.30 -17.46 8.21
CA ASN A 554 4.19 -17.70 7.08
C ASN A 554 3.62 -17.16 5.78
N VAL A 555 2.33 -16.84 5.74
CA VAL A 555 1.67 -16.29 4.55
C VAL A 555 1.14 -14.89 4.81
N VAL A 556 0.35 -14.73 5.87
CA VAL A 556 -0.34 -13.47 6.08
C VAL A 556 0.55 -12.46 6.79
N GLY A 557 1.23 -12.90 7.85
CA GLY A 557 2.00 -12.01 8.69
C GLY A 557 1.38 -11.72 10.04
N ALA A 558 0.38 -12.50 10.45
CA ALA A 558 -0.26 -12.34 11.75
C ALA A 558 -0.40 -13.71 12.40
N LYS A 559 -0.24 -13.75 13.72
CA LYS A 559 -0.21 -15.00 14.46
C LYS A 559 -1.60 -15.46 14.91
N ASN A 560 -2.66 -14.74 14.56
CA ASN A 560 -4.00 -15.09 14.99
C ASN A 560 -4.99 -14.76 13.89
N MET A 561 -6.19 -15.32 14.03
CA MET A 561 -7.26 -15.05 13.06
C MET A 561 -7.63 -13.58 13.07
N ASN A 562 -7.69 -12.98 11.88
CA ASN A 562 -7.99 -11.57 11.72
C ASN A 562 -9.23 -11.39 10.86
N VAL A 563 -10.06 -10.42 11.23
CA VAL A 563 -11.32 -10.17 10.53
C VAL A 563 -11.23 -9.00 9.56
N ARG A 564 -10.18 -8.18 9.64
CA ARG A 564 -10.06 -7.03 8.75
C ARG A 564 -10.01 -7.40 7.28
N PRO A 565 -9.26 -8.42 6.82
CA PRO A 565 -9.28 -8.75 5.40
C PRO A 565 -10.66 -9.14 4.87
N LEU A 566 -11.50 -9.73 5.72
CA LEU A 566 -12.85 -10.09 5.28
C LEU A 566 -13.71 -8.85 5.05
N LEU A 567 -13.60 -7.85 5.92
CA LEU A 567 -14.44 -6.67 5.81
C LEU A 567 -14.06 -5.82 4.60
N ASN A 568 -12.76 -5.74 4.29
CA ASN A 568 -12.32 -4.95 3.15
C ASN A 568 -12.70 -5.58 1.82
N TYR A 569 -12.93 -6.90 1.80
CA TYR A 569 -13.40 -7.55 0.58
C TYR A 569 -14.81 -7.11 0.23
N PHE A 570 -15.62 -6.74 1.22
CA PHE A 570 -17.03 -6.40 1.02
C PHE A 570 -17.32 -4.93 1.32
N GLU A 571 -16.29 -4.09 1.41
CA GLU A 571 -16.52 -2.69 1.75
C GLU A 571 -17.17 -1.91 0.60
N PRO A 572 -16.80 -2.15 -0.67
CA PRO A 572 -17.59 -1.56 -1.76
C PRO A 572 -19.07 -1.89 -1.68
N LEU A 573 -19.42 -3.05 -1.13
CA LEU A 573 -20.82 -3.37 -0.86
C LEU A 573 -21.27 -2.79 0.47
N PHE A 574 -20.37 -2.72 1.45
CA PHE A 574 -20.73 -2.22 2.78
C PHE A 574 -21.25 -0.78 2.72
N THR A 575 -20.48 0.10 2.08
CA THR A 575 -20.92 1.48 1.95
C THR A 575 -22.16 1.61 1.06
N TRP A 576 -22.27 0.74 0.05
CA TRP A 576 -23.47 0.74 -0.79
C TRP A 576 -24.69 0.30 0.00
N LEU A 577 -24.52 -0.65 0.93
CA LEU A 577 -25.62 -1.05 1.79
C LEU A 577 -25.98 0.02 2.80
N LYS A 578 -25.01 0.87 3.16
CA LYS A 578 -25.27 1.94 4.13
C LYS A 578 -26.22 2.99 3.55
N ASP A 579 -26.02 3.37 2.29
CA ASP A 579 -26.89 4.35 1.66
C ASP A 579 -28.22 3.73 1.23
N GLN A 580 -28.21 2.46 0.82
CA GLN A 580 -29.45 1.79 0.47
C GLN A 580 -30.33 1.49 1.69
N ASN A 581 -29.81 1.71 2.90
CA ASN A 581 -30.57 1.53 4.13
C ASN A 581 -30.77 2.85 4.87
N LYS A 582 -30.64 3.98 4.17
CA LYS A 582 -30.78 5.28 4.83
C LYS A 582 -32.20 5.50 5.33
N ASN A 583 -33.20 5.01 4.59
CA ASN A 583 -34.60 5.07 5.00
C ASN A 583 -35.13 3.71 5.41
N SER A 584 -34.24 2.79 5.75
CA SER A 584 -34.62 1.47 6.25
C SER A 584 -34.23 1.36 7.72
N PHE A 585 -34.62 0.24 8.33
CA PHE A 585 -34.33 -0.03 9.73
C PHE A 585 -33.32 -1.18 9.80
N VAL A 586 -32.09 -0.85 10.18
CA VAL A 586 -31.07 -1.86 10.39
C VAL A 586 -31.16 -2.35 11.83
N GLY A 587 -31.03 -3.65 12.01
CA GLY A 587 -31.30 -4.30 13.28
C GLY A 587 -32.63 -5.04 13.26
N TRP A 588 -32.98 -5.61 14.41
CA TRP A 588 -34.19 -6.40 14.50
C TRP A 588 -34.63 -6.50 15.96
N SER A 589 -35.93 -6.66 16.15
CA SER A 589 -36.52 -6.88 17.46
C SER A 589 -36.79 -8.37 17.64
N THR A 590 -36.57 -8.87 18.85
CA THR A 590 -36.68 -10.30 19.13
C THR A 590 -38.10 -10.74 19.45
N ASP A 591 -38.99 -9.81 19.81
CA ASP A 591 -40.33 -10.17 20.26
C ASP A 591 -41.31 -10.43 19.12
N TRP A 592 -40.97 -10.05 17.88
CA TRP A 592 -41.87 -10.24 16.77
C TRP A 592 -41.86 -11.69 16.31
N SER A 593 -43.01 -12.16 15.85
CA SER A 593 -43.17 -13.53 15.37
C SER A 593 -44.22 -13.54 14.27
N PRO A 594 -44.02 -14.32 13.20
CA PRO A 594 -45.05 -14.40 12.15
C PRO A 594 -46.32 -15.08 12.61
N TYR A 595 -46.30 -15.79 13.73
CA TYR A 595 -47.51 -16.38 14.30
C TYR A 595 -48.13 -15.54 15.40
N ALA A 596 -47.44 -14.49 15.85
CA ALA A 596 -47.94 -13.57 16.87
C ALA A 596 -48.37 -14.29 18.14
N THR B 15 36.59 -63.30 -28.21
CA THR B 15 35.33 -63.03 -28.90
C THR B 15 34.14 -63.31 -27.97
N ASN B 16 34.33 -63.08 -26.68
CA ASN B 16 33.30 -63.29 -25.68
C ASN B 16 32.81 -61.95 -25.16
N LEU B 17 31.53 -61.67 -25.39
CA LEU B 17 30.93 -60.44 -24.89
C LEU B 17 30.50 -60.62 -23.44
N CYS B 18 30.65 -59.57 -22.65
CA CYS B 18 30.30 -59.64 -21.24
C CYS B 18 28.80 -59.86 -21.09
N PRO B 19 28.38 -60.86 -20.30
CA PRO B 19 26.95 -61.16 -20.18
C PRO B 19 26.19 -60.12 -19.37
N PHE B 20 25.94 -58.96 -19.99
CA PHE B 20 25.11 -57.95 -19.35
C PHE B 20 23.63 -58.28 -19.42
N GLY B 21 23.21 -59.10 -20.39
CA GLY B 21 21.83 -59.52 -20.47
C GLY B 21 21.41 -60.38 -19.29
N GLU B 22 22.35 -61.13 -18.72
CA GLU B 22 22.05 -61.93 -17.54
C GLU B 22 21.82 -61.06 -16.31
N VAL B 23 22.31 -59.82 -16.32
CA VAL B 23 22.14 -58.91 -15.19
C VAL B 23 20.90 -58.04 -15.37
N PHE B 24 20.80 -57.37 -16.52
CA PHE B 24 19.68 -56.45 -16.75
C PHE B 24 18.40 -57.20 -17.06
N ASN B 25 18.44 -58.13 -18.01
CA ASN B 25 17.27 -58.88 -18.44
C ASN B 25 17.01 -60.11 -17.58
N ALA B 26 17.52 -60.13 -16.35
CA ALA B 26 17.32 -61.28 -15.47
C ALA B 26 15.83 -61.46 -15.16
N THR B 27 15.44 -62.71 -14.90
CA THR B 27 14.05 -63.01 -14.63
C THR B 27 13.58 -62.35 -13.34
N THR B 28 14.22 -62.69 -12.22
CA THR B 28 13.88 -62.13 -10.92
C THR B 28 15.05 -61.33 -10.37
N PHE B 29 14.73 -60.32 -9.57
CA PHE B 29 15.72 -59.45 -8.97
C PHE B 29 15.75 -59.64 -7.46
N ALA B 30 16.90 -59.36 -6.86
CA ALA B 30 17.06 -59.46 -5.42
C ALA B 30 16.56 -58.20 -4.74
N SER B 31 16.20 -58.34 -3.46
CA SER B 31 15.85 -57.18 -2.65
C SER B 31 17.12 -56.51 -2.13
N VAL B 32 17.02 -55.20 -1.90
CA VAL B 32 18.22 -54.39 -1.68
C VAL B 32 18.97 -54.82 -0.42
N TYR B 33 18.26 -55.35 0.58
CA TYR B 33 18.95 -55.81 1.78
C TYR B 33 19.85 -57.00 1.47
N ALA B 34 19.47 -57.81 0.49
CA ALA B 34 20.28 -58.95 0.05
C ALA B 34 20.72 -58.75 -1.39
N TRP B 35 21.19 -57.55 -1.72
CA TRP B 35 21.53 -57.20 -3.09
C TRP B 35 22.51 -58.20 -3.69
N ASN B 36 22.28 -58.53 -4.97
CA ASN B 36 23.01 -59.58 -5.65
C ASN B 36 24.16 -58.99 -6.45
N ARG B 37 25.37 -59.44 -6.18
CA ARG B 37 26.57 -59.02 -6.89
C ARG B 37 27.03 -60.12 -7.82
N LYS B 38 27.37 -59.76 -9.06
CA LYS B 38 27.86 -60.71 -10.05
C LYS B 38 29.04 -60.06 -10.76
N ARG B 39 30.24 -60.58 -10.49
CA ARG B 39 31.46 -60.04 -11.10
C ARG B 39 31.61 -60.53 -12.53
N ILE B 40 32.15 -59.66 -13.38
CA ILE B 40 32.28 -59.92 -14.80
C ILE B 40 33.75 -59.80 -15.17
N SER B 41 34.30 -60.84 -15.79
CA SER B 41 35.73 -60.88 -16.10
C SER B 41 35.95 -61.60 -17.42
N ASN B 42 37.09 -61.30 -18.04
CA ASN B 42 37.56 -61.98 -19.25
C ASN B 42 36.50 -61.95 -20.35
N CYS B 43 36.17 -60.74 -20.79
CA CYS B 43 35.08 -60.59 -21.76
C CYS B 43 35.26 -59.27 -22.50
N VAL B 44 34.27 -58.93 -23.32
CA VAL B 44 34.24 -57.72 -24.13
C VAL B 44 32.94 -56.99 -23.84
N ALA B 45 33.03 -55.72 -23.46
CA ALA B 45 31.88 -54.95 -23.00
C ALA B 45 31.63 -53.79 -23.95
N ASP B 46 30.45 -53.76 -24.57
CA ASP B 46 30.00 -52.62 -25.37
C ASP B 46 29.12 -51.76 -24.47
N TYR B 47 29.76 -50.89 -23.71
CA TYR B 47 29.05 -50.09 -22.72
C TYR B 47 28.09 -49.11 -23.36
N SER B 48 28.46 -48.55 -24.52
CA SER B 48 27.62 -47.56 -25.18
C SER B 48 26.27 -48.13 -25.61
N VAL B 49 26.15 -49.47 -25.71
CA VAL B 49 24.87 -50.08 -26.00
C VAL B 49 23.86 -49.74 -24.92
N LEU B 50 24.31 -49.64 -23.66
CA LEU B 50 23.39 -49.37 -22.56
C LEU B 50 22.85 -47.94 -22.62
N TYR B 51 23.72 -46.96 -22.89
CA TYR B 51 23.25 -45.59 -22.98
C TYR B 51 22.58 -45.27 -24.30
N ASN B 52 22.89 -46.00 -25.37
CA ASN B 52 22.21 -45.81 -26.64
C ASN B 52 20.92 -46.64 -26.66
N SER B 53 20.10 -46.50 -25.63
CA SER B 53 18.84 -47.21 -25.51
C SER B 53 17.67 -46.30 -25.22
N THR B 54 17.88 -45.24 -24.44
CA THR B 54 16.84 -44.29 -24.03
C THR B 54 15.70 -44.97 -23.28
N SER B 55 15.96 -46.13 -22.67
CA SER B 55 14.95 -46.87 -21.93
C SER B 55 15.21 -46.90 -20.43
N PHE B 56 16.26 -46.24 -19.96
CA PHE B 56 16.62 -46.24 -18.55
C PHE B 56 16.18 -44.93 -17.89
N SER B 57 15.61 -45.04 -16.69
CA SER B 57 15.17 -43.85 -15.98
C SER B 57 16.33 -43.05 -15.43
N THR B 58 17.39 -43.73 -14.98
CA THR B 58 18.55 -43.07 -14.39
C THR B 58 19.81 -43.71 -14.94
N PHE B 59 20.66 -42.92 -15.57
CA PHE B 59 21.96 -43.37 -16.07
C PHE B 59 22.98 -42.30 -15.68
N LYS B 60 23.55 -42.44 -14.49
CA LYS B 60 24.50 -41.47 -13.95
C LYS B 60 25.80 -42.20 -13.61
N CYS B 61 26.90 -41.76 -14.22
CA CYS B 61 28.22 -42.29 -13.94
C CYS B 61 29.00 -41.29 -13.07
N TYR B 62 29.92 -41.82 -12.27
CA TYR B 62 30.54 -40.99 -11.24
C TYR B 62 32.07 -41.02 -11.30
N GLY B 63 32.65 -42.13 -11.75
CA GLY B 63 34.09 -42.16 -11.95
C GLY B 63 34.44 -42.41 -13.41
N VAL B 64 33.60 -43.20 -14.07
CA VAL B 64 33.69 -43.39 -15.50
C VAL B 64 32.76 -42.38 -16.17
N SER B 65 32.94 -42.20 -17.48
CA SER B 65 32.04 -41.37 -18.24
C SER B 65 31.31 -42.22 -19.27
N PRO B 66 29.99 -42.10 -19.41
CA PRO B 66 29.29 -42.79 -20.49
C PRO B 66 29.64 -42.27 -21.88
N THR B 67 30.57 -41.32 -21.97
CA THR B 67 30.99 -40.76 -23.24
C THR B 67 31.88 -41.74 -23.99
N LYS B 68 31.28 -42.81 -24.52
CA LYS B 68 31.91 -43.84 -25.35
C LYS B 68 33.31 -44.22 -24.86
N LEU B 69 33.47 -44.37 -23.56
CA LEU B 69 34.77 -44.71 -22.97
C LEU B 69 34.86 -46.19 -22.67
N ASN B 70 34.24 -47.02 -23.51
CA ASN B 70 34.57 -48.43 -23.51
C ASN B 70 35.97 -48.68 -24.08
N ASP B 71 36.64 -47.63 -24.55
CA ASP B 71 38.00 -47.69 -25.07
C ASP B 71 39.06 -47.86 -23.99
N LEU B 72 38.65 -48.14 -22.76
CA LEU B 72 39.56 -48.33 -21.64
C LEU B 72 39.36 -49.73 -21.05
N CYS B 73 40.33 -50.17 -20.26
CA CYS B 73 40.31 -51.48 -19.63
C CYS B 73 40.15 -51.35 -18.13
N PHE B 74 39.57 -52.39 -17.52
CA PHE B 74 39.49 -52.53 -16.08
C PHE B 74 39.76 -53.98 -15.71
N THR B 75 40.27 -54.17 -14.49
CA THR B 75 40.62 -55.51 -14.03
C THR B 75 39.36 -56.34 -13.78
N ASN B 76 38.43 -55.80 -13.01
CA ASN B 76 37.16 -56.46 -12.75
C ASN B 76 36.09 -55.41 -12.53
N VAL B 77 34.90 -55.66 -13.07
CA VAL B 77 33.74 -54.79 -12.88
C VAL B 77 32.61 -55.64 -12.30
N TYR B 78 31.94 -55.11 -11.28
CA TYR B 78 30.91 -55.83 -10.55
C TYR B 78 29.54 -55.25 -10.90
N ALA B 79 28.54 -56.13 -10.98
CA ALA B 79 27.18 -55.74 -11.36
C ALA B 79 26.25 -56.05 -10.19
N ASP B 80 26.02 -55.05 -9.34
CA ASP B 80 25.08 -55.17 -8.24
C ASP B 80 23.70 -54.73 -8.70
N SER B 81 22.68 -55.53 -8.34
CA SER B 81 21.32 -55.26 -8.77
C SER B 81 20.36 -55.47 -7.60
N PHE B 82 19.31 -54.66 -7.56
CA PHE B 82 18.30 -54.73 -6.51
C PHE B 82 17.08 -53.94 -6.97
N VAL B 83 16.06 -53.89 -6.11
CA VAL B 83 14.81 -53.20 -6.38
C VAL B 83 14.47 -52.32 -5.18
N ILE B 84 14.23 -51.03 -5.45
CA ILE B 84 13.87 -50.05 -4.42
C ILE B 84 12.78 -49.15 -4.96
N THR B 85 12.37 -48.17 -4.15
CA THR B 85 11.35 -47.22 -4.55
C THR B 85 11.93 -46.16 -5.48
N GLY B 86 11.05 -45.31 -6.00
CA GLY B 86 11.48 -44.26 -6.90
C GLY B 86 12.30 -43.19 -6.20
N ASP B 87 11.80 -42.71 -5.05
CA ASP B 87 12.52 -41.70 -4.28
C ASP B 87 13.72 -42.26 -3.52
N GLU B 88 13.99 -43.56 -3.64
CA GLU B 88 15.11 -44.16 -2.94
C GLU B 88 16.31 -44.41 -3.85
N VAL B 89 16.14 -44.31 -5.17
CA VAL B 89 17.30 -44.38 -6.05
C VAL B 89 18.17 -43.14 -5.93
N ARG B 90 17.61 -42.05 -5.38
CA ARG B 90 18.41 -40.89 -5.04
C ARG B 90 19.51 -41.25 -4.04
N GLN B 91 19.24 -42.20 -3.15
CA GLN B 91 20.23 -42.63 -2.17
C GLN B 91 21.34 -43.48 -2.78
N ILE B 92 21.17 -43.95 -4.02
CA ILE B 92 22.22 -44.75 -4.69
C ILE B 92 23.12 -43.75 -5.38
N ALA B 93 24.05 -43.20 -4.59
CA ALA B 93 24.98 -42.16 -5.04
C ALA B 93 26.03 -41.93 -3.96
N PRO B 94 27.23 -41.44 -4.31
CA PRO B 94 28.24 -41.17 -3.29
C PRO B 94 27.81 -40.04 -2.37
N GLY B 95 28.04 -40.25 -1.07
CA GLY B 95 27.72 -39.23 -0.09
C GLY B 95 26.24 -39.04 0.16
N GLN B 96 25.48 -40.13 0.26
CA GLN B 96 24.05 -40.07 0.52
C GLN B 96 23.72 -40.83 1.80
N THR B 97 22.61 -40.43 2.43
CA THR B 97 22.12 -41.08 3.64
C THR B 97 20.66 -41.44 3.45
N GLY B 98 20.15 -42.24 4.38
CA GLY B 98 18.80 -42.77 4.31
C GLY B 98 18.78 -44.27 4.57
N LYS B 99 17.55 -44.79 4.66
CA LYS B 99 17.36 -46.20 5.00
C LYS B 99 18.09 -47.11 4.03
N ILE B 100 18.06 -46.78 2.73
CA ILE B 100 18.75 -47.60 1.75
C ILE B 100 20.26 -47.36 1.82
N ALA B 101 20.68 -46.10 1.92
CA ALA B 101 22.10 -45.79 1.90
C ALA B 101 22.80 -46.23 3.18
N ASP B 102 22.12 -46.12 4.32
CA ASP B 102 22.75 -46.45 5.60
C ASP B 102 22.67 -47.94 5.92
N TYR B 103 21.54 -48.59 5.65
CA TYR B 103 21.29 -49.93 6.16
C TYR B 103 21.21 -51.01 5.09
N ASN B 104 21.02 -50.66 3.82
CA ASN B 104 20.81 -51.64 2.77
C ASN B 104 21.94 -51.70 1.77
N TYR B 105 22.28 -50.58 1.13
CA TYR B 105 23.32 -50.57 0.11
C TYR B 105 24.02 -49.22 0.14
N LYS B 106 25.35 -49.23 0.26
CA LYS B 106 26.13 -48.01 0.42
C LYS B 106 27.20 -47.95 -0.66
N LEU B 107 27.31 -46.78 -1.30
CA LEU B 107 28.36 -46.48 -2.27
C LEU B 107 29.46 -45.65 -1.61
N PRO B 108 30.72 -45.87 -2.00
CA PRO B 108 31.81 -45.10 -1.39
C PRO B 108 31.79 -43.65 -1.83
N ASP B 109 32.42 -42.81 -1.00
CA ASP B 109 32.52 -41.38 -1.31
C ASP B 109 33.40 -41.12 -2.53
N ASP B 110 34.25 -42.08 -2.90
CA ASP B 110 35.07 -42.01 -4.10
C ASP B 110 34.65 -43.05 -5.12
N PHE B 111 33.34 -43.22 -5.29
CA PHE B 111 32.81 -44.24 -6.18
C PHE B 111 33.21 -43.98 -7.62
N THR B 112 33.56 -45.06 -8.33
CA THR B 112 33.96 -45.00 -9.73
C THR B 112 33.13 -46.02 -10.50
N GLY B 113 32.06 -45.54 -11.14
CA GLY B 113 31.19 -46.42 -11.89
C GLY B 113 29.95 -45.69 -12.35
N CYS B 114 28.90 -46.47 -12.61
CA CYS B 114 27.64 -45.94 -13.12
C CYS B 114 26.47 -46.55 -12.36
N VAL B 115 25.43 -45.75 -12.15
CA VAL B 115 24.20 -46.18 -11.51
C VAL B 115 23.09 -46.18 -12.55
N ILE B 116 22.54 -47.36 -12.83
CA ILE B 116 21.52 -47.53 -13.85
C ILE B 116 20.24 -48.01 -13.18
N ALA B 117 19.11 -47.40 -13.55
CA ALA B 117 17.83 -47.76 -12.97
C ALA B 117 16.72 -47.51 -14.00
N TRP B 118 15.59 -48.17 -13.79
CA TRP B 118 14.43 -48.01 -14.66
C TRP B 118 13.19 -48.48 -13.93
N ASN B 119 12.06 -47.86 -14.25
CA ASN B 119 10.79 -48.21 -13.62
C ASN B 119 10.37 -49.61 -14.03
N SER B 120 9.86 -50.37 -13.07
CA SER B 120 9.47 -51.76 -13.28
C SER B 120 8.11 -52.06 -12.64
N LYS B 121 7.20 -51.09 -12.67
CA LYS B 121 5.87 -51.31 -12.14
C LYS B 121 5.06 -52.28 -13.01
N HIS B 122 5.47 -52.47 -14.26
CA HIS B 122 4.75 -53.38 -15.16
C HIS B 122 5.03 -54.85 -14.86
N ILE B 123 6.10 -55.15 -14.12
CA ILE B 123 6.47 -56.52 -13.80
C ILE B 123 6.48 -56.77 -12.30
N ASP B 124 6.98 -55.81 -11.51
CA ASP B 124 7.15 -55.98 -10.08
C ASP B 124 6.00 -55.43 -9.26
N ALA B 125 4.88 -55.10 -9.90
CA ALA B 125 3.70 -54.60 -9.19
C ALA B 125 2.46 -55.34 -9.69
N LYS B 126 1.57 -55.66 -8.76
CA LYS B 126 0.34 -56.35 -9.08
C LYS B 126 -0.79 -55.82 -8.20
N GLU B 127 -2.02 -55.99 -8.68
CA GLU B 127 -3.17 -55.58 -7.89
C GLU B 127 -3.29 -56.43 -6.64
N GLY B 128 -3.66 -55.79 -5.53
CA GLY B 128 -3.61 -56.43 -4.24
C GLY B 128 -2.31 -56.27 -3.50
N GLY B 129 -1.25 -55.84 -4.18
CA GLY B 129 0.02 -55.59 -3.54
C GLY B 129 1.05 -56.69 -3.77
N ASN B 130 2.22 -56.30 -4.26
CA ASN B 130 3.35 -57.22 -4.40
C ASN B 130 4.30 -57.00 -3.23
N PHE B 131 4.49 -58.05 -2.43
CA PHE B 131 5.28 -57.96 -1.20
C PHE B 131 6.48 -58.89 -1.22
N ASN B 132 6.96 -59.29 -2.40
CA ASN B 132 8.11 -60.17 -2.46
C ASN B 132 9.40 -59.43 -2.13
N TYR B 133 9.50 -58.15 -2.49
CA TYR B 133 10.68 -57.35 -2.20
C TYR B 133 10.56 -56.72 -0.82
N LEU B 134 11.68 -56.66 -0.11
CA LEU B 134 11.71 -56.10 1.24
C LEU B 134 13.05 -55.42 1.47
N TYR B 135 13.16 -54.72 2.59
CA TYR B 135 14.35 -53.94 2.89
C TYR B 135 14.58 -53.94 4.39
N ARG B 136 15.73 -53.39 4.80
CA ARG B 136 16.10 -53.27 6.20
C ARG B 136 15.79 -51.87 6.70
N LEU B 137 15.06 -51.78 7.81
CA LEU B 137 14.66 -50.50 8.37
C LEU B 137 15.53 -50.07 9.55
N PHE B 138 15.96 -51.00 10.39
CA PHE B 138 16.74 -50.70 11.58
C PHE B 138 18.08 -51.44 11.55
N ARG B 139 19.10 -50.80 12.12
CA ARG B 139 20.42 -51.39 12.23
C ARG B 139 21.21 -50.60 13.27
N LYS B 140 22.05 -51.31 14.02
CA LYS B 140 22.81 -50.67 15.09
C LYS B 140 23.88 -49.73 14.58
N ALA B 141 24.35 -49.91 13.34
CA ALA B 141 25.37 -49.05 12.77
C ALA B 141 25.17 -48.95 11.26
N ASN B 142 25.79 -47.93 10.68
CA ASN B 142 25.68 -47.72 9.24
C ASN B 142 26.51 -48.75 8.49
N LEU B 143 26.32 -48.80 7.18
CA LEU B 143 27.03 -49.75 6.32
C LEU B 143 28.27 -49.08 5.72
N LYS B 144 29.38 -49.79 5.77
CA LYS B 144 30.55 -49.38 5.02
C LYS B 144 30.34 -49.69 3.54
N PRO B 145 31.05 -49.00 2.65
CA PRO B 145 30.79 -49.17 1.20
C PRO B 145 30.87 -50.63 0.76
N PHE B 146 29.85 -51.05 0.01
CA PHE B 146 29.75 -52.36 -0.60
C PHE B 146 29.61 -53.49 0.41
N GLU B 147 29.16 -53.19 1.63
CA GLU B 147 28.87 -54.21 2.62
C GLU B 147 27.42 -54.66 2.49
N ARG B 148 27.19 -55.93 2.78
CA ARG B 148 25.84 -56.51 2.73
C ARG B 148 25.53 -57.17 4.06
N ASP B 149 24.28 -57.01 4.51
CA ASP B 149 23.80 -57.62 5.75
C ASP B 149 22.52 -58.37 5.43
N ILE B 150 22.51 -59.68 5.69
CA ILE B 150 21.34 -60.51 5.50
C ILE B 150 20.93 -61.12 6.82
N SER B 151 21.21 -60.42 7.92
CA SER B 151 20.88 -60.91 9.24
C SER B 151 19.40 -60.72 9.53
N THR B 152 18.86 -61.59 10.39
CA THR B 152 17.48 -61.51 10.84
C THR B 152 17.37 -61.34 12.35
N GLU B 153 18.47 -61.01 13.03
CA GLU B 153 18.43 -60.84 14.47
C GLU B 153 17.55 -59.66 14.85
N ILE B 154 16.83 -59.80 15.96
CA ILE B 154 15.88 -58.78 16.37
C ILE B 154 16.62 -57.52 16.81
N TYR B 155 16.13 -56.37 16.38
CA TYR B 155 16.76 -55.09 16.69
C TYR B 155 16.33 -54.64 18.07
N GLN B 156 17.30 -54.53 18.99
CA GLN B 156 17.03 -54.10 20.37
C GLN B 156 17.07 -52.58 20.42
N ALA B 157 15.88 -51.97 20.39
CA ALA B 157 15.80 -50.51 20.46
C ALA B 157 15.92 -50.01 21.90
N GLY B 158 15.33 -50.74 22.85
CA GLY B 158 15.41 -50.37 24.25
C GLY B 158 16.66 -50.89 24.93
N SER B 159 16.52 -51.39 26.16
CA SER B 159 17.64 -51.93 26.91
C SER B 159 17.35 -53.31 27.50
N LYS B 160 16.13 -53.81 27.37
CA LYS B 160 15.85 -55.16 27.85
C LYS B 160 16.17 -56.18 26.77
N PRO B 161 16.69 -57.35 27.15
CA PRO B 161 17.04 -58.37 26.14
C PRO B 161 15.79 -58.87 25.42
N CYS B 162 15.79 -58.73 24.09
CA CYS B 162 14.66 -59.18 23.30
C CYS B 162 14.55 -60.70 23.25
N ASN B 163 15.66 -61.41 23.45
CA ASN B 163 15.70 -62.87 23.44
C ASN B 163 15.20 -63.44 22.11
N GLY B 164 15.46 -62.73 21.02
CA GLY B 164 15.02 -63.18 19.71
C GLY B 164 13.52 -63.09 19.48
N GLN B 165 12.85 -62.20 20.19
CA GLN B 165 11.40 -62.02 20.06
C GLN B 165 11.09 -60.57 19.74
N THR B 166 10.07 -60.37 18.91
CA THR B 166 9.54 -59.03 18.69
C THR B 166 8.77 -58.58 19.93
N GLY B 167 8.64 -57.26 20.06
CA GLY B 167 7.92 -56.72 21.21
C GLY B 167 8.19 -55.24 21.39
N LEU B 168 8.08 -54.81 22.65
CA LEU B 168 8.26 -53.40 22.98
C LEU B 168 9.73 -53.01 22.82
N ASN B 169 9.98 -52.08 21.89
CA ASN B 169 11.34 -51.63 21.57
C ASN B 169 12.21 -52.79 21.12
N CYS B 170 11.61 -53.79 20.49
CA CYS B 170 12.31 -54.94 19.92
C CYS B 170 11.60 -55.30 18.63
N TYR B 171 12.16 -54.88 17.49
CA TYR B 171 11.48 -54.98 16.21
C TYR B 171 12.25 -55.86 15.25
N TYR B 172 11.52 -56.57 14.40
CA TYR B 172 12.13 -57.33 13.33
C TYR B 172 12.75 -56.37 12.32
N PRO B 173 14.00 -56.58 11.88
CA PRO B 173 14.68 -55.55 11.10
C PRO B 173 14.19 -55.42 9.67
N LEU B 174 13.69 -56.50 9.07
CA LEU B 174 13.32 -56.50 7.66
C LEU B 174 11.82 -56.29 7.51
N TYR B 175 11.45 -55.30 6.70
CA TYR B 175 10.06 -54.98 6.44
C TYR B 175 9.80 -54.95 4.94
N ARG B 176 8.54 -55.20 4.57
CA ARG B 176 8.17 -55.45 3.19
C ARG B 176 7.89 -54.17 2.42
N TYR B 177 8.12 -54.23 1.10
CA TYR B 177 7.68 -53.20 0.18
C TYR B 177 6.26 -53.49 -0.30
N GLY B 178 5.45 -52.45 -0.40
CA GLY B 178 4.13 -52.58 -0.98
C GLY B 178 4.07 -51.99 -2.36
N PHE B 179 4.06 -52.84 -3.39
CA PHE B 179 4.14 -52.41 -4.78
C PHE B 179 2.79 -52.65 -5.44
N TYR B 180 1.94 -51.62 -5.43
CA TYR B 180 0.64 -51.57 -6.09
C TYR B 180 0.76 -50.86 -7.44
N PRO B 181 -0.06 -51.25 -8.42
CA PRO B 181 0.01 -50.56 -9.73
C PRO B 181 -0.49 -49.13 -9.68
N THR B 182 -1.27 -48.76 -8.66
CA THR B 182 -1.77 -47.41 -8.51
C THR B 182 -0.86 -46.54 -7.63
N ASP B 183 0.30 -47.04 -7.23
CA ASP B 183 1.21 -46.27 -6.41
C ASP B 183 1.76 -45.07 -7.19
N GLY B 184 2.14 -44.04 -6.45
CA GLY B 184 2.79 -42.91 -7.07
C GLY B 184 4.19 -43.26 -7.58
N VAL B 185 4.71 -42.39 -8.45
CA VAL B 185 6.01 -42.64 -9.05
C VAL B 185 7.10 -42.77 -7.99
N GLY B 186 6.97 -42.02 -6.89
CA GLY B 186 7.95 -42.11 -5.82
C GLY B 186 7.92 -43.42 -5.07
N HIS B 187 6.80 -44.14 -5.09
CA HIS B 187 6.65 -45.41 -4.39
C HIS B 187 6.64 -46.60 -5.33
N GLN B 188 6.80 -46.39 -6.64
CA GLN B 188 6.78 -47.48 -7.59
C GLN B 188 8.11 -48.23 -7.58
N PRO B 189 8.09 -49.54 -7.88
CA PRO B 189 9.33 -50.32 -7.86
C PRO B 189 10.25 -49.94 -9.01
N TYR B 190 11.52 -49.74 -8.70
CA TYR B 190 12.54 -49.42 -9.69
C TYR B 190 13.66 -50.45 -9.59
N ARG B 191 14.00 -51.07 -10.71
CA ARG B 191 15.10 -52.03 -10.79
C ARG B 191 16.40 -51.27 -11.05
N VAL B 192 17.37 -51.43 -10.15
CA VAL B 192 18.64 -50.71 -10.19
C VAL B 192 19.75 -51.70 -10.47
N VAL B 193 20.72 -51.28 -11.28
CA VAL B 193 21.94 -52.04 -11.55
C VAL B 193 23.12 -51.10 -11.40
N VAL B 194 24.07 -51.46 -10.54
CA VAL B 194 25.24 -50.64 -10.26
C VAL B 194 26.46 -51.34 -10.83
N LEU B 195 27.18 -50.64 -11.71
CA LEU B 195 28.41 -51.15 -12.31
C LEU B 195 29.59 -50.44 -11.65
N SER B 196 30.39 -51.20 -10.91
CA SER B 196 31.55 -50.67 -10.18
C SER B 196 32.81 -51.20 -10.84
N PHE B 197 33.56 -50.30 -11.48
CA PHE B 197 34.79 -50.67 -12.18
C PHE B 197 35.98 -50.57 -11.23
N GLU B 198 36.79 -51.62 -11.20
CA GLU B 198 37.90 -51.75 -10.25
C GLU B 198 39.21 -51.91 -11.01
N LEU B 199 40.25 -51.22 -10.54
CA LEU B 199 41.57 -51.23 -11.16
C LEU B 199 42.61 -51.59 -10.11
N LEU B 200 43.38 -52.65 -10.37
CA LEU B 200 44.52 -52.99 -9.53
C LEU B 200 45.76 -53.16 -10.39
N ASN B 201 46.85 -53.62 -9.80
CA ASN B 201 48.02 -54.07 -10.56
C ASN B 201 47.76 -55.50 -11.02
N ALA B 202 46.82 -55.63 -11.96
CA ALA B 202 46.24 -56.92 -12.32
C ALA B 202 46.12 -57.02 -13.85
N PRO B 203 45.83 -58.22 -14.42
CA PRO B 203 45.88 -58.37 -15.88
C PRO B 203 44.89 -57.54 -16.68
N ALA B 204 43.99 -56.80 -16.03
CA ALA B 204 43.02 -55.93 -16.71
C ALA B 204 42.17 -56.73 -17.69
N THR B 205 41.34 -57.60 -17.11
CA THR B 205 40.61 -58.60 -17.86
C THR B 205 39.72 -57.98 -18.94
N VAL B 206 38.74 -57.18 -18.52
CA VAL B 206 37.68 -56.72 -19.43
C VAL B 206 38.05 -55.36 -20.01
N CYS B 207 38.12 -55.29 -21.35
CA CYS B 207 38.28 -54.01 -22.03
C CYS B 207 37.09 -53.66 -22.91
N GLY B 208 36.79 -54.46 -23.93
CA GLY B 208 35.67 -54.19 -24.81
C GLY B 208 36.02 -53.18 -25.89
N PRO B 209 35.94 -53.58 -27.16
CA PRO B 209 36.04 -52.58 -28.23
C PRO B 209 34.71 -51.88 -28.50
N SER C 1 -8.21 57.28 22.89
CA SER C 1 -8.16 55.85 22.62
C SER C 1 -6.84 55.24 23.11
N THR C 2 -6.71 53.94 22.95
CA THR C 2 -5.51 53.22 23.37
C THR C 2 -4.38 53.44 22.37
N ILE C 3 -3.17 53.09 22.79
CA ILE C 3 -2.03 53.14 21.88
C ILE C 3 -2.03 51.93 20.95
N GLU C 4 -2.61 50.82 21.40
CA GLU C 4 -2.75 49.66 20.51
C GLU C 4 -3.67 49.98 19.33
N GLU C 5 -4.87 50.48 19.61
CA GLU C 5 -5.76 50.92 18.54
C GLU C 5 -5.15 52.06 17.75
N GLN C 6 -4.29 52.87 18.39
CA GLN C 6 -3.58 53.91 17.68
C GLN C 6 -2.58 53.35 16.68
N ALA C 7 -2.14 52.11 16.87
CA ALA C 7 -1.20 51.47 15.95
C ALA C 7 -1.86 50.50 14.99
N LYS C 8 -3.08 50.03 15.29
CA LYS C 8 -3.72 49.05 14.43
C LYS C 8 -4.30 49.68 13.17
N THR C 9 -4.85 50.91 13.28
CA THR C 9 -5.21 51.66 12.09
C THR C 9 -3.99 52.29 11.44
N PHE C 10 -2.91 52.49 12.19
CA PHE C 10 -1.62 52.80 11.58
C PHE C 10 -1.14 51.63 10.72
N LEU C 11 -1.52 50.40 11.09
CA LEU C 11 -1.29 49.26 10.21
C LEU C 11 -2.21 49.34 8.99
N ASP C 12 -3.47 49.70 9.19
CA ASP C 12 -4.40 49.82 8.07
C ASP C 12 -3.96 50.91 7.11
N LYS C 13 -3.49 52.05 7.63
CA LYS C 13 -2.91 53.07 6.78
C LYS C 13 -1.63 52.58 6.11
N PHE C 14 -0.89 51.69 6.77
CA PHE C 14 0.30 51.12 6.18
C PHE C 14 -0.03 50.06 5.14
N ASN C 15 -1.06 49.25 5.39
CA ASN C 15 -1.40 48.18 4.46
C ASN C 15 -1.87 48.73 3.12
N HIS C 16 -2.79 49.69 3.15
CA HIS C 16 -3.36 50.21 1.91
C HIS C 16 -2.40 51.14 1.17
N GLU C 17 -1.44 51.75 1.87
CA GLU C 17 -0.49 52.62 1.19
C GLU C 17 0.69 51.82 0.63
N ALA C 18 1.17 50.82 1.37
CA ALA C 18 2.28 49.99 0.90
C ALA C 18 1.86 48.97 -0.13
N GLU C 19 0.55 48.73 -0.30
CA GLU C 19 0.10 47.78 -1.31
C GLU C 19 0.44 48.24 -2.72
N ASP C 20 0.56 49.56 -2.93
CA ASP C 20 0.88 50.09 -4.24
C ASP C 20 2.36 50.45 -4.39
N LEU C 21 3.08 50.67 -3.30
CA LEU C 21 4.50 50.97 -3.37
C LEU C 21 5.37 49.72 -3.45
N PHE C 22 4.94 48.63 -2.81
CA PHE C 22 5.64 47.36 -2.99
C PHE C 22 5.32 46.74 -4.33
N TYR C 23 4.15 47.07 -4.90
CA TYR C 23 3.80 46.54 -6.22
C TYR C 23 4.64 47.19 -7.31
N GLN C 24 4.86 48.51 -7.22
CA GLN C 24 5.66 49.19 -8.22
C GLN C 24 7.13 48.79 -8.14
N SER C 25 7.60 48.43 -6.94
CA SER C 25 8.98 47.95 -6.80
C SER C 25 9.15 46.58 -7.45
N SER C 26 8.20 45.68 -7.21
CA SER C 26 8.27 44.35 -7.81
C SER C 26 7.95 44.38 -9.30
N LEU C 27 7.09 45.30 -9.73
CA LEU C 27 6.82 45.45 -11.16
C LEU C 27 8.08 45.83 -11.92
N ALA C 28 8.92 46.66 -11.32
CA ALA C 28 10.14 47.10 -11.99
C ALA C 28 11.28 46.09 -11.80
N SER C 29 11.32 45.40 -10.66
CA SER C 29 12.30 44.34 -10.49
C SER C 29 12.01 43.16 -11.42
N TRP C 30 10.74 42.93 -11.74
CA TRP C 30 10.39 41.88 -12.69
C TRP C 30 10.80 42.26 -14.11
N ASN C 31 10.45 43.46 -14.54
CA ASN C 31 10.78 43.90 -15.89
C ASN C 31 12.28 44.09 -16.10
N TYR C 32 13.08 44.02 -15.03
CA TYR C 32 14.53 44.02 -15.17
C TYR C 32 15.09 42.60 -15.21
N ASN C 33 14.59 41.71 -14.36
CA ASN C 33 15.06 40.33 -14.35
C ASN C 33 14.71 39.62 -15.65
N THR C 34 13.57 39.97 -16.25
CA THR C 34 13.21 39.38 -17.55
C THR C 34 13.97 40.05 -18.68
N ASN C 35 13.98 41.38 -18.71
CA ASN C 35 14.67 42.14 -19.76
C ASN C 35 15.82 42.90 -19.10
N ILE C 36 17.02 42.33 -19.19
CA ILE C 36 18.21 42.98 -18.65
C ILE C 36 18.60 44.14 -19.57
N THR C 37 18.58 45.35 -19.04
CA THR C 37 18.72 46.55 -19.85
C THR C 37 19.61 47.54 -19.12
N GLU C 38 19.64 48.78 -19.64
CA GLU C 38 20.07 49.94 -18.88
C GLU C 38 18.99 51.02 -18.88
N GLU C 39 17.78 50.69 -19.36
CA GLU C 39 16.62 51.56 -19.20
C GLU C 39 15.68 51.08 -18.11
N ASN C 40 15.56 49.76 -17.93
CA ASN C 40 14.86 49.18 -16.79
C ASN C 40 15.82 48.80 -15.67
N VAL C 41 17.04 49.35 -15.68
CA VAL C 41 18.05 48.94 -14.70
C VAL C 41 17.71 49.53 -13.33
N GLN C 42 17.60 50.85 -13.24
CA GLN C 42 17.35 51.54 -11.99
C GLN C 42 15.93 52.09 -11.88
N ASN C 43 15.11 51.93 -12.93
CA ASN C 43 13.66 52.01 -12.70
C ASN C 43 13.24 50.96 -11.68
N MET C 44 14.02 49.88 -11.57
CA MET C 44 13.88 48.97 -10.43
C MET C 44 14.49 49.58 -9.18
N ASN C 45 15.69 50.15 -9.29
CA ASN C 45 16.35 50.73 -8.12
C ASN C 45 15.59 51.94 -7.60
N ASN C 46 15.24 52.87 -8.50
CA ASN C 46 14.46 54.03 -8.07
C ASN C 46 13.12 53.61 -7.49
N ALA C 47 12.52 52.53 -8.02
CA ALA C 47 11.34 51.98 -7.37
C ALA C 47 11.69 51.23 -6.09
N GLY C 48 12.92 50.73 -5.98
CA GLY C 48 13.38 50.14 -4.74
C GLY C 48 13.88 51.17 -3.75
N ASP C 49 14.46 52.26 -4.24
CA ASP C 49 14.88 53.34 -3.34
C ASP C 49 13.68 53.97 -2.65
N LYS C 50 12.64 54.31 -3.42
CA LYS C 50 11.48 54.98 -2.83
C LYS C 50 10.63 54.03 -2.01
N TRP C 51 10.64 52.73 -2.34
CA TRP C 51 9.96 51.76 -1.48
C TRP C 51 10.68 51.60 -0.16
N SER C 52 12.01 51.44 -0.21
CA SER C 52 12.79 51.38 1.03
C SER C 52 12.75 52.70 1.77
N ALA C 53 12.69 53.82 1.05
CA ALA C 53 12.55 55.12 1.71
C ALA C 53 11.21 55.25 2.40
N PHE C 54 10.13 54.80 1.75
CA PHE C 54 8.83 54.80 2.39
C PHE C 54 8.83 53.93 3.64
N LEU C 55 9.52 52.78 3.58
CA LEU C 55 9.72 51.98 4.78
C LEU C 55 10.73 52.62 5.72
N LYS C 56 11.58 53.52 5.22
CA LYS C 56 12.49 54.28 6.07
C LYS C 56 11.84 55.50 6.69
N GLU C 57 10.67 55.91 6.20
CA GLU C 57 9.92 57.01 6.81
C GLU C 57 9.04 56.51 7.94
N GLN C 58 8.27 55.45 7.70
CA GLN C 58 7.54 54.77 8.76
C GLN C 58 8.44 53.83 9.56
N SER C 59 9.76 53.92 9.37
CA SER C 59 10.68 53.10 10.15
C SER C 59 10.68 53.52 11.62
N THR C 60 10.90 54.80 11.89
CA THR C 60 11.05 55.29 13.26
C THR C 60 9.77 55.88 13.83
N LEU C 61 8.77 56.17 13.00
CA LEU C 61 7.48 56.59 13.55
C LEU C 61 6.61 55.39 13.94
N ALA C 62 6.98 54.18 13.51
CA ALA C 62 6.31 52.98 13.98
C ALA C 62 6.83 52.58 15.36
N GLN C 63 8.14 52.72 15.59
CA GLN C 63 8.70 52.44 16.91
C GLN C 63 8.36 53.53 17.92
N MET C 64 7.70 54.62 17.49
CA MET C 64 7.19 55.60 18.45
C MET C 64 6.15 54.96 19.36
N TYR C 65 5.38 54.02 18.85
CA TYR C 65 4.45 53.28 19.69
C TYR C 65 5.25 52.42 20.67
N PRO C 66 5.05 52.58 21.98
CA PRO C 66 5.90 51.88 22.95
C PRO C 66 5.80 50.36 22.82
N LEU C 67 6.92 49.70 23.11
CA LEU C 67 7.05 48.26 22.89
C LEU C 67 6.31 47.42 23.92
N GLN C 68 5.88 48.00 25.04
CA GLN C 68 5.55 47.19 26.21
C GLN C 68 4.10 46.72 26.22
N GLU C 69 3.14 47.65 26.27
CA GLU C 69 1.76 47.30 26.56
C GLU C 69 0.96 47.22 25.25
N ILE C 70 1.14 46.11 24.54
CA ILE C 70 0.30 45.73 23.41
C ILE C 70 -0.13 44.29 23.64
N GLN C 71 -1.44 44.05 23.69
CA GLN C 71 -1.97 42.75 24.08
C GLN C 71 -2.30 41.83 22.91
N ASN C 72 -2.54 42.37 21.71
CA ASN C 72 -2.82 41.54 20.55
C ASN C 72 -1.53 40.95 20.03
N LEU C 73 -1.50 39.63 19.87
CA LEU C 73 -0.26 38.95 19.53
C LEU C 73 0.14 39.16 18.07
N THR C 74 -0.83 39.39 17.19
CA THR C 74 -0.51 39.53 15.78
C THR C 74 -0.04 40.94 15.43
N VAL C 75 -0.50 41.95 16.15
CA VAL C 75 -0.15 43.32 15.78
C VAL C 75 1.27 43.65 16.23
N LYS C 76 1.71 43.12 17.37
CA LYS C 76 3.08 43.40 17.83
C LYS C 76 4.10 42.81 16.87
N LEU C 77 3.83 41.62 16.34
CA LEU C 77 4.69 41.07 15.29
C LEU C 77 4.70 41.97 14.06
N GLN C 78 3.58 42.62 13.77
CA GLN C 78 3.56 43.60 12.69
C GLN C 78 4.31 44.86 13.08
N LEU C 79 4.14 45.33 14.33
CA LEU C 79 4.89 46.49 14.80
C LEU C 79 6.37 46.18 14.84
N GLN C 80 6.76 45.05 15.44
CA GLN C 80 8.16 44.69 15.53
C GLN C 80 8.79 44.49 14.15
N ALA C 81 7.99 44.03 13.18
CA ALA C 81 8.49 43.93 11.81
C ALA C 81 8.88 45.30 11.26
N LEU C 82 8.05 46.31 11.53
CA LEU C 82 8.40 47.67 11.14
C LEU C 82 9.42 48.30 12.08
N GLN C 83 9.38 47.94 13.36
CA GLN C 83 10.36 48.43 14.31
C GLN C 83 11.77 47.94 13.99
N GLN C 84 11.92 47.01 13.06
CA GLN C 84 13.23 46.60 12.59
C GLN C 84 13.87 47.78 11.85
N ASN C 85 14.83 48.43 12.50
CA ASN C 85 15.49 49.57 11.86
C ASN C 85 16.36 49.12 10.70
N GLY C 86 17.03 47.98 10.84
CA GLY C 86 17.73 47.33 9.74
C GLY C 86 18.89 48.09 9.13
N SER C 87 18.79 48.36 7.82
CA SER C 87 19.89 48.91 7.03
C SER C 87 20.14 50.40 7.30
N SER C 88 19.26 51.07 8.05
CA SER C 88 19.40 52.50 8.25
C SER C 88 20.31 52.88 9.42
N VAL C 89 20.58 51.96 10.34
CA VAL C 89 21.31 52.31 11.55
C VAL C 89 22.77 52.64 11.29
N LEU C 90 23.33 52.20 10.16
CA LEU C 90 24.72 52.46 9.85
C LEU C 90 24.86 53.91 9.38
N SER C 91 26.06 54.30 8.98
CA SER C 91 26.23 55.58 8.32
C SER C 91 25.54 55.54 6.96
N GLU C 92 25.43 56.71 6.32
CA GLU C 92 24.81 56.72 5.01
C GLU C 92 25.78 56.23 3.93
N ASP C 93 27.03 56.67 3.98
CA ASP C 93 28.04 56.22 3.03
C ASP C 93 28.66 54.88 3.41
N LYS C 94 28.67 54.55 4.71
CA LYS C 94 29.02 53.19 5.11
C LYS C 94 27.98 52.19 4.61
N SER C 95 26.75 52.64 4.38
CA SER C 95 25.72 51.81 3.78
C SER C 95 25.55 52.05 2.28
N LYS C 96 25.93 53.22 1.78
CA LYS C 96 25.90 53.46 0.34
C LYS C 96 26.93 52.63 -0.39
N ARG C 97 28.10 52.41 0.23
CA ARG C 97 29.16 51.63 -0.40
C ARG C 97 29.02 50.13 -0.15
N LEU C 98 28.20 49.72 0.82
CA LEU C 98 27.87 48.30 0.93
C LEU C 98 26.89 47.89 -0.16
N ASN C 99 25.91 48.75 -0.46
CA ASN C 99 25.07 48.53 -1.63
C ASN C 99 25.88 48.60 -2.92
N THR C 100 27.03 49.29 -2.89
CA THR C 100 27.94 49.28 -4.03
C THR C 100 28.55 47.90 -4.22
N ILE C 101 29.13 47.34 -3.14
CA ILE C 101 29.71 46.00 -3.22
C ILE C 101 28.66 44.90 -3.17
N LEU C 102 27.41 45.22 -2.86
CA LEU C 102 26.38 44.19 -2.80
C LEU C 102 26.04 43.67 -4.19
N ASN C 103 25.75 44.58 -5.13
CA ASN C 103 25.33 44.18 -6.46
C ASN C 103 26.48 44.08 -7.45
N THR C 104 27.67 44.61 -7.13
CA THR C 104 28.84 44.30 -7.95
C THR C 104 29.25 42.84 -7.76
N MET C 105 29.38 42.40 -6.50
CA MET C 105 29.57 40.98 -6.23
C MET C 105 28.44 40.14 -6.82
N SER C 106 27.22 40.69 -6.84
CA SER C 106 26.09 39.93 -7.37
C SER C 106 26.15 39.82 -8.89
N THR C 107 26.77 40.79 -9.57
CA THR C 107 26.80 40.79 -11.02
C THR C 107 28.16 40.46 -11.63
N ILE C 108 29.23 40.43 -10.84
CA ILE C 108 30.43 39.74 -11.29
C ILE C 108 30.12 38.27 -11.49
N TYR C 109 29.23 37.72 -10.66
CA TYR C 109 28.69 36.39 -10.88
C TYR C 109 27.88 36.32 -12.17
N SER C 110 27.32 37.45 -12.62
CA SER C 110 26.50 37.48 -13.83
C SER C 110 27.32 37.68 -15.09
N THR C 111 28.48 38.35 -15.00
CA THR C 111 29.35 38.58 -16.14
C THR C 111 30.59 37.70 -16.13
N GLY C 112 30.78 36.89 -15.10
CA GLY C 112 31.96 36.05 -14.99
C GLY C 112 32.10 35.09 -16.16
N LYS C 113 33.07 35.37 -17.04
CA LYS C 113 33.25 34.61 -18.27
C LYS C 113 34.63 34.00 -18.26
N VAL C 114 34.69 32.67 -18.37
CA VAL C 114 35.96 31.96 -18.46
C VAL C 114 36.32 31.79 -19.94
N CYS C 115 37.56 32.12 -20.29
CA CYS C 115 38.01 32.10 -21.67
C CYS C 115 39.00 30.97 -21.89
N ASN C 116 38.95 30.39 -23.09
CA ASN C 116 39.74 29.22 -23.40
C ASN C 116 41.23 29.60 -23.46
N PRO C 117 42.12 28.77 -22.89
CA PRO C 117 43.55 29.08 -22.98
C PRO C 117 44.12 28.86 -24.37
N ASP C 118 43.77 27.77 -25.05
CA ASP C 118 44.29 27.50 -26.39
C ASP C 118 43.50 28.19 -27.49
N ASN C 119 42.26 28.58 -27.23
CA ASN C 119 41.41 29.31 -28.18
C ASN C 119 40.96 30.59 -27.51
N PRO C 120 41.81 31.63 -27.48
CA PRO C 120 41.41 32.89 -26.83
C PRO C 120 40.16 33.50 -27.41
N GLN C 121 39.74 33.10 -28.61
CA GLN C 121 38.49 33.59 -29.18
C GLN C 121 37.27 32.95 -28.53
N GLU C 122 37.44 31.82 -27.85
CA GLU C 122 36.33 31.07 -27.28
C GLU C 122 36.21 31.36 -25.79
N CYS C 123 35.02 31.75 -25.36
CA CYS C 123 34.72 32.00 -23.95
C CYS C 123 33.28 31.56 -23.69
N LEU C 124 32.94 31.40 -22.42
CA LEU C 124 31.60 30.95 -22.05
C LEU C 124 31.34 31.28 -20.58
N LEU C 125 30.07 31.53 -20.27
CA LEU C 125 29.65 31.85 -18.92
C LEU C 125 29.45 30.55 -18.12
N LEU C 126 29.02 30.70 -16.86
CA LEU C 126 28.59 29.53 -16.10
C LEU C 126 27.34 28.91 -16.72
N GLU C 127 26.33 29.74 -16.94
CA GLU C 127 25.10 29.32 -17.61
C GLU C 127 25.12 29.79 -19.06
N PRO C 128 24.86 28.90 -20.03
CA PRO C 128 24.59 27.48 -19.81
C PRO C 128 25.82 26.60 -20.00
N GLY C 129 26.97 27.21 -20.26
CA GLY C 129 28.16 26.47 -20.61
C GLY C 129 28.79 25.65 -19.51
N LEU C 130 29.33 26.32 -18.48
CA LEU C 130 30.07 25.61 -17.45
C LEU C 130 29.16 24.69 -16.65
N ASN C 131 27.91 25.10 -16.40
CA ASN C 131 27.02 24.30 -15.57
C ASN C 131 26.74 22.94 -16.17
N GLU C 132 26.77 22.82 -17.50
CA GLU C 132 26.56 21.55 -18.17
C GLU C 132 27.86 20.84 -18.52
N ILE C 133 28.98 21.56 -18.58
CA ILE C 133 30.28 20.89 -18.61
C ILE C 133 30.50 20.11 -17.32
N MET C 134 30.11 20.70 -16.20
CA MET C 134 30.20 20.05 -14.90
C MET C 134 29.03 19.10 -14.64
N ALA C 135 28.20 18.83 -15.65
CA ALA C 135 27.02 18.00 -15.48
C ALA C 135 26.94 16.82 -16.45
N ASN C 136 27.66 16.85 -17.56
CA ASN C 136 27.56 15.77 -18.54
C ASN C 136 28.94 15.23 -18.92
N SER C 137 29.97 16.07 -18.84
CA SER C 137 31.29 15.66 -19.27
C SER C 137 31.86 14.60 -18.34
N LEU C 138 32.56 13.63 -18.93
CA LEU C 138 33.27 12.59 -18.19
C LEU C 138 34.78 12.74 -18.30
N ASP C 139 35.26 13.88 -18.80
CA ASP C 139 36.69 14.14 -18.94
C ASP C 139 37.20 14.81 -17.66
N TYR C 140 38.29 14.27 -17.11
CA TYR C 140 38.80 14.78 -15.84
C TYR C 140 39.34 16.20 -16.00
N ASN C 141 40.22 16.41 -16.99
CA ASN C 141 40.87 17.71 -17.13
C ASN C 141 39.91 18.77 -17.65
N GLU C 142 38.91 18.37 -18.44
CA GLU C 142 37.94 19.35 -18.92
C GLU C 142 37.07 19.88 -17.78
N ARG C 143 36.65 19.01 -16.87
CA ARG C 143 35.89 19.46 -15.71
C ARG C 143 36.76 20.19 -14.72
N LEU C 144 37.99 19.71 -14.50
CA LEU C 144 38.92 20.39 -13.60
C LEU C 144 39.24 21.79 -14.09
N TRP C 145 39.30 21.99 -15.41
CA TRP C 145 39.55 23.32 -15.95
C TRP C 145 38.37 24.25 -15.68
N ALA C 146 37.16 23.83 -16.08
CA ALA C 146 35.98 24.65 -15.87
C ALA C 146 35.72 24.90 -14.39
N TRP C 147 36.04 23.93 -13.54
CA TRP C 147 35.87 24.12 -12.10
C TRP C 147 36.88 25.13 -11.56
N GLU C 148 38.14 25.03 -12.00
CA GLU C 148 39.17 25.93 -11.51
C GLU C 148 39.08 27.31 -12.16
N SER C 149 38.82 27.35 -13.47
CA SER C 149 38.73 28.63 -14.16
C SER C 149 37.60 29.49 -13.61
N TRP C 150 36.51 28.87 -13.15
CA TRP C 150 35.41 29.62 -12.56
C TRP C 150 35.85 30.32 -11.28
N ARG C 151 36.53 29.59 -10.40
CA ARG C 151 37.01 30.15 -9.14
C ARG C 151 38.30 30.94 -9.29
N SER C 152 38.98 30.87 -10.45
CA SER C 152 40.20 31.62 -10.65
C SER C 152 39.92 33.04 -11.12
N GLU C 153 38.83 33.24 -11.86
CA GLU C 153 38.49 34.55 -12.38
C GLU C 153 37.44 35.29 -11.55
N VAL C 154 36.57 34.56 -10.85
CA VAL C 154 35.59 35.16 -9.97
C VAL C 154 36.04 35.13 -8.52
N GLY C 155 36.63 34.02 -8.09
CA GLY C 155 37.09 33.90 -6.71
C GLY C 155 38.28 34.78 -6.37
N LYS C 156 39.05 35.20 -7.38
CA LYS C 156 40.17 36.09 -7.16
C LYS C 156 39.81 37.56 -7.22
N GLN C 157 38.57 37.89 -7.62
CA GLN C 157 38.11 39.27 -7.64
C GLN C 157 37.23 39.61 -6.45
N LEU C 158 36.55 38.62 -5.86
CA LEU C 158 35.61 38.85 -4.76
C LEU C 158 36.25 38.66 -3.40
N ARG C 159 37.52 38.27 -3.32
CA ARG C 159 38.16 38.08 -2.03
C ARG C 159 38.24 39.36 -1.22
N PRO C 160 38.73 40.49 -1.75
CA PRO C 160 38.67 41.73 -0.96
C PRO C 160 37.26 42.29 -0.84
N LEU C 161 36.40 42.04 -1.83
CA LEU C 161 35.03 42.54 -1.78
C LEU C 161 34.23 41.86 -0.67
N TYR C 162 34.60 40.63 -0.31
CA TYR C 162 33.94 39.96 0.81
C TYR C 162 34.50 40.41 2.15
N GLU C 163 35.80 40.73 2.21
CA GLU C 163 36.41 41.19 3.46
C GLU C 163 35.78 42.50 3.93
N GLU C 164 35.41 43.38 2.99
CA GLU C 164 34.66 44.57 3.37
C GLU C 164 33.19 44.26 3.62
N TYR C 165 32.67 43.22 2.94
CA TYR C 165 31.33 42.72 3.24
C TYR C 165 31.25 42.08 4.61
N VAL C 166 32.39 41.74 5.22
CA VAL C 166 32.39 41.09 6.53
C VAL C 166 32.14 42.10 7.63
N VAL C 167 33.02 43.10 7.75
CA VAL C 167 32.99 43.97 8.92
C VAL C 167 31.85 44.99 8.83
N LEU C 168 31.42 45.35 7.62
CA LEU C 168 30.31 46.30 7.49
C LEU C 168 28.97 45.62 7.73
N LYS C 169 28.83 44.34 7.38
CA LYS C 169 27.62 43.60 7.71
C LYS C 169 27.59 43.15 9.17
N ASN C 170 28.75 43.05 9.81
CA ASN C 170 28.79 42.68 11.22
C ASN C 170 28.44 43.86 12.12
N GLU C 171 29.06 45.02 11.87
CA GLU C 171 28.66 46.24 12.56
C GLU C 171 27.20 46.61 12.28
N MET C 172 26.66 46.15 11.14
CA MET C 172 25.24 46.36 10.87
C MET C 172 24.37 45.56 11.82
N ALA C 173 24.73 44.30 12.08
CA ALA C 173 23.91 43.44 12.94
C ALA C 173 24.12 43.77 14.42
N ARG C 174 25.37 44.04 14.82
CA ARG C 174 25.64 44.29 16.23
C ARG C 174 25.08 45.64 16.70
N ALA C 175 24.74 46.53 15.77
CA ALA C 175 23.98 47.72 16.09
C ALA C 175 22.48 47.47 16.15
N ASN C 176 22.04 46.23 15.89
CA ASN C 176 20.64 45.86 15.88
C ASN C 176 20.33 44.76 16.88
N HIS C 177 21.07 44.73 18.00
CA HIS C 177 20.87 43.75 19.06
C HIS C 177 21.13 42.33 18.56
N TYR C 178 22.31 42.12 17.95
CA TYR C 178 22.70 40.81 17.45
C TYR C 178 24.19 40.61 17.69
N GLU C 179 24.59 39.34 17.77
CA GLU C 179 26.01 39.02 17.97
C GLU C 179 26.83 39.31 16.73
N ASP C 180 26.26 39.05 15.55
CA ASP C 180 26.94 39.24 14.27
C ASP C 180 25.92 39.00 13.17
N TYR C 181 26.36 39.18 11.92
CA TYR C 181 25.47 38.89 10.79
C TYR C 181 25.10 37.41 10.75
N GLY C 182 25.97 36.54 11.25
CA GLY C 182 25.60 35.14 11.39
C GLY C 182 24.44 34.95 12.35
N ASP C 183 24.43 35.72 13.44
CA ASP C 183 23.30 35.67 14.37
C ASP C 183 22.10 36.45 13.86
N TYR C 184 22.30 37.35 12.89
CA TYR C 184 21.18 38.06 12.30
C TYR C 184 20.37 37.13 11.39
N TRP C 185 21.04 36.25 10.66
CA TRP C 185 20.34 35.38 9.72
C TRP C 185 19.50 34.33 10.44
N ARG C 186 20.06 33.71 11.49
CA ARG C 186 19.30 32.70 12.22
C ARG C 186 18.22 33.30 13.12
N GLY C 187 18.10 34.63 13.16
CA GLY C 187 16.98 35.26 13.83
C GLY C 187 15.64 35.04 13.17
N ASP C 188 15.63 34.52 11.93
CA ASP C 188 14.38 34.18 11.28
C ASP C 188 13.65 33.05 12.00
N TYR C 189 14.40 32.20 12.71
CA TYR C 189 13.81 31.12 13.49
C TYR C 189 13.53 31.52 14.93
N GLU C 190 13.92 32.72 15.34
CA GLU C 190 13.73 33.14 16.72
C GLU C 190 12.26 33.38 17.01
N VAL C 191 11.81 32.90 18.18
CA VAL C 191 10.43 33.06 18.63
C VAL C 191 10.46 33.54 20.08
N ASN C 192 9.85 34.70 20.32
CA ASN C 192 9.67 35.25 21.66
C ASN C 192 8.21 35.12 22.06
N GLY C 193 7.96 35.26 23.37
CA GLY C 193 6.59 35.32 23.84
C GLY C 193 5.96 33.98 24.20
N VAL C 194 5.24 33.40 23.25
CA VAL C 194 4.32 32.28 23.45
C VAL C 194 4.93 31.19 24.33
N ASP C 195 4.20 30.80 25.37
CA ASP C 195 4.70 29.82 26.33
C ASP C 195 4.78 28.43 25.68
N GLY C 196 5.92 27.76 25.87
CA GLY C 196 6.11 26.43 25.35
C GLY C 196 6.57 26.35 23.91
N TYR C 197 6.34 27.40 23.11
CA TYR C 197 6.71 27.42 21.71
C TYR C 197 7.87 28.37 21.42
N ASP C 198 8.58 28.81 22.45
CA ASP C 198 9.67 29.76 22.26
C ASP C 198 10.88 29.07 21.62
N TYR C 199 11.67 29.86 20.90
CA TYR C 199 12.85 29.36 20.20
C TYR C 199 13.89 30.46 20.19
N SER C 200 15.12 30.10 20.59
CA SER C 200 16.20 31.07 20.73
C SER C 200 17.11 31.02 19.50
N ARG C 201 18.08 31.93 19.48
CA ARG C 201 19.05 32.01 18.39
C ARG C 201 20.29 31.14 18.63
N GLY C 202 20.44 30.60 19.83
CA GLY C 202 21.63 29.83 20.16
C GLY C 202 21.43 28.33 20.11
N GLN C 203 20.17 27.88 20.14
CA GLN C 203 19.86 26.46 20.10
C GLN C 203 19.60 25.94 18.70
N LEU C 204 19.47 26.82 17.71
CA LEU C 204 19.33 26.36 16.33
C LEU C 204 20.62 25.67 15.87
N ILE C 205 21.77 26.24 16.22
CA ILE C 205 23.05 25.63 15.84
C ILE C 205 23.25 24.32 16.61
N GLU C 206 22.88 24.30 17.89
CA GLU C 206 22.90 23.05 18.64
C GLU C 206 21.84 22.07 18.15
N ASP C 207 20.86 22.55 17.39
CA ASP C 207 19.87 21.66 16.78
C ASP C 207 20.40 21.05 15.48
N VAL C 208 20.90 21.90 14.57
CA VAL C 208 21.37 21.42 13.28
C VAL C 208 22.58 20.51 13.42
N GLU C 209 23.34 20.61 14.52
CA GLU C 209 24.49 19.76 14.72
C GLU C 209 24.14 18.48 15.50
N HIS C 210 23.22 18.56 16.45
CA HIS C 210 22.72 17.35 17.09
C HIS C 210 21.93 16.49 16.10
N THR C 211 21.36 17.11 15.08
CA THR C 211 20.62 16.39 14.06
C THR C 211 21.50 15.94 12.90
N PHE C 212 22.63 16.61 12.67
CA PHE C 212 23.52 16.22 11.58
C PHE C 212 24.30 14.96 11.92
N GLU C 213 24.56 14.72 13.21
CA GLU C 213 25.35 13.56 13.60
C GLU C 213 24.66 12.25 13.26
N GLU C 214 23.32 12.23 13.27
CA GLU C 214 22.58 11.03 12.90
C GLU C 214 22.39 10.90 11.39
N ILE C 215 22.89 11.87 10.62
CA ILE C 215 22.81 11.81 9.16
C ILE C 215 24.14 11.31 8.62
N LYS C 216 25.22 11.58 9.36
CA LYS C 216 26.55 11.17 8.94
C LYS C 216 26.69 9.68 8.66
N PRO C 217 26.07 8.76 9.41
CA PRO C 217 26.15 7.34 9.00
C PRO C 217 25.58 7.09 7.61
N LEU C 218 24.44 7.69 7.28
CA LEU C 218 23.87 7.52 5.95
C LEU C 218 24.74 8.17 4.89
N TYR C 219 25.28 9.35 5.18
CA TYR C 219 26.12 10.04 4.20
C TYR C 219 27.47 9.33 4.02
N GLU C 220 27.98 8.69 5.07
CA GLU C 220 29.25 7.99 4.95
C GLU C 220 29.14 6.80 4.01
N HIS C 221 28.02 6.07 4.06
CA HIS C 221 27.82 4.93 3.17
C HIS C 221 27.40 5.37 1.77
N LEU C 222 26.79 6.55 1.64
CA LEU C 222 26.55 7.10 0.31
C LEU C 222 27.83 7.63 -0.31
N HIS C 223 28.66 8.30 0.49
CA HIS C 223 29.94 8.80 0.01
C HIS C 223 30.84 7.65 -0.43
N ALA C 224 30.82 6.54 0.31
CA ALA C 224 31.64 5.39 -0.07
C ALA C 224 31.08 4.69 -1.31
N TYR C 225 29.76 4.64 -1.44
CA TYR C 225 29.15 4.02 -2.61
C TYR C 225 29.40 4.84 -3.87
N VAL C 226 29.30 6.17 -3.76
CA VAL C 226 29.57 7.03 -4.90
C VAL C 226 31.04 7.00 -5.25
N ARG C 227 31.92 6.96 -4.25
CA ARG C 227 33.36 6.91 -4.50
C ARG C 227 33.73 5.69 -5.31
N ALA C 228 33.20 4.52 -4.96
CA ALA C 228 33.51 3.30 -5.69
C ALA C 228 32.99 3.36 -7.12
N LYS C 229 31.78 3.90 -7.31
CA LYS C 229 31.24 4.02 -8.65
C LYS C 229 31.99 5.07 -9.47
N LEU C 230 32.50 6.11 -8.82
CA LEU C 230 33.24 7.13 -9.53
C LEU C 230 34.65 6.67 -9.90
N MET C 231 35.22 5.74 -9.13
CA MET C 231 36.53 5.20 -9.49
C MET C 231 36.47 4.40 -10.79
N ASN C 232 35.35 3.75 -11.07
CA ASN C 232 35.17 3.06 -12.34
C ASN C 232 34.88 4.03 -13.48
N ALA C 233 34.45 5.25 -13.18
CA ALA C 233 34.24 6.27 -14.20
C ALA C 233 35.47 7.14 -14.42
N TYR C 234 36.25 7.40 -13.38
CA TYR C 234 37.50 8.16 -13.47
C TYR C 234 38.61 7.31 -12.88
N PRO C 235 39.14 6.35 -13.63
CA PRO C 235 40.23 5.53 -13.12
C PRO C 235 41.50 6.33 -12.95
N SER C 236 42.31 5.93 -11.95
CA SER C 236 43.57 6.57 -11.63
C SER C 236 43.40 8.03 -11.24
N TYR C 237 42.26 8.37 -10.64
CA TYR C 237 42.00 9.73 -10.19
C TYR C 237 41.44 9.83 -8.78
N ILE C 238 40.81 8.79 -8.25
CA ILE C 238 40.15 8.84 -6.95
C ILE C 238 40.72 7.71 -6.09
N SER C 239 41.23 8.07 -4.91
CA SER C 239 41.76 7.06 -4.01
C SER C 239 40.64 6.45 -3.17
N PRO C 240 40.69 5.13 -2.92
CA PRO C 240 39.63 4.50 -2.12
C PRO C 240 39.63 4.95 -0.66
N ILE C 241 40.64 5.70 -0.22
CA ILE C 241 40.67 6.21 1.15
C ILE C 241 40.42 7.70 1.22
N GLY C 242 40.65 8.45 0.13
CA GLY C 242 40.58 9.88 0.16
C GLY C 242 39.19 10.42 -0.15
N CYS C 243 39.09 11.75 -0.12
CA CYS C 243 37.83 12.43 -0.36
C CYS C 243 37.50 12.43 -1.85
N LEU C 244 36.29 12.91 -2.16
CA LEU C 244 35.87 13.02 -3.55
C LEU C 244 36.42 14.31 -4.17
N PRO C 245 36.99 14.26 -5.37
CA PRO C 245 37.41 15.50 -6.03
C PRO C 245 36.22 16.42 -6.24
N ALA C 246 36.47 17.72 -6.07
CA ALA C 246 35.39 18.70 -6.10
C ALA C 246 34.75 18.82 -7.47
N HIS C 247 35.53 18.64 -8.54
CA HIS C 247 35.06 18.82 -9.90
C HIS C 247 34.42 17.57 -10.48
N LEU C 248 34.02 16.61 -9.64
CA LEU C 248 33.41 15.38 -10.10
C LEU C 248 32.15 15.04 -9.31
N LEU C 249 31.38 16.07 -8.94
CA LEU C 249 30.25 15.89 -8.04
C LEU C 249 28.90 16.16 -8.69
N GLY C 250 28.87 16.52 -9.97
CA GLY C 250 27.62 16.69 -10.69
C GLY C 250 27.27 18.11 -11.06
N ASP C 251 27.94 19.11 -10.48
CA ASP C 251 27.70 20.50 -10.82
C ASP C 251 28.96 21.30 -10.49
N MET C 252 28.84 22.63 -10.51
CA MET C 252 30.00 23.49 -10.33
C MET C 252 30.57 23.39 -8.91
N TRP C 253 29.72 23.13 -7.91
CA TRP C 253 30.14 23.15 -6.52
C TRP C 253 29.90 21.85 -5.78
N GLY C 254 29.19 20.90 -6.38
CA GLY C 254 28.81 19.70 -5.66
C GLY C 254 27.58 19.87 -4.80
N ARG C 255 26.76 20.89 -5.08
CA ARG C 255 25.55 21.12 -4.28
C ARG C 255 24.53 20.01 -4.47
N PHE C 256 24.58 19.28 -5.58
CA PHE C 256 23.67 18.18 -5.81
C PHE C 256 24.39 17.07 -6.57
N TRP C 257 24.28 15.84 -6.09
CA TRP C 257 24.83 14.68 -6.75
C TRP C 257 23.85 14.03 -7.73
N THR C 258 22.83 14.78 -8.17
CA THR C 258 21.81 14.21 -9.03
C THR C 258 22.38 13.79 -10.38
N ASN C 259 23.27 14.60 -10.95
CA ASN C 259 23.88 14.28 -12.24
C ASN C 259 24.78 13.07 -12.19
N LEU C 260 25.12 12.57 -11.00
CA LEU C 260 25.90 11.36 -10.84
C LEU C 260 25.04 10.10 -10.85
N TYR C 261 23.74 10.22 -11.13
CA TYR C 261 22.87 9.05 -11.13
C TYR C 261 23.20 8.12 -12.28
N SER C 262 23.48 8.67 -13.47
CA SER C 262 23.83 7.84 -14.62
C SER C 262 25.11 7.05 -14.39
N LEU C 263 25.96 7.49 -13.45
CA LEU C 263 27.18 6.77 -13.13
C LEU C 263 26.99 5.81 -11.96
N THR C 264 26.27 6.24 -10.92
CA THR C 264 26.14 5.48 -9.69
C THR C 264 24.79 4.78 -9.56
N VAL C 265 24.08 4.59 -10.67
CA VAL C 265 22.78 3.91 -10.60
C VAL C 265 22.98 2.47 -10.17
N PRO C 266 22.27 1.99 -9.14
CA PRO C 266 22.44 0.58 -8.73
C PRO C 266 22.14 -0.40 -9.84
N PHE C 267 21.02 -0.23 -10.52
CA PHE C 267 20.60 -1.11 -11.63
C PHE C 267 20.18 -0.22 -12.79
N GLY C 268 21.15 0.11 -13.66
CA GLY C 268 20.87 0.89 -14.84
C GLY C 268 20.26 0.07 -15.95
N GLN C 269 19.74 -1.11 -15.61
CA GLN C 269 19.18 -2.07 -16.55
C GLN C 269 17.67 -1.88 -16.73
N LYS C 270 16.94 -1.75 -15.62
CA LYS C 270 15.49 -1.66 -15.66
C LYS C 270 15.05 -0.29 -16.16
N PRO C 271 13.75 -0.13 -16.50
CA PRO C 271 13.24 1.19 -16.91
C PRO C 271 13.72 2.33 -16.02
N ASN C 272 14.22 3.38 -16.65
CA ASN C 272 14.90 4.46 -15.93
C ASN C 272 13.90 5.25 -15.09
N ILE C 273 14.22 5.43 -13.82
CA ILE C 273 13.45 6.32 -12.97
C ILE C 273 13.62 7.77 -13.44
N ASP C 274 14.82 8.12 -13.89
CA ASP C 274 15.05 9.41 -14.51
C ASP C 274 14.31 9.46 -15.85
N VAL C 275 13.25 10.24 -15.91
CA VAL C 275 12.38 10.28 -17.08
C VAL C 275 12.74 11.43 -18.02
N THR C 276 13.96 11.96 -17.91
CA THR C 276 14.38 13.05 -18.79
C THR C 276 14.29 12.62 -20.26
N ASP C 277 14.79 11.43 -20.58
CA ASP C 277 14.72 10.94 -21.96
C ASP C 277 13.27 10.71 -22.38
N ALA C 278 12.43 10.22 -21.48
CA ALA C 278 11.02 10.05 -21.80
C ALA C 278 10.35 11.39 -22.07
N MET C 279 10.73 12.43 -21.31
CA MET C 279 10.18 13.76 -21.57
C MET C 279 10.65 14.32 -22.91
N VAL C 280 11.88 13.98 -23.31
CA VAL C 280 12.38 14.43 -24.61
C VAL C 280 11.74 13.64 -25.74
N ASP C 281 11.59 12.32 -25.56
CA ASP C 281 11.02 11.48 -26.61
C ASP C 281 9.53 11.72 -26.80
N GLN C 282 8.84 12.29 -25.81
CA GLN C 282 7.41 12.58 -25.91
C GLN C 282 7.14 14.04 -26.25
N ALA C 283 8.16 14.81 -26.59
CA ALA C 283 8.02 16.21 -27.01
C ALA C 283 7.36 17.05 -25.91
N TRP C 284 7.84 16.89 -24.69
CA TRP C 284 7.40 17.74 -23.59
C TRP C 284 8.05 19.11 -23.70
N ASP C 285 7.30 20.14 -23.32
CA ASP C 285 7.80 21.51 -23.31
C ASP C 285 7.50 22.15 -21.97
N ALA C 286 7.93 23.40 -21.80
CA ALA C 286 7.71 24.10 -20.54
C ALA C 286 6.22 24.26 -20.24
N GLN C 287 5.39 24.37 -21.28
CA GLN C 287 3.95 24.45 -21.08
C GLN C 287 3.42 23.15 -20.47
N ARG C 288 3.78 22.00 -21.07
CA ARG C 288 3.31 20.72 -20.56
C ARG C 288 3.78 20.47 -19.14
N ILE C 289 4.95 20.98 -18.77
CA ILE C 289 5.48 20.73 -17.43
C ILE C 289 4.66 21.48 -16.38
N PHE C 290 4.49 22.79 -16.56
CA PHE C 290 3.80 23.58 -15.54
C PHE C 290 2.30 23.32 -15.54
N LYS C 291 1.72 22.97 -16.69
CA LYS C 291 0.30 22.61 -16.71
C LYS C 291 0.07 21.27 -16.03
N GLU C 292 1.07 20.38 -16.04
CA GLU C 292 0.95 19.12 -15.31
C GLU C 292 1.19 19.31 -13.82
N ALA C 293 2.07 20.24 -13.45
CA ALA C 293 2.26 20.55 -12.03
C ALA C 293 1.03 21.22 -11.45
N GLU C 294 0.40 22.11 -12.22
CA GLU C 294 -0.85 22.73 -11.79
C GLU C 294 -1.93 21.68 -11.55
N LYS C 295 -2.01 20.70 -12.44
CA LYS C 295 -2.99 19.62 -12.26
C LYS C 295 -2.74 18.84 -10.97
N PHE C 296 -1.48 18.74 -10.55
CA PHE C 296 -1.16 18.03 -9.31
C PHE C 296 -1.74 18.76 -8.10
N PHE C 297 -1.69 20.08 -8.10
CA PHE C 297 -2.22 20.84 -6.97
C PHE C 297 -3.74 20.82 -6.94
N VAL C 298 -4.38 20.74 -8.11
CA VAL C 298 -5.84 20.64 -8.15
C VAL C 298 -6.29 19.29 -7.60
N SER C 299 -5.44 18.27 -7.71
CA SER C 299 -5.79 16.94 -7.22
C SER C 299 -5.90 16.90 -5.70
N VAL C 300 -5.25 17.81 -4.99
CA VAL C 300 -5.28 17.83 -3.53
C VAL C 300 -6.22 18.91 -3.01
N GLY C 301 -7.08 19.46 -3.87
CA GLY C 301 -8.02 20.47 -3.45
C GLY C 301 -7.51 21.89 -3.47
N LEU C 302 -6.28 22.11 -3.95
CA LEU C 302 -5.74 23.46 -4.03
C LEU C 302 -6.18 24.14 -5.33
N PRO C 303 -6.26 25.46 -5.35
CA PRO C 303 -6.83 26.16 -6.53
C PRO C 303 -5.90 26.08 -7.73
N ASN C 304 -6.46 26.45 -8.88
CA ASN C 304 -5.69 26.56 -10.10
C ASN C 304 -4.74 27.76 -10.02
N MET C 305 -3.86 27.84 -11.02
CA MET C 305 -3.02 29.03 -11.18
C MET C 305 -3.86 30.13 -11.82
N THR C 306 -3.78 31.34 -11.26
CA THR C 306 -4.55 32.45 -11.76
C THR C 306 -4.20 32.73 -13.22
N GLN C 307 -5.21 33.18 -13.98
CA GLN C 307 -5.01 33.42 -15.41
C GLN C 307 -3.95 34.47 -15.69
N GLY C 308 -3.68 35.36 -14.73
CA GLY C 308 -2.59 36.30 -14.88
C GLY C 308 -1.22 35.67 -14.76
N PHE C 309 -1.12 34.54 -14.07
CA PHE C 309 0.16 33.84 -13.96
C PHE C 309 0.62 33.30 -15.32
N TRP C 310 -0.32 32.77 -16.11
CA TRP C 310 0.05 32.21 -17.40
C TRP C 310 0.43 33.29 -18.41
N GLU C 311 -0.16 34.49 -18.29
CA GLU C 311 0.07 35.53 -19.27
C GLU C 311 1.33 36.33 -18.99
N ASN C 312 1.74 36.42 -17.73
CA ASN C 312 2.81 37.34 -17.35
C ASN C 312 4.10 36.66 -16.93
N SER C 313 4.05 35.43 -16.42
CA SER C 313 5.25 34.76 -15.97
C SER C 313 6.05 34.21 -17.15
N MET C 314 7.38 34.22 -17.00
CA MET C 314 8.29 33.73 -18.02
C MET C 314 8.74 32.32 -17.63
N LEU C 315 8.30 31.32 -18.41
CA LEU C 315 8.53 29.93 -18.08
C LEU C 315 9.69 29.30 -18.84
N THR C 316 10.32 30.04 -19.76
CA THR C 316 11.48 29.52 -20.48
C THR C 316 12.36 30.69 -20.91
N ASP C 317 13.57 30.36 -21.34
CA ASP C 317 14.53 31.39 -21.75
C ASP C 317 14.06 32.06 -23.03
N PRO C 318 14.02 33.39 -23.09
CA PRO C 318 13.56 34.06 -24.30
C PRO C 318 14.63 34.12 -25.36
N GLY C 319 15.70 33.35 -25.17
CA GLY C 319 16.84 33.40 -26.05
C GLY C 319 17.75 34.57 -25.70
N ASN C 320 18.66 34.86 -26.62
CA ASN C 320 19.53 36.01 -26.46
C ASN C 320 19.01 37.24 -27.18
N VAL C 321 17.80 37.17 -27.75
CA VAL C 321 17.14 38.36 -28.24
C VAL C 321 16.91 39.35 -27.10
N GLN C 322 16.66 38.83 -25.90
CA GLN C 322 16.49 39.64 -24.70
C GLN C 322 17.11 38.89 -23.54
N LYS C 323 18.15 39.47 -22.94
CA LYS C 323 18.88 38.79 -21.88
C LYS C 323 18.08 38.80 -20.59
N ALA C 324 18.23 37.72 -19.82
CA ALA C 324 17.51 37.56 -18.56
C ALA C 324 18.38 36.81 -17.56
N VAL C 325 17.90 36.76 -16.32
CA VAL C 325 18.48 35.92 -15.28
C VAL C 325 17.58 34.72 -15.11
N CYS C 326 18.16 33.51 -15.15
CA CYS C 326 17.38 32.29 -15.32
C CYS C 326 17.24 31.46 -14.06
N HIS C 327 17.77 31.91 -12.92
CA HIS C 327 17.66 31.11 -11.72
C HIS C 327 16.21 31.06 -11.24
N PRO C 328 15.71 29.89 -10.85
CA PRO C 328 14.28 29.75 -10.54
C PRO C 328 13.89 30.60 -9.33
N THR C 329 12.86 31.43 -9.53
CA THR C 329 12.33 32.29 -8.49
C THR C 329 10.82 32.37 -8.59
N ALA C 330 10.15 32.28 -7.45
CA ALA C 330 8.71 32.50 -7.36
C ALA C 330 8.46 33.92 -6.90
N TRP C 331 7.42 34.55 -7.45
CA TRP C 331 7.17 35.96 -7.25
C TRP C 331 5.80 36.19 -6.66
N ASP C 332 5.75 36.90 -5.53
CA ASP C 332 4.51 37.40 -4.94
C ASP C 332 4.63 38.92 -4.94
N LEU C 333 4.25 39.54 -6.06
CA LEU C 333 4.38 40.98 -6.24
C LEU C 333 3.30 41.77 -5.51
N GLY C 334 2.33 41.09 -4.92
CA GLY C 334 1.19 41.76 -4.30
C GLY C 334 0.06 41.96 -5.27
N LYS C 335 -1.07 42.43 -4.73
CA LYS C 335 -2.28 42.71 -5.52
C LYS C 335 -2.75 41.48 -6.29
N GLY C 336 -2.53 40.30 -5.74
CA GLY C 336 -2.91 39.07 -6.41
C GLY C 336 -2.06 38.71 -7.61
N ASP C 337 -0.93 39.37 -7.80
CA ASP C 337 -0.04 39.09 -8.94
C ASP C 337 0.96 38.02 -8.52
N PHE C 338 0.84 36.84 -9.11
CA PHE C 338 1.75 35.73 -8.84
C PHE C 338 2.45 35.34 -10.13
N ARG C 339 3.78 35.23 -10.06
CA ARG C 339 4.59 34.94 -11.23
C ARG C 339 5.69 33.95 -10.85
N ILE C 340 6.19 33.24 -11.86
CA ILE C 340 7.31 32.32 -11.71
C ILE C 340 8.31 32.63 -12.81
N LEU C 341 9.55 32.94 -12.42
CA LEU C 341 10.62 33.25 -13.36
C LEU C 341 11.61 32.09 -13.33
N MET C 342 11.67 31.33 -14.43
CA MET C 342 12.55 30.16 -14.52
C MET C 342 12.68 29.72 -15.97
N CYS C 343 13.92 29.63 -16.46
CA CYS C 343 14.19 29.19 -17.83
C CYS C 343 14.21 27.65 -17.82
N THR C 344 13.14 27.05 -18.29
CA THR C 344 12.92 25.61 -18.14
C THR C 344 13.52 24.85 -19.32
N LYS C 345 14.39 23.90 -19.01
CA LYS C 345 14.76 22.85 -19.95
C LYS C 345 13.88 21.64 -19.68
N VAL C 346 13.66 20.84 -20.71
CA VAL C 346 12.74 19.69 -20.60
C VAL C 346 13.58 18.54 -20.04
N THR C 347 13.72 18.54 -18.71
CA THR C 347 14.41 17.50 -17.97
C THR C 347 13.62 17.20 -16.71
N MET C 348 13.98 16.11 -16.03
CA MET C 348 13.31 15.76 -14.78
C MET C 348 13.71 16.71 -13.66
N ASP C 349 14.92 17.28 -13.74
CA ASP C 349 15.36 18.22 -12.70
C ASP C 349 14.55 19.51 -12.74
N ASP C 350 14.13 19.95 -13.93
CA ASP C 350 13.22 21.09 -14.01
C ASP C 350 11.77 20.67 -13.81
N PHE C 351 11.44 19.40 -14.11
CA PHE C 351 10.10 18.91 -13.86
C PHE C 351 9.77 18.92 -12.37
N LEU C 352 10.75 18.52 -11.54
CA LEU C 352 10.55 18.58 -10.09
C LEU C 352 10.68 20.00 -9.55
N THR C 353 11.54 20.82 -10.17
CA THR C 353 11.65 22.21 -9.75
C THR C 353 10.37 22.99 -10.06
N ALA C 354 9.68 22.65 -11.15
CA ALA C 354 8.41 23.30 -11.45
C ALA C 354 7.38 23.02 -10.37
N HIS C 355 7.30 21.78 -9.91
CA HIS C 355 6.45 21.47 -8.75
C HIS C 355 6.91 22.22 -7.51
N HIS C 356 8.23 22.44 -7.39
CA HIS C 356 8.76 23.14 -6.22
C HIS C 356 8.45 24.63 -6.28
N GLU C 357 8.75 25.27 -7.42
CA GLU C 357 8.50 26.71 -7.54
C GLU C 357 7.01 27.02 -7.48
N MET C 358 6.17 26.16 -8.06
CA MET C 358 4.73 26.33 -7.94
C MET C 358 4.26 26.09 -6.51
N GLY C 359 5.01 25.28 -5.75
CA GLY C 359 4.70 25.11 -4.34
C GLY C 359 4.85 26.39 -3.55
N HIS C 360 5.82 27.24 -3.92
CA HIS C 360 5.93 28.55 -3.30
C HIS C 360 4.74 29.42 -3.63
N ILE C 361 4.19 29.30 -4.85
CA ILE C 361 3.07 30.13 -5.25
C ILE C 361 1.81 29.72 -4.49
N GLN C 362 1.54 28.42 -4.40
CA GLN C 362 0.40 27.95 -3.60
C GLN C 362 0.54 28.38 -2.15
N TYR C 363 1.76 28.47 -1.63
CA TYR C 363 1.98 29.03 -0.31
C TYR C 363 1.65 30.53 -0.31
N ASP C 364 2.14 31.26 -1.32
CA ASP C 364 1.87 32.69 -1.39
C ASP C 364 0.38 32.97 -1.58
N MET C 365 -0.29 32.15 -2.40
CA MET C 365 -1.72 32.34 -2.62
C MET C 365 -2.53 32.04 -1.37
N ALA C 366 -2.04 31.15 -0.51
CA ALA C 366 -2.83 30.72 0.65
C ALA C 366 -2.95 31.82 1.69
N TYR C 367 -1.83 32.45 2.04
CA TYR C 367 -1.85 33.53 3.03
C TYR C 367 -2.10 34.90 2.41
N ALA C 368 -2.71 34.96 1.23
CA ALA C 368 -3.03 36.24 0.61
C ALA C 368 -4.10 37.00 1.39
N ALA C 369 -4.87 36.32 2.23
CA ALA C 369 -5.89 36.94 3.05
C ALA C 369 -5.35 37.33 4.43
N GLN C 370 -4.04 37.55 4.55
CA GLN C 370 -3.38 37.96 5.78
C GLN C 370 -2.87 39.39 5.65
N PRO C 371 -2.58 40.06 6.77
CA PRO C 371 -1.96 41.38 6.69
C PRO C 371 -0.63 41.32 5.94
N PHE C 372 -0.26 42.45 5.35
CA PHE C 372 0.90 42.50 4.46
C PHE C 372 2.16 42.03 5.16
N LEU C 373 2.40 42.53 6.37
CA LEU C 373 3.61 42.14 7.10
C LEU C 373 3.58 40.69 7.56
N LEU C 374 2.41 40.05 7.53
CA LEU C 374 2.28 38.64 7.88
C LEU C 374 2.12 37.74 6.67
N ARG C 375 2.15 38.30 5.45
CA ARG C 375 2.09 37.51 4.23
C ARG C 375 3.49 36.99 3.91
N ASN C 376 3.96 36.09 4.77
CA ASN C 376 5.29 35.50 4.64
C ASN C 376 5.28 34.16 5.35
N GLY C 377 6.25 33.32 5.00
CA GLY C 377 6.33 32.00 5.59
C GLY C 377 6.63 32.04 7.07
N ALA C 378 6.38 30.90 7.72
CA ALA C 378 6.68 30.78 9.15
C ALA C 378 8.16 31.04 9.42
N ASN C 379 9.03 30.43 8.62
CA ASN C 379 10.44 30.76 8.60
C ASN C 379 10.96 30.53 7.18
N GLU C 380 12.25 30.81 6.98
CA GLU C 380 12.83 30.69 5.65
C GLU C 380 12.82 29.26 5.14
N GLY C 381 12.76 28.26 6.03
CA GLY C 381 12.73 26.88 5.59
C GLY C 381 11.36 26.39 5.17
N PHE C 382 10.30 26.96 5.73
CA PHE C 382 8.94 26.49 5.42
C PHE C 382 8.60 26.69 3.94
N HIS C 383 9.08 27.77 3.35
CA HIS C 383 8.83 28.01 1.93
C HIS C 383 9.46 26.92 1.07
N GLU C 384 10.77 26.71 1.22
CA GLU C 384 11.46 25.68 0.45
C GLU C 384 11.04 24.27 0.83
N ALA C 385 10.33 24.09 1.93
CA ALA C 385 9.91 22.76 2.37
C ALA C 385 8.61 22.31 1.71
N VAL C 386 7.63 23.21 1.58
CA VAL C 386 6.37 22.83 0.97
C VAL C 386 6.51 22.59 -0.52
N GLY C 387 7.56 23.13 -1.15
CA GLY C 387 7.85 22.80 -2.54
C GLY C 387 8.52 21.46 -2.72
N GLU C 388 9.21 20.97 -1.69
CA GLU C 388 9.88 19.67 -1.78
C GLU C 388 8.93 18.51 -1.51
N ILE C 389 7.89 18.72 -0.70
CA ILE C 389 6.92 17.66 -0.46
C ILE C 389 6.08 17.39 -1.69
N MET C 390 6.01 18.35 -2.62
CA MET C 390 5.31 18.12 -3.88
C MET C 390 6.19 17.32 -4.84
N SER C 391 7.48 17.63 -4.88
CA SER C 391 8.40 16.84 -5.71
C SER C 391 8.59 15.44 -5.16
N LEU C 392 8.41 15.26 -3.86
CA LEU C 392 8.52 13.92 -3.28
C LEU C 392 7.44 13.00 -3.84
N SER C 393 6.23 13.52 -4.03
CA SER C 393 5.17 12.71 -4.60
C SER C 393 5.26 12.63 -6.12
N ALA C 394 5.72 13.69 -6.78
CA ALA C 394 5.79 13.72 -8.23
C ALA C 394 6.95 12.91 -8.79
N ALA C 395 7.94 12.57 -7.97
CA ALA C 395 9.10 11.81 -8.42
C ALA C 395 8.93 10.31 -8.26
N THR C 396 7.93 9.86 -7.52
CA THR C 396 7.75 8.42 -7.32
C THR C 396 7.35 7.75 -8.63
N PRO C 397 7.79 6.52 -8.88
CA PRO C 397 7.40 5.84 -10.12
C PRO C 397 5.91 5.63 -10.26
N LYS C 398 5.17 5.54 -9.15
CA LYS C 398 3.72 5.42 -9.23
C LYS C 398 3.11 6.65 -9.87
N HIS C 399 3.59 7.85 -9.50
CA HIS C 399 3.05 9.07 -10.06
C HIS C 399 3.53 9.30 -11.49
N LEU C 400 4.73 8.82 -11.82
CA LEU C 400 5.23 8.97 -13.18
C LEU C 400 4.45 8.10 -14.17
N LYS C 401 3.92 6.97 -13.70
CA LYS C 401 3.02 6.18 -14.54
C LYS C 401 1.68 6.89 -14.74
N SER C 402 1.29 7.74 -13.79
CA SER C 402 0.02 8.45 -13.90
C SER C 402 0.04 9.52 -14.99
N ILE C 403 1.19 10.17 -15.19
CA ILE C 403 1.30 11.26 -16.15
C ILE C 403 1.83 10.80 -17.51
N GLY C 404 2.21 9.53 -17.63
CA GLY C 404 2.62 8.99 -18.92
C GLY C 404 4.11 8.99 -19.19
N LEU C 405 4.95 9.17 -18.18
CA LEU C 405 6.39 9.12 -18.37
C LEU C 405 6.97 7.72 -18.18
N LEU C 406 6.22 6.83 -17.53
CA LEU C 406 6.55 5.41 -17.46
C LEU C 406 5.38 4.63 -18.04
N SER C 407 5.69 3.66 -18.90
CA SER C 407 4.66 2.89 -19.56
C SER C 407 3.80 2.17 -18.53
N PRO C 408 2.49 2.01 -18.79
CA PRO C 408 1.62 1.36 -17.80
C PRO C 408 2.03 -0.07 -17.48
N ASP C 409 2.85 -0.70 -18.31
CA ASP C 409 3.41 -2.01 -18.00
C ASP C 409 4.75 -1.88 -17.28
N PHE C 410 4.74 -1.11 -16.19
CA PHE C 410 5.93 -0.87 -15.37
C PHE C 410 5.72 -1.54 -14.02
N GLN C 411 6.50 -2.58 -13.74
CA GLN C 411 6.41 -3.32 -12.49
C GLN C 411 7.44 -2.79 -11.49
N GLU C 412 7.00 -2.62 -10.25
CA GLU C 412 7.85 -2.06 -9.20
C GLU C 412 8.36 -3.19 -8.32
N ASP C 413 9.65 -3.49 -8.43
CA ASP C 413 10.33 -4.48 -7.61
C ASP C 413 11.22 -3.77 -6.60
N ASN C 414 11.98 -4.55 -5.84
CA ASN C 414 12.94 -3.96 -4.91
C ASN C 414 14.02 -3.17 -5.64
N GLU C 415 14.54 -3.74 -6.74
CA GLU C 415 15.61 -3.08 -7.47
C GLU C 415 15.18 -1.70 -7.98
N THR C 416 13.93 -1.58 -8.43
CA THR C 416 13.43 -0.28 -8.87
C THR C 416 13.30 0.69 -7.70
N GLU C 417 12.97 0.19 -6.51
CA GLU C 417 12.83 1.07 -5.35
C GLU C 417 14.18 1.54 -4.84
N ILE C 418 15.20 0.67 -4.88
CA ILE C 418 16.55 1.10 -4.53
C ILE C 418 17.08 2.09 -5.56
N ASN C 419 16.74 1.89 -6.83
CA ASN C 419 17.11 2.86 -7.86
C ASN C 419 16.47 4.21 -7.58
N PHE C 420 15.20 4.22 -7.15
CA PHE C 420 14.53 5.47 -6.83
C PHE C 420 15.09 6.09 -5.55
N LEU C 421 15.37 5.26 -4.55
CA LEU C 421 15.92 5.78 -3.29
C LEU C 421 17.34 6.30 -3.47
N LEU C 422 18.12 5.67 -4.36
CA LEU C 422 19.47 6.14 -4.60
C LEU C 422 19.46 7.50 -5.29
N LYS C 423 18.53 7.69 -6.24
CA LYS C 423 18.44 8.98 -6.93
C LYS C 423 17.98 10.08 -5.96
N GLN C 424 17.08 9.76 -5.05
CA GLN C 424 16.64 10.74 -4.06
C GLN C 424 17.74 11.08 -3.08
N ALA C 425 18.58 10.10 -2.72
CA ALA C 425 19.67 10.36 -1.78
C ALA C 425 20.74 11.25 -2.39
N LEU C 426 20.99 11.12 -3.69
CA LEU C 426 21.99 11.96 -4.33
C LEU C 426 21.60 13.43 -4.30
N THR C 427 20.31 13.73 -4.22
CA THR C 427 19.82 15.09 -4.21
C THR C 427 19.45 15.59 -2.82
N ILE C 428 18.84 14.74 -1.99
CA ILE C 428 18.31 15.16 -0.70
C ILE C 428 19.39 15.09 0.36
N VAL C 429 19.91 13.88 0.63
CA VAL C 429 20.92 13.71 1.66
C VAL C 429 22.33 13.98 1.16
N GLY C 430 22.52 14.11 -0.16
CA GLY C 430 23.84 14.42 -0.69
C GLY C 430 24.28 15.84 -0.46
N THR C 431 23.35 16.75 -0.19
CA THR C 431 23.67 18.15 0.03
C THR C 431 23.63 18.55 1.50
N LEU C 432 23.03 17.73 2.37
CA LEU C 432 22.98 18.05 3.79
C LEU C 432 24.33 18.36 4.40
N PRO C 433 25.41 17.61 4.10
CA PRO C 433 26.74 18.07 4.57
C PRO C 433 27.26 19.27 3.82
N PHE C 434 26.82 19.47 2.57
CA PHE C 434 27.30 20.61 1.79
C PHE C 434 26.76 21.92 2.35
N THR C 435 25.45 21.99 2.59
CA THR C 435 24.85 23.22 3.10
C THR C 435 25.26 23.48 4.54
N TYR C 436 25.32 22.43 5.36
CA TYR C 436 25.71 22.59 6.76
C TYR C 436 27.14 23.14 6.86
N MET C 437 28.07 22.55 6.10
CA MET C 437 29.44 23.02 6.12
C MET C 437 29.56 24.43 5.55
N LEU C 438 28.74 24.75 4.53
CA LEU C 438 28.88 26.02 3.84
C LEU C 438 28.60 27.21 4.76
N GLU C 439 27.45 27.19 5.43
CA GLU C 439 27.10 28.32 6.28
C GLU C 439 27.72 28.25 7.67
N LYS C 440 28.10 27.05 8.13
CA LYS C 440 28.93 26.97 9.32
C LYS C 440 30.27 27.67 9.10
N TRP C 441 30.80 27.60 7.88
CA TRP C 441 31.97 28.40 7.53
C TRP C 441 31.64 29.89 7.57
N ARG C 442 30.45 30.27 7.09
CA ARG C 442 30.05 31.67 7.14
C ARG C 442 29.71 32.10 8.56
N TRP C 443 29.12 31.19 9.34
CA TRP C 443 28.80 31.52 10.74
C TRP C 443 30.06 31.81 11.55
N MET C 444 31.12 31.02 11.32
CA MET C 444 32.38 31.21 12.01
C MET C 444 33.20 32.36 11.42
N VAL C 445 32.84 32.87 10.26
CA VAL C 445 33.55 34.03 9.70
C VAL C 445 32.96 35.31 10.26
N PHE C 446 31.63 35.42 10.28
CA PHE C 446 30.99 36.61 10.85
C PHE C 446 31.25 36.73 12.34
N LYS C 447 31.43 35.60 13.03
CA LYS C 447 31.70 35.60 14.46
C LYS C 447 33.16 35.84 14.80
N GLY C 448 34.02 36.02 13.79
CA GLY C 448 35.43 36.24 14.02
C GLY C 448 36.22 35.02 14.44
N GLU C 449 35.60 33.83 14.46
CA GLU C 449 36.33 32.63 14.83
C GLU C 449 37.36 32.22 13.78
N ILE C 450 37.22 32.72 12.55
CA ILE C 450 38.16 32.40 11.48
C ILE C 450 38.90 33.67 11.07
N PRO C 451 40.20 33.77 11.33
CA PRO C 451 40.96 34.92 10.82
C PRO C 451 40.98 34.91 9.30
N LYS C 452 41.13 36.11 8.72
CA LYS C 452 41.03 36.25 7.27
C LYS C 452 42.22 35.62 6.55
N ASP C 453 43.40 35.61 7.19
CA ASP C 453 44.52 34.87 6.62
C ASP C 453 44.37 33.36 6.78
N GLN C 454 43.33 32.91 7.48
CA GLN C 454 43.02 31.48 7.64
C GLN C 454 41.68 31.14 7.03
N TRP C 455 41.26 31.89 6.00
CA TRP C 455 39.93 31.67 5.42
C TRP C 455 39.88 30.40 4.59
N MET C 456 40.70 30.34 3.54
CA MET C 456 40.63 29.19 2.62
C MET C 456 41.29 27.95 3.21
N LYS C 457 42.24 28.14 4.13
CA LYS C 457 42.78 26.99 4.87
C LYS C 457 41.68 26.34 5.70
N LYS C 458 40.78 27.15 6.26
CA LYS C 458 39.69 26.61 7.06
C LYS C 458 38.52 26.16 6.21
N TRP C 459 38.36 26.73 5.01
CA TRP C 459 37.26 26.33 4.14
C TRP C 459 37.48 24.92 3.59
N TRP C 460 38.71 24.58 3.24
CA TRP C 460 39.01 23.25 2.72
C TRP C 460 39.31 22.23 3.80
N GLU C 461 39.77 22.67 4.98
CA GLU C 461 39.78 21.78 6.13
C GLU C 461 38.37 21.33 6.50
N MET C 462 37.38 22.17 6.20
CA MET C 462 35.98 21.83 6.49
C MET C 462 35.42 20.89 5.43
N LYS C 463 35.60 21.22 4.15
CA LYS C 463 35.05 20.40 3.08
C LYS C 463 35.63 18.99 3.11
N ARG C 464 36.84 18.81 3.65
CA ARG C 464 37.42 17.47 3.78
C ARG C 464 36.72 16.68 4.87
N GLU C 465 36.65 17.24 6.07
CA GLU C 465 36.14 16.49 7.22
C GLU C 465 34.61 16.44 7.25
N ILE C 466 33.94 17.51 6.82
CA ILE C 466 32.49 17.57 6.91
C ILE C 466 31.82 16.95 5.69
N VAL C 467 32.27 17.33 4.49
CA VAL C 467 31.61 16.89 3.26
C VAL C 467 32.31 15.70 2.61
N GLY C 468 33.56 15.43 2.95
CA GLY C 468 34.30 14.40 2.26
C GLY C 468 34.68 14.80 0.84
N VAL C 469 34.95 16.08 0.61
CA VAL C 469 35.31 16.61 -0.70
C VAL C 469 36.65 17.32 -0.58
N VAL C 470 37.53 17.06 -1.54
CA VAL C 470 38.88 17.61 -1.55
C VAL C 470 39.05 18.46 -2.80
N GLU C 471 39.76 19.58 -2.66
CA GLU C 471 40.04 20.42 -3.81
C GLU C 471 41.10 19.76 -4.70
N PRO C 472 40.96 19.85 -6.02
CA PRO C 472 41.93 19.18 -6.90
C PRO C 472 43.23 19.96 -7.04
N VAL C 473 43.18 21.27 -6.87
CA VAL C 473 44.37 22.11 -6.93
C VAL C 473 44.44 22.96 -5.67
N PRO C 474 45.63 23.25 -5.16
CA PRO C 474 45.72 24.05 -3.93
C PRO C 474 45.29 25.49 -4.17
N HIS C 475 44.57 26.04 -3.19
CA HIS C 475 44.05 27.41 -3.25
C HIS C 475 44.61 28.20 -2.09
N ASP C 476 45.39 29.23 -2.39
CA ASP C 476 45.84 30.17 -1.37
C ASP C 476 44.71 31.11 -0.99
N GLU C 477 45.00 32.07 -0.11
CA GLU C 477 43.98 33.01 0.34
C GLU C 477 43.59 34.02 -0.74
N THR C 478 44.22 33.96 -1.92
CA THR C 478 43.79 34.82 -3.01
C THR C 478 42.40 34.42 -3.51
N TYR C 479 42.11 33.12 -3.50
CA TYR C 479 40.82 32.63 -3.96
C TYR C 479 39.73 32.86 -2.92
N CYS C 480 38.50 32.95 -3.41
CA CYS C 480 37.30 32.85 -2.56
C CYS C 480 36.29 32.02 -3.36
N ASP C 481 36.39 30.69 -3.23
CA ASP C 481 35.49 29.79 -3.95
C ASP C 481 34.07 29.73 -3.37
N PRO C 482 33.86 29.89 -2.05
CA PRO C 482 32.47 30.00 -1.57
C PRO C 482 31.68 31.08 -2.28
N ALA C 483 32.31 32.23 -2.57
CA ALA C 483 31.64 33.29 -3.31
C ALA C 483 31.33 32.90 -4.74
N SER C 484 31.97 31.85 -5.27
CA SER C 484 31.65 31.38 -6.61
C SER C 484 30.25 30.76 -6.68
N LEU C 485 29.68 30.41 -5.53
CA LEU C 485 28.29 29.99 -5.48
C LEU C 485 27.37 31.20 -5.53
N PHE C 486 26.16 30.99 -6.03
CA PHE C 486 25.22 32.10 -6.20
C PHE C 486 24.79 32.68 -4.87
N HIS C 487 24.38 31.83 -3.92
CA HIS C 487 23.81 32.31 -2.67
C HIS C 487 24.84 33.04 -1.81
N VAL C 488 26.12 32.68 -1.93
CA VAL C 488 27.14 33.37 -1.15
C VAL C 488 27.52 34.69 -1.79
N SER C 489 27.47 34.79 -3.11
CA SER C 489 27.87 36.01 -3.81
C SER C 489 26.81 37.10 -3.75
N ASN C 490 25.56 36.75 -3.46
CA ASN C 490 24.45 37.71 -3.54
C ASN C 490 23.79 37.97 -2.20
N ASP C 491 24.44 37.59 -1.09
CA ASP C 491 23.95 37.84 0.27
C ASP C 491 22.58 37.16 0.47
N TYR C 492 22.62 35.83 0.43
CA TYR C 492 21.46 35.00 0.74
C TYR C 492 21.85 33.95 1.76
N SER C 493 20.93 33.64 2.67
CA SER C 493 21.15 32.58 3.63
C SER C 493 21.02 31.22 2.95
N PHE C 494 21.59 30.19 3.59
CA PHE C 494 21.59 28.86 3.02
C PHE C 494 21.14 27.76 3.96
N ILE C 495 20.98 28.04 5.26
CA ILE C 495 20.41 27.04 6.17
C ILE C 495 18.95 26.75 5.87
N ARG C 496 18.34 27.52 4.95
CA ARG C 496 17.00 27.21 4.49
C ARG C 496 16.90 25.79 3.96
N TYR C 497 17.89 25.38 3.17
CA TYR C 497 17.84 24.08 2.52
C TYR C 497 18.14 22.92 3.46
N TYR C 498 18.78 23.17 4.60
CA TYR C 498 18.98 22.12 5.58
C TYR C 498 17.72 21.88 6.40
N THR C 499 17.11 22.95 6.90
CA THR C 499 15.92 22.82 7.73
C THR C 499 14.73 22.33 6.91
N ARG C 500 14.57 22.84 5.69
CA ARG C 500 13.45 22.40 4.84
C ARG C 500 13.56 20.91 4.53
N THR C 501 14.78 20.37 4.53
CA THR C 501 14.96 18.94 4.25
C THR C 501 14.38 18.10 5.36
N LEU C 502 14.69 18.43 6.61
CA LEU C 502 14.07 17.72 7.74
C LEU C 502 12.60 18.06 7.86
N TYR C 503 12.19 19.27 7.43
CA TYR C 503 10.78 19.62 7.45
C TYR C 503 9.99 18.80 6.44
N GLN C 504 10.53 18.65 5.23
CA GLN C 504 9.75 18.06 4.13
C GLN C 504 9.37 16.61 4.43
N PHE C 505 10.19 15.89 5.19
CA PHE C 505 9.84 14.52 5.55
C PHE C 505 8.92 14.45 6.75
N GLN C 506 8.90 15.47 7.60
CA GLN C 506 7.91 15.54 8.66
C GLN C 506 6.54 15.89 8.11
N PHE C 507 6.49 16.83 7.15
CA PHE C 507 5.23 17.15 6.50
C PHE C 507 4.70 15.97 5.70
N GLN C 508 5.57 15.33 4.91
CA GLN C 508 5.14 14.21 4.08
C GLN C 508 4.63 13.06 4.92
N GLU C 509 5.32 12.75 6.02
CA GLU C 509 4.86 11.68 6.92
C GLU C 509 3.48 11.99 7.50
N ALA C 510 3.17 13.28 7.69
CA ALA C 510 1.87 13.65 8.23
C ALA C 510 0.81 13.72 7.14
N LEU C 511 1.18 14.19 5.94
CA LEU C 511 0.21 14.26 4.86
C LEU C 511 -0.16 12.88 4.35
N CYS C 512 0.81 11.98 4.22
CA CYS C 512 0.49 10.61 3.85
C CYS C 512 -0.32 9.91 4.94
N GLN C 513 -0.18 10.36 6.20
CA GLN C 513 -1.03 9.86 7.27
C GLN C 513 -2.47 10.29 7.06
N ALA C 514 -2.68 11.57 6.71
CA ALA C 514 -4.03 12.05 6.42
C ALA C 514 -4.58 11.41 5.15
N ALA C 515 -3.71 11.09 4.18
CA ALA C 515 -4.12 10.37 2.99
C ALA C 515 -4.26 8.88 3.20
N LYS C 516 -4.03 8.40 4.43
CA LYS C 516 -4.17 6.99 4.78
C LYS C 516 -3.25 6.10 3.92
N HIS C 517 -2.02 6.55 3.74
CA HIS C 517 -1.03 5.75 3.03
C HIS C 517 -0.63 4.53 3.86
N GLU C 518 -0.58 3.37 3.20
CA GLU C 518 -0.35 2.11 3.92
C GLU C 518 1.13 1.74 3.95
N GLY C 519 1.76 1.62 2.78
CA GLY C 519 3.11 1.13 2.70
C GLY C 519 4.16 2.11 3.18
N PRO C 520 5.41 1.91 2.74
CA PRO C 520 6.50 2.80 3.18
C PRO C 520 6.28 4.22 2.69
N LEU C 521 7.01 5.14 3.32
CA LEU C 521 6.83 6.57 3.01
C LEU C 521 7.34 6.91 1.62
N HIS C 522 8.33 6.18 1.11
CA HIS C 522 8.89 6.48 -0.21
C HIS C 522 7.99 6.03 -1.35
N LYS C 523 6.86 5.37 -1.06
CA LYS C 523 5.90 4.97 -2.07
C LYS C 523 4.58 5.73 -1.95
N CYS C 524 4.60 6.90 -1.31
CA CYS C 524 3.39 7.67 -1.06
C CYS C 524 3.18 8.72 -2.15
N ASP C 525 1.92 8.99 -2.46
CA ASP C 525 1.54 9.98 -3.46
C ASP C 525 0.25 10.64 -3.00
N ILE C 526 0.34 11.90 -2.60
CA ILE C 526 -0.77 12.60 -1.97
C ILE C 526 -1.79 13.05 -3.02
N SER C 527 -1.53 12.74 -4.29
CA SER C 527 -2.45 13.12 -5.36
C SER C 527 -3.80 12.45 -5.18
N ASN C 528 -4.85 13.14 -5.64
CA ASN C 528 -6.23 12.66 -5.56
C ASN C 528 -6.64 12.38 -4.11
N SER C 529 -6.18 13.24 -3.19
CA SER C 529 -6.54 13.11 -1.78
C SER C 529 -6.65 14.52 -1.20
N THR C 530 -7.88 15.04 -1.13
CA THR C 530 -8.09 16.40 -0.65
C THR C 530 -7.82 16.53 0.85
N GLU C 531 -7.73 15.41 1.57
CA GLU C 531 -7.46 15.48 3.01
C GLU C 531 -6.05 16.00 3.28
N ALA C 532 -5.05 15.44 2.59
CA ALA C 532 -3.68 15.90 2.79
C ALA C 532 -3.49 17.33 2.27
N GLY C 533 -4.17 17.67 1.18
CA GLY C 533 -4.06 19.02 0.64
C GLY C 533 -4.67 20.06 1.57
N GLN C 534 -5.78 19.73 2.21
CA GLN C 534 -6.42 20.66 3.13
C GLN C 534 -5.71 20.71 4.48
N LYS C 535 -5.18 19.56 4.93
CA LYS C 535 -4.38 19.56 6.16
C LYS C 535 -3.16 20.46 6.03
N LEU C 536 -2.59 20.55 4.82
CA LEU C 536 -1.49 21.47 4.58
C LEU C 536 -1.99 22.88 4.34
N PHE C 537 -3.14 23.01 3.66
CA PHE C 537 -3.70 24.33 3.37
C PHE C 537 -4.03 25.09 4.65
N ASN C 538 -4.46 24.38 5.70
CA ASN C 538 -4.72 25.04 6.97
C ASN C 538 -3.45 25.62 7.56
N MET C 539 -2.30 25.02 7.27
CA MET C 539 -1.02 25.57 7.71
C MET C 539 -0.58 26.71 6.81
N LEU C 540 -0.84 26.60 5.50
CA LEU C 540 -0.36 27.61 4.56
C LEU C 540 -1.10 28.93 4.70
N ARG C 541 -2.38 28.89 5.11
CA ARG C 541 -3.16 30.12 5.21
C ARG C 541 -2.79 30.97 6.42
N LEU C 542 -1.99 30.44 7.36
CA LEU C 542 -1.66 31.19 8.55
C LEU C 542 -0.49 32.15 8.31
N GLY C 543 0.39 31.83 7.37
CA GLY C 543 1.50 32.72 7.08
C GLY C 543 2.43 32.84 8.27
N LYS C 544 2.80 34.09 8.59
CA LYS C 544 3.68 34.38 9.72
C LYS C 544 2.89 34.84 10.94
N SER C 545 1.58 34.64 10.95
CA SER C 545 0.76 35.06 12.09
C SER C 545 1.05 34.22 13.33
N GLU C 546 1.49 32.97 13.14
CA GLU C 546 1.80 32.09 14.25
C GLU C 546 3.28 31.70 14.22
N PRO C 547 3.86 31.34 15.36
CA PRO C 547 5.24 30.85 15.36
C PRO C 547 5.37 29.58 14.54
N TRP C 548 6.55 29.39 13.94
CA TRP C 548 6.80 28.19 13.15
C TRP C 548 6.79 26.95 14.02
N THR C 549 7.10 27.09 15.31
CA THR C 549 7.11 25.93 16.20
C THR C 549 5.72 25.36 16.41
N LEU C 550 4.72 26.24 16.59
CA LEU C 550 3.36 25.77 16.76
C LEU C 550 2.72 25.36 15.43
N ALA C 551 2.95 26.15 14.37
CA ALA C 551 2.37 25.83 13.07
C ALA C 551 2.85 24.48 12.55
N LEU C 552 4.02 24.03 12.99
CA LEU C 552 4.51 22.71 12.63
C LEU C 552 3.90 21.61 13.49
N GLU C 553 3.52 21.92 14.73
CA GLU C 553 3.05 20.89 15.64
C GLU C 553 1.65 20.42 15.28
N ASN C 554 0.77 21.33 14.87
CA ASN C 554 -0.62 20.97 14.62
C ASN C 554 -0.79 20.10 13.38
N VAL C 555 0.21 20.01 12.51
CA VAL C 555 0.12 19.21 11.30
C VAL C 555 0.86 17.88 11.43
N VAL C 556 2.04 17.88 12.04
CA VAL C 556 2.84 16.68 12.16
C VAL C 556 2.86 16.09 13.57
N GLY C 557 2.59 16.90 14.59
CA GLY C 557 2.64 16.42 15.95
C GLY C 557 3.98 16.61 16.64
N ALA C 558 4.80 17.57 16.20
CA ALA C 558 6.10 17.80 16.79
C ALA C 558 6.44 19.28 16.69
N LYS C 559 7.06 19.82 17.74
CA LYS C 559 7.38 21.23 17.77
C LYS C 559 8.66 21.54 16.99
N ASN C 560 9.71 20.75 17.21
CA ASN C 560 11.00 20.98 16.58
C ASN C 560 11.21 20.00 15.43
N MET C 561 12.25 20.26 14.65
CA MET C 561 12.61 19.40 13.54
C MET C 561 13.12 18.05 14.04
N ASN C 562 12.83 17.00 13.28
CA ASN C 562 13.19 15.65 13.66
C ASN C 562 13.79 14.93 12.46
N VAL C 563 14.82 14.12 12.70
CA VAL C 563 15.51 13.43 11.63
C VAL C 563 14.91 12.05 11.32
N ARG C 564 14.16 11.48 12.25
CA ARG C 564 13.66 10.13 12.07
C ARG C 564 12.74 9.96 10.86
N PRO C 565 11.89 10.93 10.49
CA PRO C 565 11.17 10.78 9.21
C PRO C 565 12.10 10.70 8.01
N LEU C 566 13.19 11.47 8.00
CA LEU C 566 14.14 11.41 6.89
C LEU C 566 14.86 10.07 6.86
N LEU C 567 15.28 9.57 8.02
CA LEU C 567 16.00 8.30 8.07
C LEU C 567 15.08 7.13 7.76
N ASN C 568 13.80 7.22 8.11
CA ASN C 568 12.86 6.17 7.74
C ASN C 568 12.59 6.16 6.24
N TYR C 569 12.74 7.31 5.58
CA TYR C 569 12.54 7.38 4.14
C TYR C 569 13.65 6.65 3.40
N PHE C 570 14.89 6.74 3.91
CA PHE C 570 16.04 6.13 3.26
C PHE C 570 16.55 4.89 3.99
N GLU C 571 15.78 4.37 4.95
CA GLU C 571 16.21 3.17 5.67
C GLU C 571 16.33 1.95 4.77
N PRO C 572 15.43 1.68 3.83
CA PRO C 572 15.68 0.58 2.88
C PRO C 572 16.96 0.77 2.07
N LEU C 573 17.34 2.01 1.79
CA LEU C 573 18.59 2.26 1.08
C LEU C 573 19.80 2.20 2.00
N PHE C 574 19.63 2.58 3.27
CA PHE C 574 20.76 2.56 4.21
C PHE C 574 21.22 1.13 4.46
N THR C 575 20.29 0.20 4.66
CA THR C 575 20.67 -1.20 4.85
C THR C 575 21.20 -1.82 3.56
N TRP C 576 20.83 -1.27 2.39
CA TRP C 576 21.35 -1.78 1.13
C TRP C 576 22.75 -1.24 0.83
N LEU C 577 23.05 -0.03 1.29
CA LEU C 577 24.39 0.52 1.08
C LEU C 577 25.42 -0.19 1.95
N LYS C 578 25.04 -0.58 3.17
CA LYS C 578 25.95 -1.30 4.05
C LYS C 578 26.29 -2.68 3.50
N ASP C 579 25.33 -3.33 2.85
CA ASP C 579 25.62 -4.61 2.20
C ASP C 579 26.48 -4.39 0.96
N GLN C 580 26.26 -3.28 0.25
CA GLN C 580 27.05 -2.99 -0.95
C GLN C 580 28.46 -2.56 -0.60
N ASN C 581 28.67 -2.01 0.59
CA ASN C 581 29.98 -1.54 1.02
C ASN C 581 30.75 -2.58 1.84
N LYS C 582 30.33 -3.84 1.79
CA LYS C 582 31.11 -4.89 2.43
C LYS C 582 32.48 -5.05 1.79
N ASN C 583 32.61 -4.66 0.52
CA ASN C 583 33.87 -4.66 -0.21
C ASN C 583 34.29 -3.24 -0.55
N SER C 584 34.08 -2.31 0.37
CA SER C 584 34.44 -0.92 0.19
C SER C 584 34.82 -0.33 1.53
N PHE C 585 35.63 0.73 1.49
CA PHE C 585 36.09 1.42 2.70
C PHE C 585 35.16 2.59 2.98
N VAL C 586 34.43 2.53 4.08
CA VAL C 586 33.57 3.62 4.51
C VAL C 586 34.40 4.68 5.20
N GLY C 587 33.94 5.93 5.13
CA GLY C 587 34.71 7.05 5.66
C GLY C 587 35.68 7.59 4.63
N TRP C 588 36.48 8.55 5.07
CA TRP C 588 37.45 9.18 4.17
C TRP C 588 38.59 9.77 4.98
N SER C 589 39.77 9.82 4.36
CA SER C 589 40.93 10.43 4.97
C SER C 589 41.06 11.88 4.53
N THR C 590 41.55 12.72 5.43
CA THR C 590 41.68 14.15 5.16
C THR C 590 42.99 14.52 4.49
N ASP C 591 43.98 13.63 4.48
CA ASP C 591 45.30 13.99 3.98
C ASP C 591 45.40 13.88 2.47
N TRP C 592 44.76 12.87 1.87
CA TRP C 592 44.92 12.62 0.45
C TRP C 592 44.33 13.75 -0.39
N SER C 593 45.04 14.13 -1.44
CA SER C 593 44.61 15.15 -2.39
C SER C 593 45.20 14.81 -3.74
N PRO C 594 44.52 15.18 -4.84
CA PRO C 594 45.03 14.83 -6.17
C PRO C 594 46.32 15.52 -6.56
N TYR C 595 46.90 16.37 -5.71
CA TYR C 595 48.15 17.04 -6.01
C TYR C 595 49.29 16.67 -5.08
N ALA C 596 49.05 15.80 -4.10
CA ALA C 596 50.10 15.39 -3.16
C ALA C 596 51.14 14.51 -3.83
N THR D 15 -43.41 55.98 -24.91
CA THR D 15 -42.51 55.31 -25.83
C THR D 15 -41.06 55.73 -25.58
N ASN D 16 -40.87 56.65 -24.63
CA ASN D 16 -39.52 57.08 -24.27
C ASN D 16 -38.90 56.05 -23.34
N LEU D 17 -37.73 55.54 -23.72
CA LEU D 17 -37.09 54.46 -22.99
C LEU D 17 -36.34 55.00 -21.78
N CYS D 18 -36.32 54.21 -20.71
CA CYS D 18 -35.57 54.59 -19.51
C CYS D 18 -34.09 54.69 -19.87
N PRO D 19 -33.45 55.83 -19.63
CA PRO D 19 -32.03 55.93 -19.98
C PRO D 19 -31.19 55.00 -19.11
N PHE D 20 -30.75 53.91 -19.73
CA PHE D 20 -29.89 52.94 -19.07
C PHE D 20 -28.52 52.82 -19.72
N GLY D 21 -28.39 53.18 -21.00
CA GLY D 21 -27.10 53.39 -21.60
C GLY D 21 -26.39 54.63 -21.12
N GLU D 22 -27.04 55.44 -20.28
CA GLU D 22 -26.38 56.59 -19.67
C GLU D 22 -25.52 56.17 -18.49
N VAL D 23 -26.09 55.36 -17.58
CA VAL D 23 -25.35 54.94 -16.40
C VAL D 23 -24.45 53.75 -16.72
N PHE D 24 -24.95 52.78 -17.47
CA PHE D 24 -24.16 51.59 -17.77
C PHE D 24 -22.99 51.92 -18.68
N ASN D 25 -23.26 52.59 -19.81
CA ASN D 25 -22.24 52.94 -20.78
C ASN D 25 -21.67 54.34 -20.56
N ALA D 26 -21.64 54.80 -19.31
CA ALA D 26 -21.08 56.12 -19.02
C ALA D 26 -19.61 56.16 -19.38
N THR D 27 -19.17 57.31 -19.91
CA THR D 27 -17.77 57.46 -20.30
C THR D 27 -16.84 57.32 -19.10
N THR D 28 -17.25 57.86 -17.95
CA THR D 28 -16.46 57.77 -16.73
C THR D 28 -17.39 57.48 -15.56
N PHE D 29 -16.90 56.69 -14.61
CA PHE D 29 -17.64 56.38 -13.40
C PHE D 29 -17.07 57.18 -12.23
N ALA D 30 -17.87 57.27 -11.17
CA ALA D 30 -17.48 58.02 -9.98
C ALA D 30 -16.98 57.07 -8.90
N SER D 31 -16.24 57.65 -7.94
CA SER D 31 -15.79 56.89 -6.80
C SER D 31 -16.95 56.60 -5.85
N VAL D 32 -16.83 55.49 -5.12
CA VAL D 32 -17.95 55.05 -4.27
C VAL D 32 -18.17 56.00 -3.10
N TYR D 33 -17.11 56.60 -2.56
CA TYR D 33 -17.29 57.54 -1.46
C TYR D 33 -18.17 58.72 -1.87
N ALA D 34 -18.20 59.04 -3.16
CA ALA D 34 -19.11 60.03 -3.70
C ALA D 34 -19.98 59.39 -4.78
N TRP D 35 -20.55 58.22 -4.48
CA TRP D 35 -21.25 57.43 -5.47
C TRP D 35 -22.34 58.23 -6.17
N ASN D 36 -22.47 57.99 -7.47
CA ASN D 36 -23.34 58.79 -8.34
C ASN D 36 -24.72 58.15 -8.40
N ARG D 37 -25.71 58.83 -7.85
CA ARG D 37 -27.10 58.39 -7.90
C ARG D 37 -27.82 59.11 -9.03
N LYS D 38 -28.58 58.35 -9.82
CA LYS D 38 -29.30 58.89 -10.97
C LYS D 38 -30.72 58.35 -10.94
N ARG D 39 -31.70 59.24 -10.76
CA ARG D 39 -33.10 58.86 -10.68
C ARG D 39 -33.75 58.96 -12.06
N ILE D 40 -34.62 58.00 -12.35
CA ILE D 40 -35.28 57.92 -13.66
C ILE D 40 -36.78 57.82 -13.43
N SER D 41 -37.55 58.45 -14.31
CA SER D 41 -39.01 58.46 -14.19
C SER D 41 -39.63 58.77 -15.54
N ASN D 42 -40.87 58.32 -15.72
CA ASN D 42 -41.66 58.52 -16.93
C ASN D 42 -40.89 58.00 -18.16
N CYS D 43 -40.71 56.69 -18.18
CA CYS D 43 -39.84 56.08 -19.19
C CYS D 43 -40.33 54.66 -19.48
N VAL D 44 -39.48 53.86 -20.13
CA VAL D 44 -39.81 52.50 -20.55
C VAL D 44 -38.71 51.57 -20.04
N ALA D 45 -39.07 50.63 -19.18
CA ALA D 45 -38.12 49.80 -18.44
C ALA D 45 -38.35 48.33 -18.79
N ASP D 46 -37.65 47.84 -19.81
CA ASP D 46 -37.66 46.41 -20.13
C ASP D 46 -36.38 45.80 -19.56
N TYR D 47 -36.45 45.40 -18.28
CA TYR D 47 -35.32 44.77 -17.61
C TYR D 47 -34.95 43.41 -18.21
N SER D 48 -35.70 42.93 -19.21
CA SER D 48 -35.43 41.68 -19.89
C SER D 48 -34.30 41.81 -20.92
N VAL D 49 -33.55 42.91 -20.87
CA VAL D 49 -32.29 43.02 -21.60
C VAL D 49 -31.10 43.13 -20.66
N LEU D 50 -31.32 43.52 -19.40
CA LEU D 50 -30.24 43.56 -18.42
C LEU D 50 -29.88 42.16 -17.95
N TYR D 51 -30.88 41.36 -17.59
CA TYR D 51 -30.64 39.97 -17.23
C TYR D 51 -30.40 39.09 -18.45
N ASN D 52 -30.88 39.52 -19.63
CA ASN D 52 -30.60 38.82 -20.88
C ASN D 52 -29.32 39.38 -21.51
N SER D 53 -28.25 39.32 -20.72
CA SER D 53 -26.96 39.85 -21.13
C SER D 53 -25.87 38.80 -21.20
N THR D 54 -25.70 38.00 -20.13
CA THR D 54 -24.57 37.08 -19.99
C THR D 54 -23.26 37.82 -20.21
N SER D 55 -23.16 39.01 -19.61
CA SER D 55 -21.94 39.82 -19.66
C SER D 55 -21.56 40.42 -18.31
N PHE D 56 -22.44 40.39 -17.32
CA PHE D 56 -22.20 41.00 -16.02
C PHE D 56 -21.77 39.94 -15.02
N SER D 57 -20.74 40.26 -14.23
CA SER D 57 -20.22 39.32 -13.24
C SER D 57 -21.29 38.93 -12.24
N THR D 58 -21.89 39.93 -11.58
CA THR D 58 -22.93 39.70 -10.60
C THR D 58 -24.25 40.26 -11.10
N PHE D 59 -25.33 39.52 -10.86
CA PHE D 59 -26.68 39.97 -11.20
C PHE D 59 -27.66 39.63 -10.10
N LYS D 60 -27.20 39.60 -8.85
CA LYS D 60 -27.99 39.10 -7.73
C LYS D 60 -29.02 40.16 -7.31
N CYS D 61 -30.29 39.84 -7.50
CA CYS D 61 -31.36 40.66 -6.96
C CYS D 61 -31.82 40.09 -5.63
N TYR D 62 -32.38 40.96 -4.78
CA TYR D 62 -32.73 40.59 -3.42
C TYR D 62 -34.21 40.67 -3.10
N GLY D 63 -34.98 41.43 -3.87
CA GLY D 63 -36.42 41.45 -3.69
C GLY D 63 -37.11 40.65 -4.78
N VAL D 64 -37.84 41.34 -5.66
CA VAL D 64 -38.33 40.68 -6.87
C VAL D 64 -37.14 40.40 -7.77
N SER D 65 -37.07 39.17 -8.27
CA SER D 65 -35.88 38.63 -8.92
C SER D 65 -35.87 38.96 -10.40
N PRO D 66 -34.73 38.77 -11.09
CA PRO D 66 -34.64 39.18 -12.50
C PRO D 66 -35.43 38.30 -13.46
N THR D 67 -36.28 37.43 -12.91
CA THR D 67 -37.05 36.47 -13.71
C THR D 67 -38.20 37.17 -14.45
N LYS D 68 -37.81 38.17 -15.26
CA LYS D 68 -38.71 38.91 -16.13
C LYS D 68 -39.92 39.43 -15.37
N LEU D 69 -39.69 39.90 -14.14
CA LEU D 69 -40.74 40.47 -13.31
C LEU D 69 -40.95 41.96 -13.57
N ASN D 70 -40.58 42.44 -14.76
CA ASN D 70 -40.84 43.82 -15.16
C ASN D 70 -42.31 44.10 -15.40
N ASP D 71 -43.19 43.12 -15.17
CA ASP D 71 -44.63 43.36 -15.26
C ASP D 71 -45.08 44.38 -14.23
N LEU D 72 -44.36 44.46 -13.11
CA LEU D 72 -44.75 45.34 -12.03
C LEU D 72 -44.39 46.78 -12.33
N CYS D 73 -45.20 47.69 -11.79
CA CYS D 73 -45.04 49.13 -11.94
C CYS D 73 -44.69 49.68 -10.57
N PHE D 74 -43.54 50.35 -10.44
CA PHE D 74 -43.26 51.02 -9.16
C PHE D 74 -42.77 52.43 -9.44
N THR D 75 -42.52 53.18 -8.35
CA THR D 75 -42.43 54.63 -8.41
C THR D 75 -41.32 55.14 -9.33
N ASN D 76 -40.07 54.92 -8.97
CA ASN D 76 -38.97 55.47 -9.77
C ASN D 76 -37.65 54.82 -9.34
N VAL D 77 -36.82 54.52 -10.34
CA VAL D 77 -35.57 53.80 -10.13
C VAL D 77 -34.50 54.77 -9.63
N TYR D 78 -33.53 54.23 -8.89
CA TYR D 78 -32.33 54.96 -8.49
C TYR D 78 -31.13 54.08 -8.83
N ALA D 79 -30.44 54.41 -9.93
CA ALA D 79 -29.31 53.62 -10.42
C ALA D 79 -28.02 54.25 -9.90
N ASP D 80 -27.57 53.77 -8.74
CA ASP D 80 -26.30 54.23 -8.18
C ASP D 80 -25.16 53.44 -8.81
N SER D 81 -24.14 54.15 -9.29
CA SER D 81 -23.05 53.53 -10.04
C SER D 81 -21.71 53.98 -9.48
N PHE D 82 -20.77 53.04 -9.39
CA PHE D 82 -19.40 53.30 -8.98
C PHE D 82 -18.57 52.08 -9.38
N VAL D 83 -17.30 52.05 -8.93
CA VAL D 83 -16.44 50.89 -9.16
C VAL D 83 -15.70 50.59 -7.87
N ILE D 84 -15.37 49.30 -7.68
CA ILE D 84 -14.55 48.84 -6.57
C ILE D 84 -13.74 47.64 -7.05
N THR D 85 -12.85 47.13 -6.20
CA THR D 85 -12.10 45.94 -6.55
C THR D 85 -12.99 44.70 -6.50
N GLY D 86 -12.51 43.61 -7.11
CA GLY D 86 -13.31 42.41 -7.22
C GLY D 86 -13.66 41.80 -5.88
N ASP D 87 -12.70 41.80 -4.94
CA ASP D 87 -12.95 41.23 -3.62
C ASP D 87 -13.86 42.09 -2.75
N GLU D 88 -14.26 43.28 -3.22
CA GLU D 88 -15.12 44.15 -2.46
C GLU D 88 -16.55 44.21 -2.98
N VAL D 89 -16.82 43.59 -4.14
CA VAL D 89 -18.19 43.54 -4.65
C VAL D 89 -19.09 42.72 -3.74
N ARG D 90 -18.50 41.79 -2.96
CA ARG D 90 -19.29 41.03 -1.99
C ARG D 90 -19.97 41.93 -0.98
N GLN D 91 -19.35 43.05 -0.62
CA GLN D 91 -19.89 43.93 0.41
C GLN D 91 -21.14 44.68 -0.04
N ILE D 92 -21.45 44.68 -1.34
CA ILE D 92 -22.65 45.36 -1.84
C ILE D 92 -23.78 44.33 -1.70
N ALA D 93 -24.33 44.24 -0.50
CA ALA D 93 -25.34 43.27 -0.12
C ALA D 93 -25.84 43.60 1.29
N PRO D 94 -27.06 43.20 1.65
CA PRO D 94 -27.59 43.56 2.97
C PRO D 94 -26.80 42.90 4.09
N GLY D 95 -26.53 43.69 5.13
CA GLY D 95 -25.93 43.19 6.35
C GLY D 95 -24.43 42.97 6.32
N GLN D 96 -23.77 43.21 5.19
CA GLN D 96 -22.34 42.96 5.10
C GLN D 96 -21.54 44.05 5.79
N THR D 97 -20.29 43.73 6.10
CA THR D 97 -19.39 44.62 6.81
C THR D 97 -18.06 44.68 6.09
N GLY D 98 -17.20 45.60 6.54
CA GLY D 98 -15.89 45.77 5.96
C GLY D 98 -15.48 47.23 5.83
N LYS D 99 -15.00 47.61 4.66
CA LYS D 99 -14.62 49.00 4.37
C LYS D 99 -15.58 49.70 3.43
N ILE D 100 -16.09 49.00 2.42
CA ILE D 100 -17.03 49.62 1.49
C ILE D 100 -18.43 49.68 2.09
N ALA D 101 -18.88 48.60 2.71
CA ALA D 101 -20.23 48.56 3.27
C ALA D 101 -20.37 49.47 4.48
N ASP D 102 -19.27 49.74 5.19
CA ASP D 102 -19.34 50.56 6.40
C ASP D 102 -19.21 52.04 6.10
N TYR D 103 -18.18 52.44 5.36
CA TYR D 103 -17.81 53.85 5.26
C TYR D 103 -18.16 54.49 3.91
N ASN D 104 -18.31 53.71 2.85
CA ASN D 104 -18.52 54.25 1.52
C ASN D 104 -19.95 54.12 1.03
N TYR D 105 -20.51 52.91 1.03
CA TYR D 105 -21.87 52.70 0.56
C TYR D 105 -22.47 51.53 1.32
N LYS D 106 -23.56 51.78 2.04
CA LYS D 106 -24.23 50.76 2.82
C LYS D 106 -25.60 50.46 2.21
N LEU D 107 -25.95 49.17 2.20
CA LEU D 107 -27.26 48.73 1.75
C LEU D 107 -28.10 48.30 2.94
N PRO D 108 -29.37 48.69 2.99
CA PRO D 108 -30.20 48.37 4.16
C PRO D 108 -30.43 46.87 4.30
N ASP D 109 -30.77 46.47 5.52
CA ASP D 109 -31.24 45.11 5.73
C ASP D 109 -32.60 44.89 5.07
N ASP D 110 -33.37 45.96 4.89
CA ASP D 110 -34.62 45.93 4.16
C ASP D 110 -34.44 46.10 2.67
N PHE D 111 -33.20 46.01 2.17
CA PHE D 111 -32.94 46.24 0.76
C PHE D 111 -33.59 45.16 -0.10
N THR D 112 -34.38 45.59 -1.08
CA THR D 112 -34.96 44.72 -2.09
C THR D 112 -34.64 45.36 -3.44
N GLY D 113 -33.64 44.84 -4.13
CA GLY D 113 -33.22 45.41 -5.39
C GLY D 113 -32.16 44.55 -6.03
N CYS D 114 -31.64 45.03 -7.15
CA CYS D 114 -30.68 44.30 -7.97
C CYS D 114 -29.32 44.98 -7.92
N VAL D 115 -28.27 44.18 -7.70
CA VAL D 115 -26.89 44.63 -7.74
C VAL D 115 -26.22 43.96 -8.93
N ILE D 116 -25.69 44.78 -9.84
CA ILE D 116 -25.08 44.29 -11.08
C ILE D 116 -23.64 44.79 -11.15
N ALA D 117 -22.71 43.87 -11.40
CA ALA D 117 -21.30 44.20 -11.51
C ALA D 117 -20.68 43.43 -12.67
N TRP D 118 -19.59 43.95 -13.20
CA TRP D 118 -18.84 43.27 -14.24
C TRP D 118 -17.42 43.82 -14.30
N ASN D 119 -16.51 43.00 -14.80
CA ASN D 119 -15.10 43.34 -14.83
C ASN D 119 -14.80 44.37 -15.91
N SER D 120 -13.92 45.31 -15.60
CA SER D 120 -13.53 46.37 -16.54
C SER D 120 -12.02 46.62 -16.46
N LYS D 121 -11.24 45.54 -16.45
CA LYS D 121 -9.79 45.70 -16.50
C LYS D 121 -9.35 46.42 -17.77
N HIS D 122 -10.14 46.31 -18.84
CA HIS D 122 -9.80 46.97 -20.10
C HIS D 122 -9.98 48.48 -20.02
N ILE D 123 -10.88 48.96 -19.15
CA ILE D 123 -11.22 50.38 -19.12
C ILE D 123 -10.48 51.10 -18.00
N ASP D 124 -10.72 50.69 -16.75
CA ASP D 124 -10.22 51.41 -15.59
C ASP D 124 -8.81 50.98 -15.17
N ALA D 125 -8.03 50.40 -16.08
CA ALA D 125 -6.68 49.98 -15.77
C ALA D 125 -5.77 50.29 -16.94
N LYS D 126 -4.68 51.00 -16.66
CA LYS D 126 -3.68 51.34 -17.66
C LYS D 126 -2.29 51.06 -17.10
N GLU D 127 -1.31 51.04 -18.00
CA GLU D 127 0.08 50.84 -17.59
C GLU D 127 0.55 52.00 -16.73
N GLY D 128 1.28 51.69 -15.67
CA GLY D 128 1.73 52.68 -14.72
C GLY D 128 0.79 52.94 -13.56
N GLY D 129 -0.45 52.44 -13.63
CA GLY D 129 -1.38 52.59 -12.54
C GLY D 129 -2.44 53.66 -12.81
N ASN D 130 -3.70 53.32 -12.54
CA ASN D 130 -4.82 54.24 -12.69
C ASN D 130 -5.27 54.63 -11.28
N PHE D 131 -4.89 55.84 -10.85
CA PHE D 131 -5.16 56.31 -9.51
C PHE D 131 -6.29 57.33 -9.45
N ASN D 132 -7.13 57.39 -10.49
CA ASN D 132 -8.20 58.37 -10.50
C ASN D 132 -9.33 58.01 -9.55
N TYR D 133 -9.52 56.71 -9.27
CA TYR D 133 -10.55 56.27 -8.35
C TYR D 133 -10.05 56.30 -6.91
N LEU D 134 -10.98 56.50 -5.98
CA LEU D 134 -10.65 56.64 -4.56
C LEU D 134 -11.68 55.92 -3.71
N TYR D 135 -11.47 55.94 -2.40
CA TYR D 135 -12.37 55.28 -1.46
C TYR D 135 -12.04 55.79 -0.06
N ARG D 136 -13.00 55.69 0.83
CA ARG D 136 -12.82 56.13 2.20
C ARG D 136 -12.37 54.96 3.07
N LEU D 137 -11.26 55.15 3.78
CA LEU D 137 -10.69 54.10 4.62
C LEU D 137 -11.07 54.24 6.10
N PHE D 138 -11.13 55.48 6.61
CA PHE D 138 -11.44 55.71 8.01
C PHE D 138 -12.74 56.50 8.15
N ARG D 139 -13.42 56.30 9.27
CA ARG D 139 -14.60 57.07 9.63
C ARG D 139 -14.92 56.80 11.09
N LYS D 140 -15.47 57.83 11.76
CA LYS D 140 -15.78 57.70 13.18
C LYS D 140 -16.95 56.76 13.43
N ALA D 141 -17.86 56.61 12.46
CA ALA D 141 -19.03 55.76 12.66
C ALA D 141 -19.48 55.21 11.32
N ASN D 142 -20.21 54.10 11.38
CA ASN D 142 -20.74 53.47 10.18
C ASN D 142 -21.82 54.35 9.55
N LEU D 143 -22.00 54.17 8.24
CA LEU D 143 -22.98 54.95 7.49
C LEU D 143 -24.32 54.24 7.45
N LYS D 144 -25.39 55.02 7.64
CA LYS D 144 -26.74 54.51 7.49
C LYS D 144 -26.96 54.07 6.03
N PRO D 145 -27.97 53.23 5.80
CA PRO D 145 -28.25 52.79 4.42
C PRO D 145 -28.48 53.98 3.49
N PHE D 146 -27.90 53.88 2.29
CA PHE D 146 -28.04 54.87 1.22
C PHE D 146 -27.49 56.24 1.61
N GLU D 147 -26.64 56.31 2.62
CA GLU D 147 -26.05 57.58 3.02
C GLU D 147 -24.72 57.80 2.29
N ARG D 148 -24.40 59.07 2.05
CA ARG D 148 -23.21 59.44 1.31
C ARG D 148 -22.39 60.45 2.11
N ASP D 149 -21.07 60.35 1.97
CA ASP D 149 -20.15 61.23 2.68
C ASP D 149 -19.02 61.63 1.75
N ILE D 150 -18.90 62.93 1.48
CA ILE D 150 -17.84 63.44 0.61
C ILE D 150 -16.93 64.34 1.44
N SER D 151 -16.78 64.01 2.72
CA SER D 151 -15.92 64.80 3.60
C SER D 151 -14.46 64.66 3.19
N THR D 152 -13.68 65.69 3.52
CA THR D 152 -12.25 65.68 3.24
C THR D 152 -11.39 66.02 4.45
N GLU D 153 -11.97 66.54 5.54
CA GLU D 153 -11.17 66.89 6.70
C GLU D 153 -10.63 65.63 7.38
N ILE D 154 -9.58 65.83 8.16
CA ILE D 154 -8.69 64.73 8.54
C ILE D 154 -9.25 63.98 9.75
N TYR D 155 -9.40 62.67 9.59
CA TYR D 155 -9.73 61.79 10.71
C TYR D 155 -8.54 61.70 11.65
N GLN D 156 -8.80 61.83 12.95
CA GLN D 156 -7.77 61.71 13.97
C GLN D 156 -8.07 60.46 14.81
N ALA D 157 -7.23 59.43 14.66
CA ALA D 157 -7.36 58.24 15.49
C ALA D 157 -6.91 58.50 16.91
N GLY D 158 -6.05 59.49 17.13
CA GLY D 158 -5.63 59.89 18.45
C GLY D 158 -6.60 60.89 19.07
N SER D 159 -6.13 61.55 20.13
CA SER D 159 -6.93 62.54 20.82
C SER D 159 -6.31 63.93 20.80
N LYS D 160 -5.31 64.16 19.95
CA LYS D 160 -4.69 65.47 19.83
C LYS D 160 -5.20 66.15 18.56
N PRO D 161 -5.62 67.41 18.63
CA PRO D 161 -6.09 68.09 17.42
C PRO D 161 -4.97 68.26 16.41
N CYS D 162 -5.30 68.09 15.14
CA CYS D 162 -4.30 68.12 14.07
C CYS D 162 -4.41 69.34 13.17
N ASN D 163 -5.39 70.22 13.41
CA ASN D 163 -5.44 71.54 12.77
C ASN D 163 -5.46 71.46 11.25
N GLY D 164 -6.29 70.55 10.72
CA GLY D 164 -6.43 70.44 9.28
C GLY D 164 -5.18 70.01 8.55
N GLN D 165 -4.34 69.19 9.19
CA GLN D 165 -3.13 68.69 8.56
C GLN D 165 -2.86 67.29 9.10
N THR D 166 -2.69 66.33 8.19
CA THR D 166 -2.44 64.96 8.61
C THR D 166 -1.06 64.84 9.26
N GLY D 167 -1.01 64.10 10.36
CA GLY D 167 0.24 63.89 11.07
C GLY D 167 0.23 62.61 11.88
N LEU D 168 0.81 62.65 13.08
CA LEU D 168 0.81 61.49 13.96
C LEU D 168 -0.61 61.19 14.41
N ASN D 169 -1.08 59.98 14.14
CA ASN D 169 -2.44 59.54 14.47
C ASN D 169 -3.49 60.41 13.77
N CYS D 170 -3.18 60.87 12.57
CA CYS D 170 -4.10 61.68 11.77
C CYS D 170 -3.91 61.32 10.31
N TYR D 171 -4.96 60.77 9.69
CA TYR D 171 -4.88 60.25 8.33
C TYR D 171 -5.94 60.92 7.46
N TYR D 172 -5.54 61.31 6.27
CA TYR D 172 -6.49 61.78 5.27
C TYR D 172 -7.43 60.62 4.93
N PRO D 173 -8.74 60.77 5.09
CA PRO D 173 -9.63 59.59 5.04
C PRO D 173 -9.68 58.92 3.67
N LEU D 174 -9.48 59.66 2.59
CA LEU D 174 -9.59 59.10 1.25
C LEU D 174 -8.23 58.64 0.75
N TYR D 175 -8.17 57.42 0.24
CA TYR D 175 -6.96 56.85 -0.33
C TYR D 175 -7.26 56.33 -1.73
N ARG D 176 -6.18 56.06 -2.48
CA ARG D 176 -6.30 55.79 -3.90
C ARG D 176 -6.45 54.30 -4.18
N TYR D 177 -7.28 53.99 -5.18
CA TYR D 177 -7.33 52.67 -5.81
C TYR D 177 -6.27 52.57 -6.89
N GLY D 178 -5.30 51.69 -6.68
CA GLY D 178 -4.28 51.41 -7.68
C GLY D 178 -4.72 50.30 -8.61
N PHE D 179 -5.07 50.64 -9.85
CA PHE D 179 -5.61 49.68 -10.81
C PHE D 179 -4.62 49.53 -11.96
N TYR D 180 -3.83 48.45 -11.91
CA TYR D 180 -2.89 48.01 -12.91
C TYR D 180 -3.47 46.86 -13.74
N PRO D 181 -3.10 46.75 -15.01
CA PRO D 181 -3.58 45.61 -15.81
C PRO D 181 -2.99 44.28 -15.38
N THR D 182 -1.92 44.29 -14.60
CA THR D 182 -1.29 43.07 -14.11
C THR D 182 -1.88 42.60 -12.79
N ASP D 183 -2.87 43.30 -12.25
CA ASP D 183 -3.44 42.94 -10.95
C ASP D 183 -4.30 41.69 -11.06
N GLY D 184 -4.44 41.00 -9.94
CA GLY D 184 -5.33 39.86 -9.88
C GLY D 184 -6.78 40.27 -9.88
N VAL D 185 -7.65 39.31 -10.22
CA VAL D 185 -9.07 39.59 -10.36
C VAL D 185 -9.67 40.09 -9.05
N GLY D 186 -9.05 39.74 -7.92
CA GLY D 186 -9.49 40.26 -6.64
C GLY D 186 -9.17 41.72 -6.43
N HIS D 187 -8.21 42.26 -7.18
CA HIS D 187 -7.82 43.67 -7.08
C HIS D 187 -8.11 44.44 -8.36
N GLN D 188 -8.87 43.83 -9.31
CA GLN D 188 -9.23 44.46 -10.58
C GLN D 188 -10.52 45.26 -10.44
N PRO D 189 -10.68 46.32 -11.23
CA PRO D 189 -11.88 47.16 -11.10
C PRO D 189 -13.12 46.44 -11.63
N TYR D 190 -14.25 46.75 -11.00
CA TYR D 190 -15.54 46.15 -11.34
C TYR D 190 -16.58 47.26 -11.44
N ARG D 191 -17.23 47.36 -12.60
CA ARG D 191 -18.31 48.34 -12.80
C ARG D 191 -19.58 47.83 -12.14
N VAL D 192 -19.99 48.46 -11.05
CA VAL D 192 -21.16 48.03 -10.31
C VAL D 192 -22.31 49.01 -10.57
N VAL D 193 -23.52 48.46 -10.59
CA VAL D 193 -24.75 49.23 -10.63
C VAL D 193 -25.74 48.58 -9.68
N VAL D 194 -26.42 49.38 -8.87
CA VAL D 194 -27.42 48.91 -7.92
C VAL D 194 -28.74 49.59 -8.24
N LEU D 195 -29.76 48.80 -8.57
CA LEU D 195 -31.09 49.30 -8.85
C LEU D 195 -31.97 49.05 -7.63
N SER D 196 -32.46 50.12 -7.02
CA SER D 196 -33.17 50.07 -5.76
C SER D 196 -34.67 50.22 -6.01
N PHE D 197 -35.44 49.21 -5.62
CA PHE D 197 -36.89 49.26 -5.76
C PHE D 197 -37.51 50.05 -4.60
N GLU D 198 -38.50 50.87 -4.94
CA GLU D 198 -39.33 51.55 -3.94
C GLU D 198 -40.51 52.20 -4.63
N LEU D 199 -41.66 52.18 -3.98
CA LEU D 199 -42.86 52.84 -4.48
C LEU D 199 -43.54 53.59 -3.34
N LEU D 200 -43.81 54.86 -3.56
CA LEU D 200 -44.44 55.70 -2.55
C LEU D 200 -45.95 55.51 -2.59
N ASN D 201 -46.67 56.39 -1.88
CA ASN D 201 -48.08 56.63 -2.17
C ASN D 201 -48.15 57.58 -3.37
N ALA D 202 -47.70 57.06 -4.51
CA ALA D 202 -47.37 57.84 -5.70
C ALA D 202 -48.06 57.24 -6.91
N PRO D 203 -48.07 57.96 -8.05
CA PRO D 203 -48.77 57.44 -9.24
C PRO D 203 -48.08 56.28 -9.95
N ALA D 204 -46.98 55.75 -9.41
CA ALA D 204 -46.32 54.55 -9.95
C ALA D 204 -45.91 54.78 -11.40
N THR D 205 -44.92 55.68 -11.56
CA THR D 205 -44.59 56.27 -12.85
C THR D 205 -44.41 55.24 -13.96
N VAL D 206 -43.41 54.37 -13.83
CA VAL D 206 -42.89 53.61 -14.95
C VAL D 206 -43.23 52.14 -14.75
N CYS D 207 -43.54 51.48 -15.85
CA CYS D 207 -43.75 50.03 -15.80
C CYS D 207 -42.84 49.24 -16.72
N GLY D 208 -42.77 49.60 -18.01
CA GLY D 208 -41.89 48.94 -18.94
C GLY D 208 -42.29 47.52 -19.26
N PRO D 209 -43.41 47.37 -20.00
CA PRO D 209 -43.93 46.04 -20.35
C PRO D 209 -42.89 45.16 -21.07
C1 NAG E . 13.27 -33.52 15.98
C2 NAG E . 14.35 -32.45 15.78
C3 NAG E . 14.62 -32.26 14.28
C4 NAG E . 14.93 -33.59 13.61
C5 NAG E . 13.80 -34.58 13.90
C6 NAG E . 14.06 -35.96 13.34
C7 NAG E . 14.71 -30.60 17.34
C8 NAG E . 14.16 -29.31 17.87
N2 NAG E . 13.97 -31.20 16.40
O3 NAG E . 15.71 -31.36 14.10
O4 NAG E . 15.06 -33.41 12.20
O5 NAG E . 13.63 -34.73 15.31
O6 NAG E . 15.41 -36.35 13.51
O7 NAG E . 15.77 -31.07 17.74
C1 NAG E . 15.87 -33.91 11.13
C2 NAG E . 15.32 -34.34 9.76
C3 NAG E . 16.29 -35.32 9.09
C4 NAG E . 17.70 -34.76 9.06
C5 NAG E . 18.12 -34.35 10.46
C6 NAG E . 19.50 -33.71 10.52
C7 NAG E . 12.89 -34.22 10.06
C8 NAG E . 11.61 -35.00 10.17
N2 NAG E . 14.00 -34.93 9.89
O3 NAG E . 15.83 -35.59 7.76
O4 NAG E . 18.60 -35.75 8.58
O5 NAG E . 17.20 -33.39 10.98
O6 NAG E . 19.98 -33.64 11.85
O7 NAG E . 12.90 -32.99 10.14
C1 NAG F . -5.59 -43.41 27.65
C2 NAG F . -4.88 -42.39 28.56
C3 NAG F . -4.02 -43.12 29.59
C4 NAG F . -4.87 -44.13 30.36
C5 NAG F . -5.53 -45.09 29.38
C6 NAG F . -6.48 -46.06 30.05
C7 NAG F . -4.55 -40.31 27.29
C8 NAG F . -3.59 -39.48 26.52
N2 NAG F . -4.08 -41.47 27.78
O3 NAG F . -3.46 -42.18 30.49
O4 NAG F . -4.07 -44.85 31.30
O5 NAG F . -6.32 -44.35 28.44
O6 NAG F . -7.27 -46.75 29.10
O7 NAG F . -5.71 -39.97 27.48
C1 NAG F . -3.96 -45.42 32.63
C2 NAG F . -4.07 -46.85 33.19
C3 NAG F . -3.86 -46.85 34.71
C4 NAG F . -2.54 -46.18 35.05
C5 NAG F . -2.47 -44.78 34.42
C6 NAG F . -1.12 -44.13 34.62
C7 NAG F . -5.49 -48.60 32.19
C8 NAG F . -6.90 -49.02 31.88
N2 NAG F . -5.36 -47.42 32.83
O3 NAG F . -3.86 -48.18 35.22
O4 NAG F . -2.36 -46.09 36.45
O5 NAG F . -2.69 -44.86 33.02
O6 NAG F . -1.17 -42.71 34.44
O7 NAG F . -4.52 -49.30 31.91
C1 NAG G . -6.11 41.16 16.95
C2 NAG G . -6.58 39.75 17.28
C3 NAG G . -7.48 39.21 16.17
C4 NAG G . -8.62 40.17 15.88
C5 NAG G . -8.08 41.57 15.61
C6 NAG G . -9.17 42.61 15.50
C7 NAG G . -5.24 38.25 18.70
C8 NAG G . -4.04 37.37 18.77
N2 NAG G . -5.46 38.86 17.53
O3 NAG G . -7.99 37.93 16.54
O4 NAG G . -9.40 39.73 14.78
O5 NAG G . -7.24 42.00 16.69
O6 NAG G . -8.62 43.91 15.33
O7 NAG G . -5.99 38.40 19.66
C1 NAG G . -10.64 39.54 14.10
C2 NAG G . -10.90 40.21 12.75
C3 NAG G . -12.34 39.96 12.28
C4 NAG G . -12.64 38.46 12.30
C5 NAG G . -12.32 37.87 13.68
C6 NAG G . -12.48 36.37 13.73
C7 NAG G . -10.03 42.32 11.82
C8 NAG G . -9.80 43.78 12.09
N2 NAG G . -10.61 41.64 12.81
O3 NAG G . -12.53 40.46 10.96
O4 NAG G . -14.01 38.22 11.98
O5 NAG G . -10.95 38.15 14.02
O6 NAG G . -12.60 35.90 15.06
O7 NAG G . -9.70 41.79 10.76
C1 NAG H . -17.69 -53.47 -9.80
C2 NAG H . -16.97 -53.72 -11.13
C3 NAG H . -17.27 -55.13 -11.64
C4 NAG H . -16.96 -56.17 -10.58
C5 NAG H . -17.70 -55.83 -9.29
C6 NAG H . -17.36 -56.76 -8.15
C7 NAG H . -16.46 -51.93 -12.73
C8 NAG H . -17.01 -50.97 -13.73
N2 NAG H . -17.34 -52.73 -12.12
O3 NAG H . -16.51 -55.38 -12.81
O4 NAG H . -17.34 -57.46 -11.03
O5 NAG H . -17.36 -54.51 -8.87
O6 NAG H . -17.54 -56.13 -6.90
O7 NAG H . -15.25 -51.99 -12.48
C1 NAG I . 4.51 -31.22 -15.99
C2 NAG I . 4.44 -30.63 -17.40
C3 NAG I . 5.72 -30.90 -18.17
C4 NAG I . 6.93 -30.42 -17.37
C5 NAG I . 6.90 -31.04 -15.97
C6 NAG I . 8.03 -30.54 -15.09
C7 NAG I . 2.07 -30.60 -18.07
C8 NAG I . 1.00 -31.27 -18.88
N2 NAG I . 3.29 -31.16 -18.13
O3 NAG I . 5.68 -30.23 -19.43
O4 NAG I . 8.13 -30.79 -18.03
O5 NAG I . 5.67 -30.70 -15.32
O6 NAG I . 9.20 -31.32 -15.26
O7 NAG I . 1.84 -29.62 -17.39
ZN ZN J . -13.49 -28.59 -0.62
C1 NAG K . -0.81 -15.84 -18.21
C2 NAG K . -2.12 -15.27 -18.71
C3 NAG K . -2.52 -15.94 -20.01
C4 NAG K . -1.39 -15.83 -21.04
C5 NAG K . -0.09 -16.35 -20.44
C6 NAG K . 1.10 -16.12 -21.35
C7 NAG K . -3.46 -14.46 -16.82
C8 NAG K . -4.57 -14.77 -15.86
N2 NAG K . -3.17 -15.42 -17.71
O3 NAG K . -3.71 -15.33 -20.51
O4 NAG K . -1.71 -16.59 -22.20
O5 NAG K . 0.20 -15.67 -19.21
O6 NAG K . 2.29 -15.94 -20.61
O7 NAG K . -2.86 -13.39 -16.80
C1 NAG L . 17.52 -57.06 -22.95
C2 NAG L . 18.81 -56.61 -23.66
C3 NAG L . 18.47 -55.58 -24.73
C4 NAG L . 17.41 -56.11 -25.67
C5 NAG L . 16.19 -56.58 -24.88
C6 NAG L . 15.14 -57.22 -25.74
C7 NAG L . 21.00 -56.59 -22.55
C8 NAG L . 21.87 -55.91 -21.53
N2 NAG L . 19.77 -56.07 -22.71
O3 NAG L . 19.66 -55.26 -25.46
O4 NAG L . 17.02 -55.10 -26.60
O5 NAG L . 16.58 -57.54 -23.90
O6 NAG L . 14.21 -57.98 -24.96
O7 NAG L . 21.38 -57.56 -23.19
ZN ZN M . 12.58 27.35 -3.64
C1 NAG N . -5.84 10.65 -10.09
C2 NAG N . -4.91 9.52 -10.52
C3 NAG N . -4.78 9.48 -12.03
C4 NAG N . -6.16 9.41 -12.68
C5 NAG N . -7.02 10.56 -12.19
C6 NAG N . -8.44 10.51 -12.71
C7 NAG N . -3.31 9.23 -8.67
C8 NAG N . -1.90 9.46 -8.21
N2 NAG N . -3.59 9.67 -9.91
O3 NAG N . -4.01 8.35 -12.42
O4 NAG N . -6.04 9.48 -14.10
O5 NAG N . -7.11 10.52 -10.75
O6 NAG N . -9.11 11.75 -12.53
O7 NAG N . -4.15 8.67 -7.97
#